data_6CFO
#
_entry.id   6CFO
#
_cell.length_a   102.270
_cell.length_b   120.730
_cell.length_c   129.780
_cell.angle_alpha   90.00
_cell.angle_beta   90.00
_cell.angle_gamma   90.00
#
_symmetry.space_group_name_H-M   'P 21 21 21'
#
loop_
_entity.id
_entity.type
_entity.pdbx_description
1 polymer 'Pyruvate dehydrogenase E1 component subunit alpha, somatic form, mitochondrial'
2 polymer 'Pyruvate dehydrogenase E1 component subunit beta, mitochondrial'
3 non-polymer 3-[(4-amino-2-methylpyrimidin-5-yl)methyl]-2-{(1S)-1-hydroxy-1-[(R)-hydroxy(oxo)-lambda~5~-phosphanyl]ethyl}-5-(2-{[(S)-hydroxy(phosphonooxy)phosphoryl]oxy}ethyl)-4-methyl-1,3-thiazol-3-ium
4 non-polymer 'MAGNESIUM ION'
5 water water
#
loop_
_entity_poly.entity_id
_entity_poly.type
_entity_poly.pdbx_seq_one_letter_code
_entity_poly.pdbx_strand_id
1 'polypeptide(L)'
;MRGSFANDATFEIKKCDLHRLEEGPPVTTVLTREDGLKYYRMMQTVRRMELKADQLYKQKIIRGFCHLCDGQEACCVGLE
AGINPTDHLITAYRAHGFTFTRGLSVREILAELTGRKGGCAKGKGGSMHMYAKNFYGGNGIVGAQVPLGAGIALACKYNG
KDEVCLTLYGDGAANQGQIFEAYNMAALWKLPCIFICENNRYGMGTSVERAAASTDYYKRGDFIPGLRVDGMDILCVREA
TRFAAAYCRSGKGPILMELQTYRYHGHSMSDPGVSYRTREEIQEVRSKSDPIMLLKDRMVNSNLASVEELKEIDVEVRKE
IEDAAQFATADPEPPLEELGYHIYSSDPPFEVRGANQWIKFKSVS
;
A,C
2 'polypeptide(L)'
;MRGSHHHHHHGSLQVTVRDAINQGMDEELERDEKVFLLGEEVAQYDGAYKVSRGLWKKYGDKRIIDTPISEMGFAGIAVG
AAMAGLRPICEFMTFNFSMQAIDQVINSAAKTYYMSGGLQPVPIVFRGPNGASAGVAAQHSQCFAAWYGHCPGLKVVSPW
NSEDAKGLIKSAIRDNNPVVVLENELMYGVPFEFPPEAQSKDFLIPIGKAKIERQGTHITVVSHSRPVGHCLEAAAVLSK
EGVECEVINMRTIRPMDMETIEASVMKTNHLVTVEGGWPQFGVGAEICARIMEGPAFNFLDAPAVRVTGADVPMPYAKIL
EDNSIPQVKDIIFAIKKTLNI
;
B,D
#
loop_
_chem_comp.id
_chem_comp.type
_chem_comp.name
_chem_comp.formula
A5X non-polymer 3-[(4-amino-2-methylpyrimidin-5-yl)methyl]-2-{(1S)-1-hydroxy-1-[(R)-hydroxy(oxo)-lambda~5~-phosphanyl]ethyl}-5-(2-{[(S)-hydroxy(phosphonooxy)phosphoryl]oxy}ethyl)-4-methyl-1,3-thiazol-3-ium 'C14 H24 N4 O10 P3 S 1'
MG non-polymer 'MAGNESIUM ION' 'Mg 2'
#
# COMPACT_ATOMS: atom_id res chain seq x y z
N SER A 4 60.47 11.08 -6.91
CA SER A 4 59.86 12.25 -6.27
C SER A 4 58.51 12.60 -6.88
N PHE A 5 57.56 13.00 -6.03
CA PHE A 5 56.21 13.36 -6.47
C PHE A 5 55.76 14.72 -5.94
N ALA A 6 54.78 15.32 -6.62
CA ALA A 6 54.15 16.54 -6.13
C ALA A 6 53.19 16.20 -4.98
N ASN A 7 53.14 17.05 -3.96
CA ASN A 7 52.31 16.76 -2.81
C ASN A 7 50.82 16.99 -3.07
N ASP A 8 50.53 17.87 -4.02
CA ASP A 8 49.15 18.09 -4.44
C ASP A 8 49.10 18.79 -5.79
N ALA A 9 47.94 18.77 -6.42
CA ALA A 9 47.74 19.41 -7.72
C ALA A 9 46.34 19.97 -7.82
N THR A 10 46.11 20.83 -8.80
CA THR A 10 44.81 21.47 -8.99
C THR A 10 44.18 21.02 -10.31
N PHE A 11 42.89 20.68 -10.27
CA PHE A 11 42.21 20.13 -11.44
C PHE A 11 40.94 20.87 -11.84
N GLU A 12 40.67 20.90 -13.14
CA GLU A 12 39.43 21.45 -13.66
C GLU A 12 38.38 20.36 -13.59
N ILE A 13 37.22 20.70 -13.05
CA ILE A 13 36.11 19.76 -13.00
C ILE A 13 34.93 20.29 -13.79
N LYS A 14 34.10 19.40 -14.29
CA LYS A 14 32.95 19.79 -15.10
C LYS A 14 32.01 20.67 -14.29
N LYS A 15 31.48 21.71 -14.93
CA LYS A 15 30.48 22.55 -14.30
C LYS A 15 29.17 21.76 -14.15
N CYS A 16 28.44 21.99 -13.07
CA CYS A 16 27.17 21.29 -12.86
C CYS A 16 26.03 22.11 -13.44
N ASP A 17 25.09 21.42 -14.10
CA ASP A 17 23.86 22.07 -14.54
C ASP A 17 23.06 22.39 -13.29
N LEU A 18 22.43 23.56 -13.28
CA LEU A 18 21.74 24.01 -12.08
C LEU A 18 20.23 24.12 -12.26
N HIS A 19 19.52 23.98 -11.15
CA HIS A 19 18.08 24.19 -11.10
C HIS A 19 17.75 24.98 -9.85
N ARG A 20 17.28 26.21 -10.05
CA ARG A 20 16.94 27.13 -8.97
C ARG A 20 18.11 27.42 -8.06
N LEU A 21 19.30 27.50 -8.64
CA LEU A 21 20.50 27.88 -7.91
C LEU A 21 21.25 28.93 -8.71
N GLU A 22 21.64 30.03 -8.05
CA GLU A 22 22.41 31.07 -8.70
C GLU A 22 23.84 30.59 -8.95
N GLU A 23 24.43 29.98 -7.93
CA GLU A 23 25.77 29.40 -8.06
C GLU A 23 25.80 27.95 -7.59
N GLY A 24 26.65 27.16 -8.25
CA GLY A 24 26.86 25.78 -7.88
C GLY A 24 28.23 25.58 -7.27
N PRO A 25 28.67 24.32 -7.19
CA PRO A 25 30.01 23.99 -6.70
C PRO A 25 31.09 24.57 -7.63
N PRO A 26 32.29 24.87 -7.09
CA PRO A 26 33.40 25.43 -7.86
C PRO A 26 33.85 24.54 -9.01
N VAL A 27 34.53 25.11 -9.99
CA VAL A 27 34.98 24.33 -11.14
C VAL A 27 36.46 23.97 -11.12
N THR A 28 37.11 24.25 -9.99
CA THR A 28 38.47 23.81 -9.72
C THR A 28 38.53 23.22 -8.32
N THR A 29 39.40 22.23 -8.13
CA THR A 29 39.56 21.62 -6.81
C THR A 29 40.97 21.13 -6.57
N VAL A 30 41.35 21.06 -5.30
CA VAL A 30 42.70 20.64 -4.95
C VAL A 30 42.67 19.21 -4.45
N LEU A 31 43.45 18.36 -5.11
CA LEU A 31 43.61 16.96 -4.70
C LEU A 31 45.03 16.73 -4.20
N THR A 32 45.15 16.16 -3.00
CA THR A 32 46.46 15.84 -2.45
C THR A 32 46.87 14.45 -2.89
N ARG A 33 48.18 14.19 -2.86
CA ARG A 33 48.71 12.87 -3.20
C ARG A 33 48.10 11.77 -2.33
N GLU A 34 48.11 11.99 -1.03
CA GLU A 34 47.57 11.01 -0.08
C GLU A 34 46.08 10.73 -0.30
N ASP A 35 45.30 11.79 -0.52
CA ASP A 35 43.88 11.61 -0.84
C ASP A 35 43.67 10.87 -2.15
N GLY A 36 44.49 11.19 -3.15
CA GLY A 36 44.43 10.52 -4.44
C GLY A 36 44.66 9.02 -4.33
N LEU A 37 45.73 8.64 -3.61
CA LEU A 37 46.05 7.24 -3.39
C LEU A 37 44.92 6.48 -2.68
N LYS A 38 44.33 7.11 -1.67
CA LYS A 38 43.24 6.51 -0.92
C LYS A 38 42.05 6.23 -1.81
N TYR A 39 41.66 7.23 -2.60
CA TYR A 39 40.53 7.11 -3.51
C TYR A 39 40.75 6.02 -4.56
N TYR A 40 41.98 5.95 -5.08
CA TYR A 40 42.32 4.93 -6.06
C TYR A 40 42.19 3.53 -5.45
N ARG A 41 42.77 3.34 -4.27
CA ARG A 41 42.69 2.07 -3.57
C ARG A 41 41.25 1.67 -3.29
N MET A 42 40.45 2.61 -2.77
CA MET A 42 39.05 2.35 -2.45
C MET A 42 38.25 1.92 -3.68
N MET A 43 38.32 2.72 -4.74
CA MET A 43 37.60 2.40 -5.98
C MET A 43 38.01 1.05 -6.55
N GLN A 44 39.32 0.77 -6.55
CA GLN A 44 39.82 -0.50 -7.04
C GLN A 44 39.32 -1.65 -6.16
N THR A 45 39.24 -1.41 -4.85
CA THR A 45 38.75 -2.43 -3.94
C THR A 45 37.31 -2.78 -4.27
N VAL A 46 36.47 -1.76 -4.40
CA VAL A 46 35.07 -1.99 -4.76
C VAL A 46 35.00 -2.72 -6.09
N ARG A 47 35.82 -2.32 -7.04
CA ARG A 47 35.81 -2.93 -8.35
C ARG A 47 36.12 -4.41 -8.26
N ARG A 48 37.24 -4.75 -7.62
CA ARG A 48 37.62 -6.15 -7.54
C ARG A 48 36.64 -6.99 -6.75
N MET A 49 36.05 -6.41 -5.71
CA MET A 49 35.05 -7.11 -4.91
C MET A 49 33.87 -7.52 -5.79
N GLU A 50 33.39 -6.60 -6.61
CA GLU A 50 32.26 -6.88 -7.50
C GLU A 50 32.59 -7.94 -8.53
N LEU A 51 33.78 -7.86 -9.12
CA LEU A 51 34.20 -8.89 -10.08
C LEU A 51 34.32 -10.26 -9.43
N LYS A 52 34.72 -10.30 -8.17
CA LYS A 52 34.83 -11.56 -7.46
C LYS A 52 33.44 -12.10 -7.14
N ALA A 53 32.52 -11.21 -6.81
CA ALA A 53 31.15 -11.60 -6.51
C ALA A 53 30.52 -12.23 -7.75
N ASP A 54 30.85 -11.67 -8.91
CA ASP A 54 30.40 -12.20 -10.19
C ASP A 54 30.91 -13.63 -10.36
N GLN A 55 32.17 -13.84 -10.00
CA GLN A 55 32.79 -15.16 -10.09
C GLN A 55 32.16 -16.16 -9.12
N LEU A 56 31.90 -15.70 -7.90
CA LEU A 56 31.30 -16.55 -6.87
C LEU A 56 29.86 -16.93 -7.20
N TYR A 57 29.13 -16.02 -7.84
CA TYR A 57 27.74 -16.30 -8.21
C TYR A 57 27.66 -17.37 -9.29
N LYS A 58 28.59 -17.32 -10.25
CA LYS A 58 28.59 -18.29 -11.34
C LYS A 58 29.03 -19.67 -10.88
N GLN A 59 29.69 -19.73 -9.72
CA GLN A 59 30.08 -21.01 -9.12
C GLN A 59 29.04 -21.52 -8.11
N LYS A 60 27.92 -20.81 -8.01
CA LYS A 60 26.78 -21.14 -7.15
C LYS A 60 27.06 -20.98 -5.66
N ILE A 61 28.10 -20.22 -5.33
CA ILE A 61 28.44 -19.96 -3.93
C ILE A 61 27.64 -18.78 -3.41
N ILE A 62 27.16 -17.97 -4.35
CA ILE A 62 26.22 -16.89 -4.06
C ILE A 62 24.95 -17.22 -4.85
N ARG A 63 23.80 -17.12 -4.21
CA ARG A 63 22.55 -17.40 -4.90
C ARG A 63 21.59 -16.24 -4.72
N GLY A 64 20.38 -16.40 -5.23
CA GLY A 64 19.35 -15.38 -5.10
C GLY A 64 19.68 -14.09 -5.85
N PHE A 65 19.58 -12.96 -5.17
CA PHE A 65 19.86 -11.70 -5.83
C PHE A 65 21.30 -11.27 -5.60
N CYS A 66 21.85 -10.56 -6.58
CA CYS A 66 23.20 -10.07 -6.49
C CYS A 66 23.40 -8.94 -7.49
N HIS A 67 23.26 -7.70 -7.02
CA HIS A 67 23.39 -6.55 -7.88
C HIS A 67 24.77 -5.90 -7.76
N LEU A 68 25.48 -5.82 -8.89
CA LEU A 68 26.84 -5.28 -8.93
C LEU A 68 26.88 -3.81 -9.32
N CYS A 69 27.87 -3.08 -8.82
CA CYS A 69 27.92 -1.63 -9.01
C CYS A 69 29.17 -1.13 -9.73
N ASP A 70 29.96 -2.04 -10.30
CA ASP A 70 31.17 -1.64 -11.02
C ASP A 70 30.85 -0.71 -12.20
N GLY A 71 31.55 0.41 -12.26
CA GLY A 71 31.25 1.46 -13.21
C GLY A 71 30.77 2.69 -12.47
N GLN A 72 30.22 2.45 -11.27
CA GLN A 72 29.70 3.54 -10.47
C GLN A 72 30.57 3.74 -9.24
N GLU A 73 31.83 3.30 -9.32
CA GLU A 73 32.76 3.42 -8.19
C GLU A 73 32.99 4.86 -7.74
N ALA A 74 32.92 5.79 -8.69
CA ALA A 74 33.09 7.20 -8.39
C ALA A 74 31.97 7.71 -7.50
N CYS A 75 30.80 7.10 -7.61
CA CYS A 75 29.66 7.53 -6.80
C CYS A 75 29.88 7.26 -5.32
N CYS A 76 29.99 5.99 -4.94
CA CYS A 76 30.13 5.66 -3.52
C CYS A 76 31.39 6.25 -2.90
N VAL A 77 32.50 6.18 -3.62
CA VAL A 77 33.75 6.75 -3.14
C VAL A 77 33.72 8.28 -3.16
N GLY A 78 33.11 8.86 -4.19
CA GLY A 78 32.96 10.29 -4.25
C GLY A 78 32.15 10.85 -3.12
N LEU A 79 30.98 10.26 -2.88
CA LEU A 79 30.08 10.71 -1.83
C LEU A 79 30.72 10.61 -0.45
N GLU A 80 31.42 9.50 -0.19
CA GLU A 80 32.10 9.31 1.08
C GLU A 80 33.21 10.35 1.26
N ALA A 81 33.82 10.76 0.16
CA ALA A 81 34.91 11.74 0.21
C ALA A 81 34.42 13.14 0.56
N GLY A 82 33.15 13.42 0.31
CA GLY A 82 32.58 14.74 0.56
C GLY A 82 31.70 14.80 1.79
N ILE A 83 31.76 13.76 2.63
CA ILE A 83 30.96 13.76 3.86
C ILE A 83 31.77 13.26 5.06
N ASN A 84 31.17 13.40 6.24
CA ASN A 84 31.77 12.96 7.49
C ASN A 84 31.25 11.58 7.88
N PRO A 85 32.03 10.83 8.67
CA PRO A 85 31.55 9.54 9.17
C PRO A 85 30.32 9.71 10.08
N THR A 86 30.14 10.90 10.63
CA THR A 86 28.99 11.18 11.49
C THR A 86 27.72 11.46 10.70
N ASP A 87 27.88 11.67 9.39
CA ASP A 87 26.74 11.87 8.49
C ASP A 87 26.07 10.54 8.19
N HIS A 88 24.85 10.59 7.66
CA HIS A 88 24.06 9.38 7.44
C HIS A 88 23.84 9.15 5.96
N LEU A 89 23.75 7.88 5.56
CA LEU A 89 23.54 7.53 4.16
C LEU A 89 22.66 6.31 4.03
N ILE A 90 21.76 6.33 3.06
CA ILE A 90 20.88 5.21 2.81
C ILE A 90 20.69 5.05 1.30
N THR A 91 20.59 3.81 0.85
CA THR A 91 20.42 3.52 -0.57
C THR A 91 19.56 2.28 -0.79
N ALA A 92 19.52 1.77 -2.02
CA ALA A 92 18.78 0.56 -2.35
C ALA A 92 19.65 -0.71 -2.35
N TYR A 93 19.33 -1.66 -3.22
CA TYR A 93 19.92 -3.00 -3.23
C TYR A 93 21.34 -3.07 -3.86
N ARG A 94 21.73 -2.06 -4.63
CA ARG A 94 23.04 -2.07 -5.29
C ARG A 94 24.10 -1.43 -4.40
N ALA A 95 24.31 -2.00 -3.22
CA ALA A 95 25.03 -1.31 -2.15
C ALA A 95 26.32 -1.97 -1.65
N HIS A 96 26.95 -2.79 -2.48
CA HIS A 96 28.19 -3.45 -2.06
C HIS A 96 29.30 -2.44 -1.83
N GLY A 97 29.42 -1.46 -2.71
CA GLY A 97 30.37 -0.38 -2.56
C GLY A 97 30.13 0.45 -1.31
N PHE A 98 28.92 0.97 -1.16
CA PHE A 98 28.57 1.81 0.00
C PHE A 98 28.80 1.09 1.32
N THR A 99 28.49 -0.20 1.35
CA THR A 99 28.77 -1.02 2.52
C THR A 99 30.26 -0.94 2.87
N PHE A 100 31.10 -1.04 1.85
CA PHE A 100 32.55 -0.97 2.03
C PHE A 100 33.05 0.44 2.40
N THR A 101 32.55 1.45 1.69
CA THR A 101 32.99 2.82 1.94
C THR A 101 32.56 3.33 3.31
N ARG A 102 31.46 2.78 3.82
CA ARG A 102 30.94 3.18 5.12
C ARG A 102 31.53 2.39 6.30
N GLY A 103 32.52 1.54 6.05
CA GLY A 103 33.19 0.87 7.16
C GLY A 103 33.38 -0.64 7.13
N LEU A 104 32.44 -1.39 6.58
CA LEU A 104 32.55 -2.85 6.59
C LEU A 104 33.72 -3.36 5.76
N SER A 105 34.24 -4.53 6.12
CA SER A 105 35.38 -5.11 5.41
C SER A 105 34.89 -5.96 4.26
N VAL A 106 35.76 -6.19 3.28
CA VAL A 106 35.41 -7.01 2.13
C VAL A 106 35.13 -8.44 2.57
N ARG A 107 35.73 -8.84 3.69
CA ARG A 107 35.48 -10.14 4.29
C ARG A 107 34.01 -10.27 4.69
N GLU A 108 33.55 -9.33 5.50
CA GLU A 108 32.18 -9.35 6.00
C GLU A 108 31.15 -9.20 4.88
N ILE A 109 31.50 -8.43 3.85
CA ILE A 109 30.59 -8.25 2.72
C ILE A 109 30.48 -9.52 1.88
N LEU A 110 31.62 -10.13 1.57
CA LEU A 110 31.62 -11.36 0.80
C LEU A 110 31.02 -12.53 1.59
N ALA A 111 31.32 -12.61 2.87
CA ALA A 111 30.79 -13.69 3.70
C ALA A 111 29.27 -13.59 3.82
N GLU A 112 28.73 -12.39 3.73
CA GLU A 112 27.28 -12.20 3.74
C GLU A 112 26.69 -12.66 2.42
N LEU A 113 27.35 -12.32 1.32
CA LEU A 113 26.90 -12.74 0.00
C LEU A 113 26.89 -14.26 -0.14
N THR A 114 27.82 -14.93 0.52
CA THR A 114 27.91 -16.39 0.47
C THR A 114 27.05 -17.04 1.54
N GLY A 115 26.43 -16.19 2.37
CA GLY A 115 25.49 -16.63 3.38
C GLY A 115 26.11 -17.45 4.49
N ARG A 116 27.19 -16.95 5.07
CA ARG A 116 27.86 -17.67 6.15
C ARG A 116 27.74 -16.89 7.45
N LYS A 117 28.06 -17.54 8.57
CA LYS A 117 27.91 -16.92 9.88
C LYS A 117 28.82 -15.72 10.06
N GLY A 118 29.89 -15.67 9.27
CA GLY A 118 30.85 -14.59 9.34
C GLY A 118 30.45 -13.33 8.59
N GLY A 119 29.23 -13.32 8.05
CA GLY A 119 28.71 -12.17 7.35
C GLY A 119 28.36 -11.05 8.31
N CYS A 120 28.07 -9.87 7.77
CA CYS A 120 27.76 -8.72 8.61
C CYS A 120 26.39 -8.82 9.27
N ALA A 121 25.54 -9.71 8.75
CA ALA A 121 24.22 -9.95 9.32
C ALA A 121 24.08 -11.43 9.64
N LYS A 122 25.22 -12.09 9.79
CA LYS A 122 25.25 -13.51 10.14
C LYS A 122 24.50 -14.37 9.12
N GLY A 123 24.47 -13.91 7.87
CA GLY A 123 23.84 -14.65 6.79
C GLY A 123 22.32 -14.55 6.71
N LYS A 124 21.74 -13.63 7.46
CA LYS A 124 20.29 -13.47 7.44
C LYS A 124 19.85 -12.53 6.32
N GLY A 125 20.80 -11.75 5.80
CA GLY A 125 20.49 -10.69 4.86
C GLY A 125 20.70 -10.97 3.40
N GLY A 126 21.92 -11.37 3.03
CA GLY A 126 22.28 -11.56 1.63
C GLY A 126 22.72 -10.26 1.00
N SER A 127 22.65 -10.19 -0.33
CA SER A 127 23.15 -9.05 -1.11
C SER A 127 22.48 -7.71 -0.82
N MET A 128 21.17 -7.76 -0.66
CA MET A 128 20.35 -6.55 -0.60
C MET A 128 20.29 -5.89 0.77
N HIS A 129 20.50 -6.67 1.82
CA HIS A 129 20.27 -6.16 3.17
C HIS A 129 21.53 -6.22 4.03
N MET A 130 22.29 -5.13 4.01
CA MET A 130 23.50 -5.02 4.81
C MET A 130 23.50 -3.65 5.46
N TYR A 131 23.81 -3.60 6.75
CA TYR A 131 23.75 -2.36 7.53
C TYR A 131 25.08 -2.08 8.22
N ALA A 132 25.37 -0.81 8.45
CA ALA A 132 26.59 -0.38 9.09
C ALA A 132 26.40 0.91 9.87
N LYS A 133 27.47 1.37 10.50
CA LYS A 133 27.48 2.61 11.26
C LYS A 133 27.00 3.78 10.38
N ASN A 134 25.85 4.33 10.74
CA ASN A 134 25.20 5.40 9.97
C ASN A 134 24.98 5.03 8.51
N PHE A 135 24.80 3.73 8.26
CA PHE A 135 24.41 3.26 6.94
C PHE A 135 23.15 2.43 7.10
N TYR A 136 22.03 3.04 6.76
CA TYR A 136 20.73 2.46 7.00
C TYR A 136 20.33 1.56 5.87
N GLY A 137 21.35 0.89 5.37
CA GLY A 137 21.21 -0.29 4.54
C GLY A 137 20.91 -0.12 3.08
N GLY A 138 20.85 -1.27 2.44
CA GLY A 138 20.26 -1.42 1.15
C GLY A 138 18.84 -1.84 1.41
N ASN A 139 17.93 -1.44 0.53
CA ASN A 139 16.54 -1.78 0.70
C ASN A 139 16.02 -2.33 -0.62
N GLY A 140 15.24 -3.41 -0.53
CA GLY A 140 14.83 -4.15 -1.70
C GLY A 140 13.57 -3.60 -2.35
N ILE A 141 12.81 -2.80 -1.62
CA ILE A 141 11.59 -2.24 -2.17
C ILE A 141 11.89 -0.89 -2.81
N VAL A 142 11.73 -0.82 -4.12
CA VAL A 142 12.13 0.37 -4.87
C VAL A 142 11.38 1.62 -4.44
N GLY A 143 12.14 2.62 -3.99
CA GLY A 143 11.58 3.90 -3.56
C GLY A 143 11.47 4.02 -2.05
N ALA A 144 11.23 2.88 -1.40
CA ALA A 144 10.96 2.83 0.04
C ALA A 144 12.01 3.50 0.91
N GLN A 145 13.25 3.53 0.42
CA GLN A 145 14.36 4.08 1.19
C GLN A 145 14.36 5.61 1.18
N VAL A 146 13.65 6.21 0.23
CA VAL A 146 13.62 7.68 0.17
C VAL A 146 12.86 8.35 1.32
N PRO A 147 11.61 7.91 1.60
CA PRO A 147 11.00 8.46 2.81
C PRO A 147 11.83 8.17 4.06
N LEU A 148 12.40 6.96 4.12
CA LEU A 148 13.25 6.56 5.25
C LEU A 148 14.39 7.53 5.45
N GLY A 149 15.01 7.94 4.34
CA GLY A 149 16.12 8.86 4.39
C GLY A 149 15.71 10.23 4.90
N ALA A 150 14.59 10.73 4.40
CA ALA A 150 14.02 11.97 4.92
C ALA A 150 13.69 11.85 6.40
N GLY A 151 13.34 10.64 6.84
CA GLY A 151 13.06 10.40 8.24
C GLY A 151 14.33 10.53 9.05
N ILE A 152 15.42 10.01 8.49
CA ILE A 152 16.74 10.13 9.09
C ILE A 152 17.17 11.60 9.10
N ALA A 153 16.85 12.32 8.02
CA ALA A 153 17.11 13.74 7.99
C ALA A 153 16.35 14.47 9.09
N LEU A 154 15.08 14.09 9.29
CA LEU A 154 14.26 14.68 10.34
C LEU A 154 14.88 14.50 11.72
N ALA A 155 15.44 13.32 11.98
CA ALA A 155 16.11 13.08 13.26
C ALA A 155 17.33 13.98 13.41
N CYS A 156 18.05 14.20 12.31
CA CYS A 156 19.23 15.07 12.33
C CYS A 156 18.88 16.48 12.77
N LYS A 157 17.82 17.05 12.19
CA LYS A 157 17.39 18.38 12.58
C LYS A 157 16.86 18.39 14.01
N TYR A 158 16.12 17.33 14.34
CA TYR A 158 15.49 17.16 15.64
C TYR A 158 16.50 17.14 16.78
N ASN A 159 17.65 16.53 16.52
CA ASN A 159 18.68 16.41 17.53
C ASN A 159 19.63 17.59 17.56
N GLY A 160 19.54 18.43 16.52
CA GLY A 160 20.34 19.63 16.41
C GLY A 160 21.83 19.38 16.48
N LYS A 161 22.29 18.36 15.75
CA LYS A 161 23.70 17.97 15.77
C LYS A 161 24.45 18.35 14.51
N ASP A 162 23.77 19.03 13.60
CA ASP A 162 24.38 19.56 12.38
C ASP A 162 24.85 18.46 11.43
N GLU A 163 24.15 17.33 11.44
CA GLU A 163 24.45 16.23 10.55
C GLU A 163 23.45 16.24 9.41
N VAL A 164 23.80 15.61 8.30
CA VAL A 164 22.92 15.55 7.14
C VAL A 164 22.71 14.10 6.72
N CYS A 165 21.74 13.87 5.84
CA CYS A 165 21.48 12.52 5.36
C CYS A 165 21.48 12.43 3.84
N LEU A 166 22.28 11.52 3.30
CA LEU A 166 22.27 11.27 1.86
C LEU A 166 21.28 10.14 1.59
N THR A 167 20.37 10.39 0.67
CA THR A 167 19.31 9.44 0.40
C THR A 167 19.30 9.11 -1.08
N LEU A 168 19.84 7.95 -1.44
CA LEU A 168 20.05 7.63 -2.84
C LEU A 168 18.95 6.76 -3.44
N TYR A 169 18.63 7.04 -4.69
CA TYR A 169 17.67 6.22 -5.44
C TYR A 169 18.07 6.24 -6.92
N GLY A 170 17.59 5.26 -7.68
CA GLY A 170 17.96 5.16 -9.08
C GLY A 170 17.02 5.89 -9.99
N ASP A 171 17.33 5.85 -11.29
CA ASP A 171 16.48 6.51 -12.28
C ASP A 171 15.14 5.80 -12.36
N GLY A 172 15.15 4.48 -12.20
CA GLY A 172 13.90 3.73 -12.17
C GLY A 172 13.06 4.12 -10.96
N ALA A 173 13.70 4.25 -9.81
CA ALA A 173 13.03 4.64 -8.58
C ALA A 173 12.43 6.03 -8.67
N ALA A 174 13.04 6.88 -9.49
CA ALA A 174 12.67 8.30 -9.55
C ALA A 174 11.18 8.53 -9.82
N ASN A 175 10.49 7.50 -10.30
CA ASN A 175 9.08 7.60 -10.62
C ASN A 175 8.16 7.06 -9.53
N GLN A 176 8.73 6.69 -8.39
CA GLN A 176 7.96 6.24 -7.24
C GLN A 176 7.26 7.43 -6.59
N GLY A 177 5.97 7.29 -6.32
CA GLY A 177 5.18 8.35 -5.70
C GLY A 177 5.67 8.82 -4.34
N GLN A 178 6.13 7.88 -3.52
CA GLN A 178 6.57 8.20 -2.17
C GLN A 178 7.73 9.19 -2.19
N ILE A 179 8.50 9.17 -3.25
CA ILE A 179 9.62 10.09 -3.41
C ILE A 179 9.11 11.54 -3.51
N PHE A 180 8.00 11.74 -4.22
CA PHE A 180 7.43 13.08 -4.35
C PHE A 180 6.75 13.51 -3.06
N GLU A 181 6.20 12.54 -2.32
CA GLU A 181 5.67 12.85 -1.00
C GLU A 181 6.81 13.29 -0.09
N ALA A 182 7.98 12.66 -0.25
CA ALA A 182 9.16 13.00 0.54
C ALA A 182 9.74 14.38 0.19
N TYR A 183 9.76 14.72 -1.09
CA TYR A 183 10.19 16.05 -1.52
C TYR A 183 9.40 17.10 -0.75
N ASN A 184 8.08 16.97 -0.82
CA ASN A 184 7.17 17.96 -0.26
C ASN A 184 7.40 18.18 1.23
N MET A 185 7.46 17.08 1.99
CA MET A 185 7.68 17.18 3.42
C MET A 185 9.08 17.66 3.78
N ALA A 186 10.09 17.12 3.10
CA ALA A 186 11.48 17.55 3.33
C ALA A 186 11.66 19.05 3.08
N ALA A 187 10.94 19.58 2.09
CA ALA A 187 10.97 21.01 1.77
C ALA A 187 10.16 21.82 2.77
N LEU A 188 9.00 21.29 3.14
CA LEU A 188 8.09 21.97 4.04
C LEU A 188 8.66 22.14 5.44
N TRP A 189 9.51 21.20 5.86
CA TRP A 189 10.08 21.23 7.20
C TRP A 189 11.56 21.59 7.18
N LYS A 190 12.06 21.93 6.00
CA LYS A 190 13.48 22.26 5.82
C LYS A 190 14.42 21.21 6.38
N LEU A 191 14.24 19.96 5.96
CA LEU A 191 15.08 18.85 6.42
C LEU A 191 16.43 18.83 5.73
N PRO A 192 17.49 18.46 6.48
CA PRO A 192 18.85 18.34 5.93
C PRO A 192 19.01 17.08 5.09
N CYS A 193 18.25 16.98 4.01
CA CYS A 193 18.23 15.77 3.20
C CYS A 193 18.79 16.03 1.81
N ILE A 194 19.75 15.21 1.41
CA ILE A 194 20.29 15.30 0.07
C ILE A 194 19.75 14.14 -0.76
N PHE A 195 18.73 14.42 -1.56
CA PHE A 195 18.17 13.43 -2.46
C PHE A 195 19.15 13.19 -3.59
N ILE A 196 19.62 11.97 -3.72
CA ILE A 196 20.57 11.65 -4.78
C ILE A 196 20.02 10.61 -5.75
N CYS A 197 19.95 10.98 -7.03
CA CYS A 197 19.51 10.05 -8.05
C CYS A 197 20.70 9.55 -8.87
N GLU A 198 21.09 8.30 -8.65
CA GLU A 198 22.10 7.65 -9.49
C GLU A 198 21.45 7.26 -10.81
N ASN A 199 21.81 7.96 -11.88
CA ASN A 199 21.26 7.68 -13.20
C ASN A 199 22.18 6.79 -14.00
N ASN A 200 21.93 5.48 -13.99
CA ASN A 200 22.68 4.55 -14.84
C ASN A 200 21.99 4.24 -16.17
N ARG A 201 21.09 5.14 -16.57
CA ARG A 201 20.39 5.09 -17.86
C ARG A 201 19.30 4.01 -17.97
N TYR A 202 19.29 3.06 -17.05
CA TYR A 202 18.35 1.95 -17.12
C TYR A 202 17.70 1.64 -15.78
N GLY A 203 16.41 1.31 -15.84
CA GLY A 203 15.67 0.84 -14.68
C GLY A 203 15.40 -0.63 -14.93
N MET A 204 16.34 -1.47 -14.49
CA MET A 204 16.35 -2.90 -14.81
C MET A 204 16.63 -3.10 -16.29
N GLY A 205 15.60 -3.15 -17.11
CA GLY A 205 15.76 -3.32 -18.54
C GLY A 205 15.18 -2.15 -19.33
N THR A 206 14.61 -1.19 -18.61
CA THR A 206 13.93 -0.06 -19.24
C THR A 206 14.77 1.21 -19.20
N SER A 207 15.15 1.71 -20.37
CA SER A 207 15.91 2.95 -20.47
C SER A 207 15.11 4.14 -19.94
N VAL A 208 15.82 5.20 -19.56
CA VAL A 208 15.18 6.38 -19.00
C VAL A 208 14.14 7.00 -19.94
N GLU A 209 14.37 6.90 -21.26
CA GLU A 209 13.47 7.49 -22.26
C GLU A 209 12.09 6.83 -22.28
N ARG A 210 12.06 5.55 -21.95
CA ARG A 210 10.81 4.80 -21.97
C ARG A 210 10.10 4.79 -20.61
N ALA A 211 10.77 5.31 -19.58
CA ALA A 211 10.24 5.26 -18.22
C ALA A 211 9.86 6.63 -17.66
N ALA A 212 10.54 7.68 -18.09
CA ALA A 212 10.25 9.01 -17.59
C ALA A 212 9.99 10.02 -18.72
N ALA A 213 8.90 10.76 -18.62
CA ALA A 213 8.55 11.75 -19.63
C ALA A 213 9.57 12.88 -19.65
N SER A 214 10.16 13.16 -18.49
CA SER A 214 11.25 14.12 -18.35
C SER A 214 12.47 13.41 -17.76
N THR A 215 13.58 13.44 -18.48
CA THR A 215 14.77 12.75 -18.03
C THR A 215 15.75 13.66 -17.30
N ASP A 216 15.27 14.83 -16.89
CA ASP A 216 16.06 15.73 -16.08
C ASP A 216 15.76 15.49 -14.61
N TYR A 217 16.40 14.47 -14.05
CA TYR A 217 16.10 13.98 -12.71
C TYR A 217 16.40 15.01 -11.64
N TYR A 218 17.34 15.91 -11.91
CA TYR A 218 17.68 16.94 -10.95
C TYR A 218 16.64 18.04 -10.90
N LYS A 219 15.61 17.93 -11.72
CA LYS A 219 14.54 18.92 -11.79
C LYS A 219 13.20 18.37 -11.31
N ARG A 220 13.10 17.06 -11.16
CA ARG A 220 11.86 16.41 -10.72
C ARG A 220 11.34 16.99 -9.39
N GLY A 221 12.26 17.50 -8.57
CA GLY A 221 11.93 18.10 -7.30
C GLY A 221 11.04 19.33 -7.39
N ASP A 222 11.03 19.95 -8.57
CA ASP A 222 10.21 21.14 -8.82
C ASP A 222 10.65 22.29 -7.92
N PHE A 223 9.98 22.42 -6.79
CA PHE A 223 10.25 23.48 -5.84
C PHE A 223 11.59 23.31 -5.10
N ILE A 224 12.15 22.11 -5.16
CA ILE A 224 13.44 21.86 -4.53
C ILE A 224 14.58 22.12 -5.52
N PRO A 225 15.62 22.82 -5.07
CA PRO A 225 16.70 23.12 -6.02
C PRO A 225 17.60 21.91 -6.22
N GLY A 226 18.14 21.74 -7.42
CA GLY A 226 18.98 20.60 -7.72
C GLY A 226 20.18 20.90 -8.60
N LEU A 227 21.01 19.88 -8.82
CA LEU A 227 22.18 20.01 -9.67
C LEU A 227 22.61 18.67 -10.25
N ARG A 228 23.13 18.69 -11.49
CA ARG A 228 23.54 17.47 -12.18
C ARG A 228 25.07 17.32 -12.23
N VAL A 229 25.56 16.17 -11.77
CA VAL A 229 27.00 15.92 -11.61
C VAL A 229 27.46 14.81 -12.55
N ASP A 230 28.73 14.84 -12.96
CA ASP A 230 29.32 13.76 -13.74
C ASP A 230 29.74 12.62 -12.81
N GLY A 231 28.95 11.56 -12.82
CA GLY A 231 29.15 10.46 -11.88
C GLY A 231 30.25 9.49 -12.24
N MET A 232 31.03 9.81 -13.27
CA MET A 232 32.17 9.00 -13.65
C MET A 232 33.46 9.68 -13.18
N ASP A 233 33.31 10.87 -12.61
CA ASP A 233 34.45 11.64 -12.15
C ASP A 233 34.42 11.76 -10.64
N ILE A 234 35.31 11.03 -9.98
CA ILE A 234 35.43 11.03 -8.53
C ILE A 234 35.49 12.45 -7.96
N LEU A 235 36.28 13.30 -8.60
CA LEU A 235 36.47 14.68 -8.13
C LEU A 235 35.25 15.57 -8.30
N CYS A 236 34.48 15.36 -9.37
CA CYS A 236 33.25 16.12 -9.57
C CYS A 236 32.24 15.81 -8.46
N VAL A 237 32.04 14.51 -8.23
CA VAL A 237 31.14 14.03 -7.19
C VAL A 237 31.54 14.55 -5.81
N ARG A 238 32.83 14.46 -5.51
CA ARG A 238 33.36 14.93 -4.22
C ARG A 238 33.03 16.40 -4.01
N GLU A 239 33.27 17.20 -5.04
CA GLU A 239 33.10 18.65 -4.93
C GLU A 239 31.62 19.02 -4.87
N ALA A 240 30.81 18.36 -5.69
CA ALA A 240 29.36 18.54 -5.67
C ALA A 240 28.75 18.12 -4.33
N THR A 241 29.33 17.08 -3.72
CA THR A 241 28.84 16.59 -2.44
C THR A 241 29.14 17.57 -1.32
N ARG A 242 30.37 18.08 -1.28
CA ARG A 242 30.74 19.09 -0.30
C ARG A 242 29.84 20.31 -0.38
N PHE A 243 29.47 20.68 -1.60
CA PHE A 243 28.56 21.79 -1.83
C PHE A 243 27.17 21.52 -1.28
N ALA A 244 26.63 20.36 -1.64
CA ALA A 244 25.29 19.98 -1.22
C ALA A 244 25.19 19.83 0.29
N ALA A 245 26.23 19.26 0.90
CA ALA A 245 26.28 19.07 2.34
C ALA A 245 26.34 20.42 3.06
N ALA A 246 27.15 21.33 2.52
CA ALA A 246 27.22 22.67 3.04
C ALA A 246 25.86 23.36 2.98
N TYR A 247 25.16 23.16 1.86
CA TYR A 247 23.86 23.77 1.64
C TYR A 247 22.87 23.32 2.72
N CYS A 248 22.90 22.01 3.03
CA CYS A 248 22.02 21.45 4.05
C CYS A 248 22.43 21.82 5.47
N ARG A 249 23.73 21.87 5.73
CA ARG A 249 24.22 22.21 7.06
C ARG A 249 23.90 23.65 7.47
N SER A 250 23.74 24.52 6.49
CA SER A 250 23.43 25.92 6.78
C SER A 250 21.96 26.11 7.08
N GLY A 251 21.16 25.07 6.87
CA GLY A 251 19.75 25.12 7.19
C GLY A 251 18.85 25.57 6.06
N LYS A 252 19.35 25.48 4.82
CA LYS A 252 18.57 25.92 3.65
C LYS A 252 17.60 24.86 3.16
N GLY A 253 17.60 23.70 3.81
CA GLY A 253 16.68 22.63 3.46
C GLY A 253 17.21 21.55 2.51
N PRO A 254 16.29 20.80 1.88
CA PRO A 254 16.68 19.68 1.01
C PRO A 254 17.22 20.16 -0.32
N ILE A 255 17.83 19.24 -1.07
CA ILE A 255 18.40 19.53 -2.39
C ILE A 255 18.59 18.24 -3.19
N LEU A 256 18.32 18.31 -4.50
CA LEU A 256 18.51 17.14 -5.37
C LEU A 256 19.86 17.12 -6.07
N MET A 257 20.39 15.91 -6.23
CA MET A 257 21.66 15.72 -6.91
C MET A 257 21.57 14.52 -7.84
N GLU A 258 21.62 14.76 -9.15
CA GLU A 258 21.61 13.68 -10.12
C GLU A 258 23.05 13.30 -10.45
N LEU A 259 23.41 12.06 -10.19
CA LEU A 259 24.73 11.57 -10.58
C LEU A 259 24.60 10.80 -11.88
N GLN A 260 25.24 11.29 -12.93
CA GLN A 260 25.21 10.60 -14.21
C GLN A 260 26.31 9.55 -14.27
N THR A 261 25.93 8.28 -14.09
CA THR A 261 26.90 7.20 -14.03
C THR A 261 26.51 6.07 -14.99
N TYR A 262 26.99 4.87 -14.70
CA TYR A 262 26.81 3.73 -15.60
C TYR A 262 27.20 2.39 -14.93
N ARG A 263 26.47 1.32 -15.24
CA ARG A 263 26.82 -0.01 -14.72
C ARG A 263 27.26 -0.98 -15.82
N TYR A 264 28.39 -1.65 -15.57
CA TYR A 264 28.98 -2.55 -16.58
C TYR A 264 28.23 -3.86 -16.72
N HIS A 265 27.72 -4.37 -15.60
CA HIS A 265 26.93 -5.59 -15.61
C HIS A 265 25.49 -5.26 -15.92
N GLY A 266 24.66 -6.28 -16.03
CA GLY A 266 23.26 -6.06 -16.29
C GLY A 266 22.66 -5.70 -14.95
N HIS A 267 21.34 -5.55 -14.90
CA HIS A 267 20.65 -5.25 -13.66
C HIS A 267 21.12 -6.11 -12.47
N SER A 268 20.99 -7.42 -12.63
CA SER A 268 21.46 -8.38 -11.64
C SER A 268 22.22 -9.51 -12.34
N MET A 269 22.61 -10.51 -11.56
CA MET A 269 23.30 -11.67 -12.10
C MET A 269 22.37 -12.51 -12.98
N SER A 270 21.06 -12.31 -12.84
CA SER A 270 20.09 -13.03 -13.65
C SER A 270 19.75 -12.26 -14.92
N ASP A 271 20.61 -11.32 -15.29
CA ASP A 271 20.38 -10.47 -16.44
C ASP A 271 21.71 -10.15 -17.12
N PRO A 272 21.95 -10.77 -18.28
CA PRO A 272 23.16 -10.52 -19.09
C PRO A 272 23.26 -9.05 -19.52
N GLY A 273 22.12 -8.42 -19.72
CA GLY A 273 22.07 -7.01 -20.11
C GLY A 273 22.56 -6.74 -21.51
N VAL A 274 22.07 -7.51 -22.48
CA VAL A 274 22.46 -7.33 -23.87
C VAL A 274 21.26 -7.12 -24.78
N SER A 275 20.07 -7.29 -24.25
CA SER A 275 18.85 -7.21 -25.06
C SER A 275 18.32 -5.78 -25.18
N TYR A 276 18.75 -4.92 -24.26
CA TYR A 276 18.25 -3.54 -24.22
C TYR A 276 19.38 -2.52 -24.42
N ARG A 277 20.58 -3.02 -24.68
CA ARG A 277 21.74 -2.18 -24.94
C ARG A 277 22.81 -2.97 -25.70
N THR A 278 23.66 -2.25 -26.42
CA THR A 278 24.69 -2.90 -27.22
C THR A 278 25.99 -3.09 -26.43
N ARG A 279 26.80 -4.04 -26.90
CA ARG A 279 28.10 -4.30 -26.30
C ARG A 279 29.06 -3.15 -26.57
N GLU A 280 28.83 -2.48 -27.70
CA GLU A 280 29.62 -1.31 -28.10
C GLU A 280 29.41 -0.14 -27.15
N GLU A 281 28.18 0.06 -26.70
CA GLU A 281 27.86 1.14 -25.77
C GLU A 281 28.62 0.98 -24.46
N ILE A 282 28.64 -0.24 -23.92
CA ILE A 282 29.37 -0.53 -22.69
C ILE A 282 30.87 -0.30 -22.87
N GLN A 283 31.42 -0.81 -23.97
CA GLN A 283 32.84 -0.66 -24.26
C GLN A 283 33.23 0.81 -24.44
N GLU A 284 32.33 1.60 -25.02
CA GLU A 284 32.61 3.01 -25.25
C GLU A 284 32.74 3.79 -23.95
N VAL A 285 31.91 3.45 -22.96
CA VAL A 285 32.00 4.09 -21.66
C VAL A 285 33.25 3.63 -20.89
N ARG A 286 33.58 2.36 -21.01
CA ARG A 286 34.73 1.82 -20.27
C ARG A 286 36.08 2.32 -20.78
N SER A 287 36.19 2.60 -22.07
CA SER A 287 37.45 3.07 -22.64
C SER A 287 37.58 4.59 -22.61
N LYS A 288 36.44 5.26 -22.44
CA LYS A 288 36.40 6.71 -22.46
C LYS A 288 36.15 7.33 -21.08
N SER A 289 35.36 6.64 -20.24
CA SER A 289 34.94 7.23 -18.97
C SER A 289 35.06 6.35 -17.72
N ASP A 290 35.83 5.27 -17.77
CA ASP A 290 36.02 4.42 -16.59
C ASP A 290 36.59 5.25 -15.45
N PRO A 291 35.88 5.28 -14.32
CA PRO A 291 36.24 6.17 -13.22
C PRO A 291 37.64 5.92 -12.66
N ILE A 292 38.07 4.66 -12.65
CA ILE A 292 39.43 4.35 -12.19
C ILE A 292 40.45 4.84 -13.22
N MET A 293 40.17 4.61 -14.50
CA MET A 293 41.05 5.09 -15.55
C MET A 293 41.23 6.61 -15.51
N LEU A 294 40.13 7.34 -15.27
CA LEU A 294 40.17 8.79 -15.23
C LEU A 294 41.06 9.30 -14.11
N LEU A 295 40.91 8.72 -12.92
CA LEU A 295 41.73 9.11 -11.78
C LEU A 295 43.20 8.79 -12.00
N LYS A 296 43.46 7.59 -12.49
CA LYS A 296 44.82 7.15 -12.79
C LYS A 296 45.52 8.14 -13.71
N ASP A 297 44.85 8.53 -14.78
CA ASP A 297 45.41 9.47 -15.76
C ASP A 297 45.72 10.82 -15.13
N ARG A 298 44.80 11.33 -14.32
CA ARG A 298 44.97 12.60 -13.63
C ARG A 298 46.19 12.60 -12.72
N MET A 299 46.30 11.56 -11.90
CA MET A 299 47.40 11.44 -10.96
C MET A 299 48.75 11.19 -11.64
N VAL A 300 48.75 10.44 -12.73
CA VAL A 300 49.99 10.18 -13.45
C VAL A 300 50.44 11.42 -14.22
N ASN A 301 49.49 12.09 -14.85
CA ASN A 301 49.82 13.24 -15.68
C ASN A 301 50.20 14.48 -14.87
N SER A 302 49.92 14.47 -13.58
CA SER A 302 50.20 15.62 -12.74
C SER A 302 51.25 15.33 -11.69
N ASN A 303 51.97 14.23 -11.88
CA ASN A 303 53.07 13.83 -11.02
C ASN A 303 52.66 13.68 -9.55
N LEU A 304 51.48 13.09 -9.34
CA LEU A 304 50.96 12.80 -8.01
C LEU A 304 51.25 11.34 -7.62
N ALA A 305 51.40 10.50 -8.65
CA ALA A 305 51.74 9.09 -8.44
C ALA A 305 52.31 8.52 -9.74
N SER A 306 53.00 7.39 -9.65
CA SER A 306 53.60 6.76 -10.83
C SER A 306 52.77 5.58 -11.30
N VAL A 307 52.95 5.21 -12.57
CA VAL A 307 52.28 4.05 -13.14
C VAL A 307 52.59 2.77 -12.35
N GLU A 308 53.85 2.64 -11.91
CA GLU A 308 54.26 1.45 -11.17
C GLU A 308 53.64 1.40 -9.77
N GLU A 309 53.58 2.56 -9.12
CA GLU A 309 53.04 2.66 -7.78
C GLU A 309 51.56 2.26 -7.75
N LEU A 310 50.83 2.62 -8.79
CA LEU A 310 49.42 2.31 -8.89
C LEU A 310 49.16 0.84 -9.24
N LYS A 311 49.97 0.28 -10.13
CA LYS A 311 49.89 -1.14 -10.47
C LYS A 311 50.16 -1.98 -9.23
N GLU A 312 51.04 -1.48 -8.38
CA GLU A 312 51.37 -2.15 -7.13
C GLU A 312 50.13 -2.20 -6.24
N ILE A 313 49.42 -1.08 -6.15
CA ILE A 313 48.18 -1.01 -5.40
C ILE A 313 47.16 -2.00 -5.96
N ASP A 314 47.12 -2.11 -7.28
CA ASP A 314 46.23 -3.06 -7.95
C ASP A 314 46.53 -4.50 -7.49
N VAL A 315 47.81 -4.82 -7.37
CA VAL A 315 48.22 -6.15 -6.96
C VAL A 315 47.83 -6.45 -5.51
N GLU A 316 48.07 -5.50 -4.62
CA GLU A 316 47.72 -5.68 -3.21
C GLU A 316 46.21 -5.86 -3.06
N VAL A 317 45.45 -5.07 -3.82
CA VAL A 317 44.00 -5.13 -3.74
C VAL A 317 43.43 -6.45 -4.26
N ARG A 318 43.92 -6.93 -5.40
CA ARG A 318 43.47 -8.21 -5.94
C ARG A 318 43.75 -9.36 -4.98
N LYS A 319 44.93 -9.35 -4.36
CA LYS A 319 45.29 -10.40 -3.38
C LYS A 319 44.37 -10.39 -2.16
N GLU A 320 44.10 -9.20 -1.64
CA GLU A 320 43.19 -9.05 -0.51
C GLU A 320 41.82 -9.62 -0.86
N ILE A 321 41.33 -9.31 -2.05
CA ILE A 321 40.05 -9.83 -2.51
C ILE A 321 40.11 -11.34 -2.65
N GLU A 322 41.24 -11.86 -3.08
CA GLU A 322 41.41 -13.31 -3.21
C GLU A 322 41.35 -14.00 -1.85
N ASP A 323 42.05 -13.41 -0.89
CA ASP A 323 42.06 -13.91 0.48
C ASP A 323 40.67 -13.87 1.14
N ALA A 324 39.92 -12.81 0.85
CA ALA A 324 38.57 -12.63 1.40
C ALA A 324 37.58 -13.65 0.84
N ALA A 325 37.73 -13.95 -0.45
CA ALA A 325 36.88 -14.93 -1.13
C ALA A 325 37.11 -16.35 -0.63
N GLN A 326 38.35 -16.67 -0.26
CA GLN A 326 38.66 -17.99 0.27
C GLN A 326 38.03 -18.16 1.66
N PHE A 327 38.07 -17.08 2.44
CA PHE A 327 37.41 -17.05 3.74
C PHE A 327 35.90 -17.19 3.61
N ALA A 328 35.31 -16.46 2.67
CA ALA A 328 33.86 -16.48 2.48
C ALA A 328 33.36 -17.84 2.01
N THR A 329 34.17 -18.53 1.21
CA THR A 329 33.80 -19.83 0.68
C THR A 329 33.96 -20.93 1.74
N ALA A 330 34.97 -20.78 2.59
CA ALA A 330 35.31 -21.82 3.55
C ALA A 330 34.62 -21.62 4.91
N ASP A 331 34.13 -20.42 5.17
CA ASP A 331 33.44 -20.11 6.43
C ASP A 331 32.13 -20.90 6.51
N PRO A 332 31.86 -21.52 7.67
CA PRO A 332 30.66 -22.32 7.91
C PRO A 332 29.37 -21.52 7.90
N GLU A 333 28.28 -22.17 7.50
CA GLU A 333 26.94 -21.58 7.53
C GLU A 333 26.52 -21.25 8.96
N PRO A 334 25.49 -20.39 9.11
CA PRO A 334 24.92 -20.11 10.43
C PRO A 334 24.39 -21.39 11.06
N PRO A 335 24.52 -21.51 12.39
CA PRO A 335 23.95 -22.66 13.09
C PRO A 335 22.42 -22.62 13.00
N LEU A 336 21.81 -23.77 12.75
CA LEU A 336 20.36 -23.85 12.60
C LEU A 336 19.61 -23.39 13.85
N GLU A 337 20.26 -23.50 15.00
CA GLU A 337 19.63 -23.12 16.27
C GLU A 337 19.32 -21.63 16.37
N GLU A 338 19.88 -20.82 15.47
CA GLU A 338 19.72 -19.38 15.56
C GLU A 338 18.80 -18.78 14.50
N LEU A 339 18.02 -19.63 13.85
CA LEU A 339 17.08 -19.20 12.81
C LEU A 339 16.11 -18.15 13.34
N GLY A 340 15.60 -18.34 14.55
CA GLY A 340 14.59 -17.46 15.09
C GLY A 340 15.13 -16.24 15.84
N TYR A 341 16.44 -16.12 15.96
CA TYR A 341 17.05 -15.00 16.67
C TYR A 341 16.72 -13.64 16.03
N HIS A 342 16.67 -12.59 16.84
CA HIS A 342 16.59 -11.22 16.38
C HIS A 342 15.28 -10.84 15.68
N ILE A 343 14.17 -11.40 16.14
CA ILE A 343 12.87 -11.02 15.61
C ILE A 343 12.44 -9.71 16.28
N TYR A 344 12.61 -9.66 17.60
CA TYR A 344 12.29 -8.49 18.39
C TYR A 344 13.52 -7.99 19.12
N SER A 345 13.60 -6.68 19.33
CA SER A 345 14.67 -6.10 20.13
C SER A 345 14.23 -5.92 21.58
N SER A 346 15.16 -6.14 22.50
CA SER A 346 14.96 -5.88 23.93
C SER A 346 13.82 -6.67 24.56
N ASP A 347 13.60 -7.89 24.10
CA ASP A 347 12.52 -8.72 24.62
C ASP A 347 13.06 -9.96 25.30
N PRO A 348 12.31 -10.49 26.28
CA PRO A 348 12.70 -11.78 26.84
C PRO A 348 12.62 -12.83 25.74
N PRO A 349 13.47 -13.86 25.82
CA PRO A 349 13.41 -14.93 24.83
C PRO A 349 12.05 -15.62 24.80
N PHE A 350 11.70 -16.15 23.64
CA PHE A 350 10.45 -16.86 23.45
C PHE A 350 10.66 -17.87 22.33
N GLU A 351 9.64 -18.68 22.05
CA GLU A 351 9.76 -19.69 21.00
C GLU A 351 8.84 -19.40 19.82
N VAL A 352 9.31 -19.70 18.62
CA VAL A 352 8.56 -19.49 17.40
C VAL A 352 8.31 -20.79 16.65
N ARG A 353 7.16 -20.88 16.01
CA ARG A 353 6.76 -22.09 15.31
C ARG A 353 7.57 -22.31 14.03
N GLY A 354 7.97 -23.55 13.79
CA GLY A 354 8.66 -23.92 12.56
C GLY A 354 7.71 -24.43 11.50
N ALA A 355 8.14 -25.41 10.72
CA ALA A 355 7.32 -25.94 9.62
C ALA A 355 6.07 -26.67 10.13
N ASN A 356 6.17 -27.29 11.29
CA ASN A 356 4.99 -27.83 11.96
C ASN A 356 4.99 -27.47 13.44
N GLN A 357 3.87 -27.72 14.12
CA GLN A 357 3.71 -27.31 15.52
C GLN A 357 4.71 -27.96 16.49
N TRP A 358 5.38 -29.03 16.05
CA TRP A 358 6.31 -29.73 16.93
C TRP A 358 7.72 -29.22 16.76
N ILE A 359 7.91 -28.35 15.79
CA ILE A 359 9.20 -27.71 15.58
C ILE A 359 9.20 -26.34 16.22
N LYS A 360 10.06 -26.16 17.21
CA LYS A 360 10.16 -24.89 17.91
C LYS A 360 11.57 -24.33 17.82
N PHE A 361 11.67 -23.04 17.51
CA PHE A 361 12.95 -22.37 17.45
C PHE A 361 13.05 -21.30 18.53
N LYS A 362 14.21 -21.22 19.19
CA LYS A 362 14.42 -20.23 20.24
C LYS A 362 14.66 -18.84 19.63
N SER A 363 14.02 -17.83 20.20
CA SER A 363 14.16 -16.45 19.72
C SER A 363 14.76 -15.53 20.78
N VAL A 364 15.97 -15.06 20.53
CA VAL A 364 16.70 -14.19 21.46
C VAL A 364 17.01 -12.84 20.81
N SER A 365 16.81 -11.76 21.55
CA SER A 365 17.04 -10.42 21.01
C SER A 365 18.51 -10.16 20.67
N SER B 12 -15.87 7.03 41.36
CA SER B 12 -15.73 8.42 40.92
C SER B 12 -14.70 8.52 39.81
N LEU B 13 -14.68 9.69 39.16
CA LEU B 13 -13.79 9.98 38.03
C LEU B 13 -14.02 9.04 36.85
N GLN B 14 -14.88 9.50 35.93
CA GLN B 14 -15.14 8.86 34.65
C GLN B 14 -14.11 9.32 33.63
N VAL B 15 -13.44 8.38 32.97
CA VAL B 15 -12.53 8.76 31.90
C VAL B 15 -12.87 8.01 30.62
N THR B 16 -13.02 8.74 29.53
CA THR B 16 -13.36 8.14 28.24
C THR B 16 -12.13 7.53 27.60
N VAL B 17 -12.34 6.54 26.73
CA VAL B 17 -11.24 5.89 26.03
C VAL B 17 -10.35 6.91 25.32
N ARG B 18 -10.98 7.90 24.70
CA ARG B 18 -10.28 9.01 24.05
C ARG B 18 -9.32 9.73 25.01
N ASP B 19 -9.84 10.17 26.15
CA ASP B 19 -9.01 10.87 27.14
C ASP B 19 -7.93 9.98 27.75
N ALA B 20 -8.19 8.68 27.83
CA ALA B 20 -7.22 7.74 28.36
C ALA B 20 -6.00 7.69 27.43
N ILE B 21 -6.26 7.58 26.13
CA ILE B 21 -5.20 7.56 25.15
C ILE B 21 -4.39 8.85 25.21
N ASN B 22 -5.10 9.98 25.25
CA ASN B 22 -4.49 11.29 25.34
C ASN B 22 -3.56 11.37 26.55
N GLN B 23 -4.06 10.89 27.67
CA GLN B 23 -3.32 10.86 28.92
C GLN B 23 -2.03 10.06 28.74
N GLY B 24 -2.15 8.89 28.14
CA GLY B 24 -1.01 8.00 27.88
C GLY B 24 0.11 8.63 27.07
N MET B 25 -0.23 9.16 25.90
CA MET B 25 0.75 9.82 25.04
C MET B 25 1.36 11.04 25.73
N ASP B 26 0.54 11.75 26.49
CA ASP B 26 1.01 12.93 27.22
C ASP B 26 2.12 12.56 28.21
N GLU B 27 1.92 11.48 28.96
CA GLU B 27 2.89 11.06 29.97
C GLU B 27 4.18 10.54 29.32
N GLU B 28 4.05 9.83 28.22
CA GLU B 28 5.22 9.31 27.52
C GLU B 28 5.99 10.42 26.80
N LEU B 29 5.28 11.43 26.32
CA LEU B 29 5.92 12.57 25.70
C LEU B 29 6.78 13.33 26.71
N GLU B 30 6.27 13.48 27.93
CA GLU B 30 6.99 14.19 28.97
C GLU B 30 8.19 13.38 29.48
N ARG B 31 8.05 12.06 29.48
CA ARG B 31 9.08 11.17 29.99
C ARG B 31 10.32 11.07 29.07
N ASP B 32 10.10 11.06 27.77
CA ASP B 32 11.18 10.87 26.80
C ASP B 32 11.06 11.90 25.70
N GLU B 33 12.04 12.78 25.60
CA GLU B 33 12.03 13.85 24.60
C GLU B 33 12.14 13.31 23.18
N LYS B 34 12.50 12.03 23.08
CA LYS B 34 12.67 11.37 21.79
C LYS B 34 11.35 10.89 21.20
N VAL B 35 10.31 10.86 22.03
CA VAL B 35 8.99 10.47 21.57
C VAL B 35 8.35 11.68 20.92
N PHE B 36 7.67 11.46 19.79
CA PHE B 36 6.91 12.52 19.14
C PHE B 36 5.77 11.94 18.32
N LEU B 37 4.80 12.79 18.00
CA LEU B 37 3.59 12.37 17.31
C LEU B 37 3.47 13.04 15.94
N LEU B 38 3.13 12.26 14.92
CA LEU B 38 2.87 12.83 13.59
C LEU B 38 1.70 12.17 12.90
N GLY B 39 1.06 12.93 12.01
CA GLY B 39 -0.10 12.46 11.26
C GLY B 39 -0.94 13.65 10.84
N GLU B 40 -2.02 13.37 10.10
CA GLU B 40 -2.90 14.43 9.65
C GLU B 40 -3.76 14.98 10.77
N GLU B 41 -3.82 16.31 10.87
CA GLU B 41 -4.71 17.00 11.81
C GLU B 41 -4.43 16.70 13.28
N VAL B 42 -3.25 16.19 13.60
CA VAL B 42 -2.95 15.82 14.97
C VAL B 42 -2.65 17.02 15.88
N ALA B 43 -2.21 18.12 15.27
CA ALA B 43 -1.74 19.27 16.04
C ALA B 43 -2.80 20.36 16.17
N GLN B 44 -2.82 21.27 15.21
CA GLN B 44 -3.65 22.47 15.30
C GLN B 44 -5.16 22.19 15.29
N TYR B 45 -5.53 21.06 14.70
CA TYR B 45 -6.93 20.64 14.60
C TYR B 45 -7.38 19.90 15.86
N ASP B 46 -6.43 19.64 16.76
CA ASP B 46 -6.69 18.89 18.01
C ASP B 46 -7.06 17.43 17.80
N GLY B 47 -6.67 16.87 16.66
CA GLY B 47 -6.98 15.47 16.38
C GLY B 47 -8.25 15.31 15.59
N ALA B 48 -8.22 14.42 14.61
CA ALA B 48 -9.37 14.14 13.76
C ALA B 48 -10.52 13.62 14.60
N TYR B 49 -10.19 12.91 15.68
CA TYR B 49 -11.20 12.43 16.61
C TYR B 49 -10.86 12.91 18.02
N LYS B 50 -10.19 14.06 18.07
CA LYS B 50 -9.90 14.76 19.31
C LYS B 50 -9.05 13.98 20.31
N VAL B 51 -8.34 12.97 19.83
CA VAL B 51 -7.50 12.15 20.68
C VAL B 51 -6.24 12.90 21.10
N SER B 52 -5.70 13.73 20.21
CA SER B 52 -4.46 14.44 20.49
C SER B 52 -4.69 15.85 21.03
N ARG B 53 -5.90 16.11 21.51
CA ARG B 53 -6.28 17.41 22.05
C ARG B 53 -5.31 17.97 23.09
N GLY B 54 -4.96 19.24 22.94
CA GLY B 54 -4.12 19.94 23.90
C GLY B 54 -2.63 19.65 23.80
N LEU B 55 -2.29 18.61 23.04
CA LEU B 55 -0.91 18.16 22.93
C LEU B 55 0.00 19.13 22.20
N TRP B 56 -0.47 19.69 21.09
CA TRP B 56 0.33 20.63 20.31
C TRP B 56 0.55 21.93 21.10
N LYS B 57 -0.46 22.31 21.86
CA LYS B 57 -0.36 23.48 22.72
C LYS B 57 0.75 23.28 23.76
N LYS B 58 0.80 22.07 24.32
CA LYS B 58 1.73 21.77 25.40
C LYS B 58 3.16 21.54 24.91
N TYR B 59 3.31 20.96 23.72
CA TYR B 59 4.64 20.54 23.26
C TYR B 59 5.18 21.27 22.02
N GLY B 60 4.29 21.79 21.18
CA GLY B 60 4.71 22.62 20.07
C GLY B 60 5.07 21.92 18.78
N ASP B 61 5.42 22.74 17.78
CA ASP B 61 5.76 22.29 16.43
C ASP B 61 6.77 21.16 16.31
N LYS B 62 7.70 21.08 17.25
CA LYS B 62 8.76 20.09 17.14
C LYS B 62 8.27 18.67 17.45
N ARG B 63 7.43 18.55 18.48
CA ARG B 63 7.00 17.26 19.02
C ARG B 63 5.69 16.74 18.41
N ILE B 64 4.81 17.66 18.05
CA ILE B 64 3.50 17.29 17.53
C ILE B 64 3.33 17.89 16.14
N ILE B 65 3.37 17.04 15.12
CA ILE B 65 3.53 17.47 13.74
C ILE B 65 2.34 17.17 12.83
N ASP B 66 1.68 18.20 12.33
CA ASP B 66 0.69 18.01 11.27
C ASP B 66 1.39 17.60 9.97
N THR B 67 0.85 16.61 9.28
CA THR B 67 1.43 16.18 8.02
C THR B 67 0.42 16.36 6.90
N PRO B 68 0.91 16.57 5.67
CA PRO B 68 -0.01 16.52 4.53
C PRO B 68 -0.53 15.09 4.33
N ILE B 69 -1.49 14.93 3.43
CA ILE B 69 -2.08 13.61 3.19
C ILE B 69 -1.16 12.74 2.33
N SER B 70 -0.12 12.18 2.95
CA SER B 70 0.88 11.39 2.24
C SER B 70 1.30 10.18 3.07
N GLU B 71 0.37 9.23 3.23
CA GLU B 71 0.58 8.06 4.11
C GLU B 71 1.91 7.34 3.95
N MET B 72 2.16 6.77 2.78
CA MET B 72 3.41 6.08 2.48
C MET B 72 4.60 6.96 2.80
N GLY B 73 4.49 8.24 2.49
CA GLY B 73 5.54 9.20 2.77
C GLY B 73 5.79 9.43 4.25
N PHE B 74 4.76 9.80 5.02
CA PHE B 74 5.00 10.12 6.42
C PHE B 74 5.15 8.89 7.33
N ALA B 75 4.67 7.74 6.88
CA ALA B 75 4.96 6.50 7.58
C ALA B 75 6.43 6.14 7.37
N GLY B 76 6.90 6.35 6.15
CA GLY B 76 8.29 6.12 5.82
C GLY B 76 9.20 7.03 6.62
N ILE B 77 8.80 8.29 6.74
CA ILE B 77 9.55 9.26 7.51
C ILE B 77 9.58 8.85 8.97
N ALA B 78 8.46 8.32 9.46
CA ALA B 78 8.38 7.88 10.84
C ALA B 78 9.35 6.74 11.12
N VAL B 79 9.38 5.76 10.23
CA VAL B 79 10.26 4.60 10.38
C VAL B 79 11.72 5.04 10.34
N GLY B 80 12.03 5.94 9.41
CA GLY B 80 13.37 6.47 9.26
C GLY B 80 13.86 7.13 10.53
N ALA B 81 13.01 7.97 11.11
CA ALA B 81 13.30 8.63 12.38
C ALA B 81 13.53 7.59 13.48
N ALA B 82 12.74 6.52 13.47
CA ALA B 82 12.89 5.44 14.43
C ALA B 82 14.23 4.74 14.29
N MET B 83 14.59 4.39 13.06
CA MET B 83 15.89 3.78 12.78
C MET B 83 17.02 4.67 13.25
N ALA B 84 16.80 5.98 13.20
CA ALA B 84 17.83 6.94 13.55
C ALA B 84 17.90 7.18 15.05
N GLY B 85 17.04 6.51 15.80
CA GLY B 85 17.09 6.62 17.25
C GLY B 85 15.94 7.35 17.90
N LEU B 86 15.02 7.90 17.11
CA LEU B 86 13.85 8.53 17.70
C LEU B 86 12.76 7.49 17.95
N ARG B 87 11.72 7.87 18.68
CA ARG B 87 10.65 6.94 19.02
C ARG B 87 9.30 7.54 18.64
N PRO B 88 8.97 7.53 17.34
CA PRO B 88 7.79 8.25 16.85
C PRO B 88 6.47 7.52 17.06
N ILE B 89 5.38 8.27 17.01
CA ILE B 89 4.03 7.74 17.09
C ILE B 89 3.31 8.17 15.83
N CYS B 90 3.15 7.24 14.90
CA CYS B 90 2.56 7.55 13.61
C CYS B 90 1.06 7.24 13.58
N GLU B 91 0.24 8.28 13.42
CA GLU B 91 -1.21 8.10 13.41
C GLU B 91 -1.80 8.05 12.01
N PHE B 92 -2.58 7.00 11.74
CA PHE B 92 -3.38 6.94 10.52
C PHE B 92 -4.79 7.33 10.89
N MET B 93 -5.35 8.30 10.17
CA MET B 93 -6.68 8.82 10.52
C MET B 93 -7.72 7.73 10.75
N THR B 94 -7.65 6.68 9.93
CA THR B 94 -8.29 5.39 10.19
C THR B 94 -7.34 4.39 9.56
N PHE B 95 -7.40 3.13 9.97
CA PHE B 95 -6.50 2.14 9.42
C PHE B 95 -6.79 1.74 7.98
N ASN B 96 -7.95 2.15 7.47
CA ASN B 96 -8.25 1.97 6.07
C ASN B 96 -7.19 2.66 5.21
N PHE B 97 -6.69 3.78 5.74
CA PHE B 97 -5.73 4.59 5.01
C PHE B 97 -4.31 4.04 5.14
N SER B 98 -4.10 3.16 6.11
CA SER B 98 -2.79 2.55 6.30
C SER B 98 -2.38 1.69 5.11
N MET B 99 -3.34 1.28 4.29
CA MET B 99 -3.05 0.40 3.15
C MET B 99 -2.07 1.02 2.16
N GLN B 100 -2.05 2.34 2.11
CA GLN B 100 -1.12 3.03 1.23
C GLN B 100 0.31 2.90 1.72
N ALA B 101 0.44 2.74 3.03
CA ALA B 101 1.76 2.76 3.66
C ALA B 101 2.15 1.43 4.24
N ILE B 102 1.37 0.39 3.95
CA ILE B 102 1.56 -0.91 4.58
C ILE B 102 2.91 -1.55 4.21
N ASP B 103 3.47 -1.16 3.09
CA ASP B 103 4.79 -1.65 2.72
C ASP B 103 5.84 -1.12 3.68
N GLN B 104 5.67 0.12 4.13
CA GLN B 104 6.59 0.68 5.11
C GLN B 104 6.46 -0.03 6.46
N VAL B 105 5.24 -0.44 6.81
CA VAL B 105 5.01 -1.10 8.08
C VAL B 105 5.61 -2.50 8.09
N ILE B 106 5.35 -3.26 7.02
CA ILE B 106 5.79 -4.65 6.96
C ILE B 106 7.24 -4.77 6.53
N ASN B 107 7.56 -4.20 5.37
CA ASN B 107 8.89 -4.34 4.80
C ASN B 107 9.97 -3.44 5.36
N SER B 108 9.63 -2.22 5.73
CA SER B 108 10.64 -1.32 6.28
C SER B 108 10.81 -1.45 7.79
N ALA B 109 9.75 -1.81 8.50
CA ALA B 109 9.80 -1.78 9.97
C ALA B 109 9.85 -3.16 10.62
N ALA B 110 8.84 -3.97 10.32
CA ALA B 110 8.67 -5.29 10.93
C ALA B 110 9.87 -6.23 10.71
N LYS B 111 10.38 -6.25 9.50
CA LYS B 111 11.38 -7.24 9.09
C LYS B 111 12.81 -6.76 9.28
N THR B 112 12.99 -5.47 9.54
CA THR B 112 14.33 -4.89 9.56
C THR B 112 15.26 -5.46 10.63
N TYR B 113 14.78 -5.55 11.87
CA TYR B 113 15.61 -6.06 12.95
C TYR B 113 16.16 -7.46 12.62
N TYR B 114 15.28 -8.33 12.12
CA TYR B 114 15.67 -9.68 11.70
C TYR B 114 16.71 -9.67 10.57
N MET B 115 16.43 -8.93 9.50
CA MET B 115 17.30 -8.87 8.33
C MET B 115 18.68 -8.29 8.65
N SER B 116 18.72 -7.41 9.65
CA SER B 116 19.96 -6.76 10.04
C SER B 116 20.75 -7.65 10.98
N GLY B 117 20.16 -8.75 11.40
CA GLY B 117 20.81 -9.65 12.33
C GLY B 117 20.96 -9.05 13.72
N GLY B 118 20.02 -8.18 14.08
CA GLY B 118 19.99 -7.58 15.40
C GLY B 118 20.76 -6.29 15.56
N LEU B 119 21.15 -5.66 14.45
CA LEU B 119 21.92 -4.42 14.50
C LEU B 119 21.03 -3.16 14.42
N GLN B 120 19.81 -3.31 13.91
CA GLN B 120 18.94 -2.16 13.68
C GLN B 120 17.54 -2.37 14.22
N PRO B 121 17.23 -1.76 15.38
CA PRO B 121 15.87 -1.83 15.95
C PRO B 121 15.00 -0.72 15.38
N VAL B 122 13.68 -0.90 15.44
CA VAL B 122 12.72 0.09 14.93
C VAL B 122 11.64 0.42 15.95
N PRO B 123 11.96 1.28 16.93
CA PRO B 123 11.02 1.65 17.99
C PRO B 123 9.94 2.61 17.51
N ILE B 124 8.94 2.11 16.79
CA ILE B 124 7.85 2.95 16.29
C ILE B 124 6.47 2.43 16.77
N VAL B 125 5.47 3.30 16.73
CA VAL B 125 4.10 2.89 17.06
C VAL B 125 3.16 3.45 16.01
N PHE B 126 2.35 2.58 15.41
CA PHE B 126 1.32 3.01 14.46
C PHE B 126 -0.03 2.88 15.16
N ARG B 127 -0.72 4.00 15.33
CA ARG B 127 -2.02 3.96 16.00
C ARG B 127 -3.10 4.70 15.25
N GLY B 128 -4.34 4.42 15.60
CA GLY B 128 -5.47 5.06 14.97
C GLY B 128 -6.66 4.13 15.03
N PRO B 129 -7.87 4.68 14.77
CA PRO B 129 -9.08 3.86 14.88
C PRO B 129 -9.15 2.85 13.75
N ASN B 130 -9.56 1.63 14.10
CA ASN B 130 -9.65 0.52 13.18
C ASN B 130 -11.06 -0.01 13.19
N GLY B 131 -11.48 -0.62 12.09
CA GLY B 131 -12.74 -1.34 12.07
C GLY B 131 -13.99 -0.52 11.80
N ALA B 132 -15.13 -1.05 12.21
CA ALA B 132 -16.43 -0.47 11.90
C ALA B 132 -16.76 0.79 12.70
N SER B 133 -17.41 1.73 12.03
CA SER B 133 -17.84 2.97 12.66
C SER B 133 -19.37 3.06 12.55
N ALA B 134 -19.88 4.18 12.06
CA ALA B 134 -21.32 4.32 11.85
C ALA B 134 -21.66 4.99 10.52
N GLY B 135 -22.04 4.18 9.54
CA GLY B 135 -22.51 4.69 8.27
C GLY B 135 -21.45 5.30 7.36
N VAL B 136 -20.21 4.85 7.53
CA VAL B 136 -19.11 5.40 6.71
C VAL B 136 -18.84 4.57 5.46
N ALA B 137 -19.58 3.48 5.30
CA ALA B 137 -19.53 2.62 4.12
C ALA B 137 -18.24 1.81 3.94
N ALA B 138 -18.15 1.10 2.82
CA ALA B 138 -17.15 0.05 2.60
C ALA B 138 -15.67 0.42 2.70
N GLN B 139 -15.29 1.58 2.19
CA GLN B 139 -13.87 1.96 2.18
C GLN B 139 -13.38 2.52 3.50
N HIS B 140 -14.26 2.64 4.49
CA HIS B 140 -13.87 3.20 5.79
C HIS B 140 -14.19 2.30 6.99
N SER B 141 -14.58 1.06 6.75
CA SER B 141 -15.05 0.21 7.83
C SER B 141 -14.19 -1.01 8.08
N GLN B 142 -13.12 -1.15 7.30
CA GLN B 142 -12.34 -2.39 7.29
C GLN B 142 -11.54 -2.62 8.55
N CYS B 143 -11.62 -3.84 9.09
CA CYS B 143 -10.79 -4.24 10.23
C CYS B 143 -9.51 -4.91 9.73
N PHE B 144 -8.37 -4.53 10.32
CA PHE B 144 -7.07 -5.00 9.85
C PHE B 144 -6.33 -5.85 10.87
N ALA B 145 -7.05 -6.37 11.86
CA ALA B 145 -6.43 -7.15 12.93
C ALA B 145 -5.69 -8.39 12.41
N ALA B 146 -6.37 -9.16 11.58
CA ALA B 146 -5.79 -10.38 11.02
C ALA B 146 -4.63 -10.10 10.06
N TRP B 147 -4.74 -9.06 9.25
CA TRP B 147 -3.66 -8.69 8.34
C TRP B 147 -2.35 -8.41 9.09
N TYR B 148 -2.39 -7.55 10.09
CA TYR B 148 -1.19 -7.18 10.82
C TYR B 148 -0.73 -8.25 11.79
N GLY B 149 -1.67 -9.08 12.27
CA GLY B 149 -1.34 -10.14 13.20
C GLY B 149 -0.64 -11.29 12.49
N HIS B 150 -0.75 -11.29 11.17
CA HIS B 150 -0.17 -12.31 10.32
C HIS B 150 1.36 -12.21 10.23
N CYS B 151 1.90 -11.02 10.50
CA CYS B 151 3.29 -10.70 10.15
C CYS B 151 4.31 -10.71 11.28
N PRO B 152 5.29 -11.62 11.22
CA PRO B 152 6.40 -11.71 12.17
C PRO B 152 7.22 -10.42 12.22
N GLY B 153 7.56 -9.96 13.42
CA GLY B 153 8.31 -8.73 13.57
C GLY B 153 7.42 -7.59 14.04
N LEU B 154 6.11 -7.78 13.92
CA LEU B 154 5.17 -6.81 14.48
C LEU B 154 4.63 -7.28 15.81
N LYS B 155 4.12 -6.33 16.56
CA LYS B 155 3.27 -6.66 17.69
C LYS B 155 1.99 -5.91 17.42
N VAL B 156 0.85 -6.57 17.63
CA VAL B 156 -0.44 -5.96 17.37
C VAL B 156 -1.33 -6.03 18.60
N VAL B 157 -1.89 -4.88 18.99
CA VAL B 157 -2.81 -4.81 20.13
C VAL B 157 -4.11 -4.12 19.72
N SER B 158 -5.16 -4.37 20.50
CA SER B 158 -6.50 -3.96 20.11
C SER B 158 -7.36 -3.66 21.33
N PRO B 159 -7.12 -2.51 21.97
CA PRO B 159 -7.77 -2.16 23.23
C PRO B 159 -9.30 -2.08 23.15
N TRP B 160 -9.94 -2.15 24.32
CA TRP B 160 -11.38 -2.00 24.40
C TRP B 160 -11.78 -0.82 25.28
N ASN B 161 -11.58 -0.92 26.59
CA ASN B 161 -11.96 0.17 27.50
C ASN B 161 -10.84 1.16 27.77
N SER B 162 -11.07 2.09 28.70
CA SER B 162 -10.08 3.12 29.00
C SER B 162 -8.78 2.56 29.58
N GLU B 163 -8.88 1.61 30.49
CA GLU B 163 -7.68 0.97 31.04
C GLU B 163 -6.86 0.30 29.94
N ASP B 164 -7.51 -0.46 29.07
CA ASP B 164 -6.81 -1.09 27.94
C ASP B 164 -6.06 -0.06 27.12
N ALA B 165 -6.77 0.98 26.68
CA ALA B 165 -6.20 2.00 25.82
C ALA B 165 -4.94 2.63 26.38
N LYS B 166 -5.02 3.14 27.61
CA LYS B 166 -3.87 3.82 28.22
C LYS B 166 -2.71 2.87 28.48
N GLY B 167 -2.99 1.72 29.08
CA GLY B 167 -1.95 0.77 29.40
C GLY B 167 -1.22 0.27 28.17
N LEU B 168 -1.96 -0.08 27.12
CA LEU B 168 -1.37 -0.62 25.91
C LEU B 168 -0.56 0.42 25.14
N ILE B 169 -1.11 1.62 25.04
CA ILE B 169 -0.43 2.70 24.34
C ILE B 169 0.91 3.07 24.99
N LYS B 170 1.00 2.96 26.31
CA LYS B 170 2.25 3.22 26.99
C LYS B 170 3.21 2.05 26.80
N SER B 171 2.70 0.83 26.84
CA SER B 171 3.54 -0.34 26.58
C SER B 171 4.03 -0.33 25.14
N ALA B 172 3.18 0.09 24.21
CA ALA B 172 3.54 0.12 22.80
C ALA B 172 4.70 1.08 22.58
N ILE B 173 4.63 2.23 23.22
CA ILE B 173 5.63 3.28 23.07
C ILE B 173 6.97 2.85 23.66
N ARG B 174 6.92 2.26 24.87
CA ARG B 174 8.14 1.83 25.54
C ARG B 174 8.76 0.59 24.93
N ASP B 175 8.05 -0.05 24.02
CA ASP B 175 8.54 -1.22 23.33
C ASP B 175 9.43 -0.80 22.14
N ASN B 176 10.61 -1.39 22.08
CA ASN B 176 11.60 -1.02 21.06
C ASN B 176 11.35 -1.60 19.68
N ASN B 177 10.08 -1.93 19.41
CA ASN B 177 9.70 -2.57 18.16
C ASN B 177 8.47 -1.91 17.55
N PRO B 178 8.17 -2.21 16.28
CA PRO B 178 6.94 -1.66 15.71
C PRO B 178 5.74 -2.30 16.38
N VAL B 179 4.90 -1.48 17.01
CA VAL B 179 3.69 -1.98 17.61
C VAL B 179 2.47 -1.32 16.97
N VAL B 180 1.55 -2.14 16.49
CA VAL B 180 0.32 -1.63 15.88
C VAL B 180 -0.80 -1.58 16.92
N VAL B 181 -1.31 -0.37 17.19
CA VAL B 181 -2.40 -0.20 18.13
C VAL B 181 -3.69 0.08 17.37
N LEU B 182 -4.51 -0.96 17.20
CA LEU B 182 -5.79 -0.81 16.52
C LEU B 182 -6.85 -0.28 17.48
N GLU B 183 -7.20 1.00 17.35
CA GLU B 183 -8.17 1.62 18.23
C GLU B 183 -9.58 1.42 17.68
N ASN B 184 -10.55 2.12 18.26
CA ASN B 184 -11.92 2.00 17.79
C ASN B 184 -12.68 3.32 17.94
N GLU B 185 -13.21 3.83 16.83
CA GLU B 185 -13.87 5.13 16.78
C GLU B 185 -15.08 5.21 17.70
N LEU B 186 -15.94 4.19 17.66
CA LEU B 186 -17.13 4.17 18.50
C LEU B 186 -16.82 4.06 20.00
N MET B 187 -15.61 3.62 20.34
CA MET B 187 -15.22 3.51 21.74
C MET B 187 -14.67 4.81 22.32
N TYR B 188 -14.21 5.72 21.46
CA TYR B 188 -13.62 6.98 21.91
C TYR B 188 -14.46 7.74 22.95
N GLY B 189 -15.76 7.86 22.70
CA GLY B 189 -16.63 8.63 23.57
C GLY B 189 -17.13 7.93 24.83
N VAL B 190 -16.94 6.62 24.91
CA VAL B 190 -17.46 5.85 26.04
C VAL B 190 -16.61 6.01 27.31
N PRO B 191 -17.25 6.42 28.42
CA PRO B 191 -16.58 6.60 29.70
C PRO B 191 -16.47 5.31 30.49
N PHE B 192 -15.45 5.19 31.32
CA PHE B 192 -15.26 4.04 32.19
C PHE B 192 -14.77 4.51 33.54
N GLU B 193 -15.08 3.73 34.59
CA GLU B 193 -14.53 4.00 35.91
C GLU B 193 -13.02 3.84 35.87
N PHE B 194 -12.30 4.94 36.02
CA PHE B 194 -10.85 4.93 35.93
C PHE B 194 -10.22 4.83 37.31
N PRO B 195 -9.84 3.61 37.73
CA PRO B 195 -9.32 3.43 39.09
C PRO B 195 -8.00 4.18 39.30
N PRO B 196 -7.68 4.50 40.56
CA PRO B 196 -6.48 5.28 40.89
C PRO B 196 -5.18 4.70 40.31
N GLU B 197 -5.13 3.38 40.09
CA GLU B 197 -3.94 2.73 39.56
C GLU B 197 -3.70 3.10 38.09
N ALA B 198 -4.78 3.35 37.37
CA ALA B 198 -4.65 3.69 35.96
C ALA B 198 -4.27 5.16 35.76
N GLN B 199 -4.51 5.98 36.78
CA GLN B 199 -4.16 7.41 36.71
C GLN B 199 -2.66 7.63 36.84
N SER B 200 -1.99 6.69 37.49
CA SER B 200 -0.52 6.71 37.70
C SER B 200 0.27 6.74 36.40
N LYS B 201 1.42 7.41 36.42
CA LYS B 201 2.29 7.52 35.26
C LYS B 201 2.99 6.21 34.87
N ASP B 202 3.04 5.25 35.78
CA ASP B 202 3.66 3.95 35.47
C ASP B 202 2.65 2.85 35.19
N PHE B 203 1.42 3.22 34.85
CA PHE B 203 0.41 2.23 34.53
C PHE B 203 0.71 1.60 33.18
N LEU B 204 1.03 0.31 33.20
CA LEU B 204 1.34 -0.42 31.97
C LEU B 204 0.51 -1.68 31.87
N ILE B 205 0.21 -2.07 30.64
CA ILE B 205 -0.40 -3.35 30.36
C ILE B 205 0.53 -4.15 29.47
N PRO B 206 1.00 -5.30 29.96
CA PRO B 206 1.96 -6.13 29.22
C PRO B 206 1.37 -6.59 27.89
N ILE B 207 2.09 -6.34 26.81
CA ILE B 207 1.68 -6.82 25.52
C ILE B 207 1.80 -8.35 25.50
N GLY B 208 0.69 -9.03 25.26
CA GLY B 208 0.72 -10.48 25.16
C GLY B 208 -0.07 -11.18 26.25
N LYS B 209 -0.73 -10.40 27.10
CA LYS B 209 -1.50 -10.97 28.20
C LYS B 209 -2.99 -10.63 28.04
N ALA B 210 -3.82 -11.67 28.06
CA ALA B 210 -5.26 -11.47 27.97
C ALA B 210 -5.83 -11.11 29.33
N LYS B 211 -7.10 -10.70 29.36
CA LYS B 211 -7.76 -10.35 30.61
C LYS B 211 -9.15 -10.95 30.67
N ILE B 212 -9.48 -11.54 31.81
CA ILE B 212 -10.82 -12.07 32.02
C ILE B 212 -11.73 -10.97 32.59
N GLU B 213 -12.65 -10.49 31.76
CA GLU B 213 -13.54 -9.41 32.16
C GLU B 213 -14.68 -9.95 33.00
N ARG B 214 -14.91 -11.26 32.94
CA ARG B 214 -15.97 -11.90 33.71
C ARG B 214 -15.68 -13.39 33.96
N GLN B 215 -15.61 -13.78 35.23
CA GLN B 215 -15.44 -15.18 35.60
C GLN B 215 -16.70 -15.98 35.26
N GLY B 216 -16.52 -17.21 34.80
CA GLY B 216 -17.64 -18.06 34.42
C GLY B 216 -17.24 -19.52 34.30
N THR B 217 -18.23 -20.41 34.24
CA THR B 217 -17.95 -21.83 34.25
C THR B 217 -18.55 -22.62 33.08
N HIS B 218 -19.46 -22.00 32.34
CA HIS B 218 -20.21 -22.73 31.31
C HIS B 218 -19.65 -22.66 29.90
N ILE B 219 -19.11 -21.51 29.53
CA ILE B 219 -18.59 -21.34 28.17
C ILE B 219 -17.56 -20.22 28.12
N THR B 220 -16.55 -20.36 27.28
CA THR B 220 -15.53 -19.33 27.13
C THR B 220 -15.82 -18.42 25.92
N VAL B 221 -15.98 -17.13 26.18
CA VAL B 221 -16.26 -16.17 25.10
C VAL B 221 -15.10 -15.22 24.92
N VAL B 222 -14.35 -15.41 23.82
CA VAL B 222 -13.16 -14.62 23.55
C VAL B 222 -13.43 -13.54 22.52
N SER B 223 -12.90 -12.35 22.75
CA SER B 223 -13.09 -11.24 21.83
C SER B 223 -11.99 -10.18 21.93
N HIS B 224 -12.09 -9.17 21.08
CA HIS B 224 -11.18 -8.02 21.13
C HIS B 224 -11.89 -6.76 20.69
N SER B 225 -11.39 -5.61 21.14
CA SER B 225 -11.94 -4.31 20.76
C SER B 225 -13.41 -4.18 21.21
N ARG B 226 -14.17 -3.38 20.48
CA ARG B 226 -15.56 -3.03 20.86
C ARG B 226 -16.51 -4.19 21.24
N PRO B 227 -16.56 -5.27 20.43
CA PRO B 227 -17.51 -6.33 20.78
C PRO B 227 -17.26 -7.02 22.14
N VAL B 228 -16.15 -6.73 22.79
CA VAL B 228 -15.94 -7.20 24.16
C VAL B 228 -17.07 -6.70 25.05
N GLY B 229 -17.39 -5.42 24.90
CA GLY B 229 -18.49 -4.81 25.62
C GLY B 229 -19.79 -5.51 25.29
N HIS B 230 -19.91 -5.98 24.05
CA HIS B 230 -21.10 -6.68 23.62
C HIS B 230 -21.17 -8.09 24.22
N CYS B 231 -20.00 -8.70 24.41
CA CYS B 231 -19.95 -10.00 25.06
C CYS B 231 -20.41 -9.89 26.52
N LEU B 232 -20.03 -8.79 27.17
CA LEU B 232 -20.43 -8.57 28.55
C LEU B 232 -21.92 -8.30 28.69
N GLU B 233 -22.53 -7.72 27.66
CA GLU B 233 -23.96 -7.51 27.66
C GLU B 233 -24.66 -8.86 27.54
N ALA B 234 -24.16 -9.68 26.61
CA ALA B 234 -24.71 -11.01 26.38
C ALA B 234 -24.62 -11.88 27.62
N ALA B 235 -23.46 -11.82 28.30
CA ALA B 235 -23.25 -12.59 29.52
C ALA B 235 -24.22 -12.20 30.62
N ALA B 236 -24.59 -10.92 30.68
CA ALA B 236 -25.52 -10.43 31.68
C ALA B 236 -26.90 -11.04 31.44
N VAL B 237 -27.30 -11.10 30.18
CA VAL B 237 -28.59 -11.66 29.81
C VAL B 237 -28.63 -13.16 30.13
N LEU B 238 -27.60 -13.89 29.70
CA LEU B 238 -27.51 -15.33 29.89
C LEU B 238 -27.42 -15.73 31.36
N SER B 239 -26.87 -14.85 32.19
CA SER B 239 -26.76 -15.09 33.63
C SER B 239 -28.13 -15.20 34.32
N LYS B 240 -29.13 -14.51 33.77
CA LYS B 240 -30.48 -14.56 34.31
C LYS B 240 -31.17 -15.89 33.97
N GLU B 241 -30.56 -16.63 33.05
CA GLU B 241 -31.08 -17.91 32.61
C GLU B 241 -30.25 -19.07 33.13
N GLY B 242 -29.25 -18.76 33.94
CA GLY B 242 -28.46 -19.79 34.59
C GLY B 242 -27.14 -20.11 33.90
N VAL B 243 -26.89 -19.49 32.75
CA VAL B 243 -25.65 -19.70 32.01
C VAL B 243 -24.57 -18.69 32.39
N GLU B 244 -23.42 -19.20 32.83
CA GLU B 244 -22.34 -18.36 33.31
C GLU B 244 -21.17 -18.34 32.33
N CYS B 245 -20.99 -17.19 31.66
CA CYS B 245 -19.98 -17.06 30.62
C CYS B 245 -18.70 -16.47 31.15
N GLU B 246 -17.58 -17.07 30.75
CA GLU B 246 -16.27 -16.49 31.03
C GLU B 246 -15.81 -15.65 29.84
N VAL B 247 -15.87 -14.34 29.99
CA VAL B 247 -15.55 -13.41 28.90
C VAL B 247 -14.10 -12.99 28.93
N ILE B 248 -13.39 -13.24 27.84
CA ILE B 248 -11.98 -12.93 27.75
C ILE B 248 -11.72 -11.78 26.80
N ASN B 249 -11.07 -10.74 27.31
CA ASN B 249 -10.63 -9.63 26.48
C ASN B 249 -9.21 -9.92 26.02
N MET B 250 -9.02 -10.17 24.72
CA MET B 250 -7.70 -10.51 24.19
C MET B 250 -6.63 -9.48 24.49
N ARG B 251 -6.96 -8.21 24.24
CA ARG B 251 -6.00 -7.11 24.33
C ARG B 251 -4.93 -7.19 23.23
N THR B 252 -4.21 -8.31 23.18
CA THR B 252 -3.16 -8.50 22.19
C THR B 252 -3.58 -9.47 21.09
N ILE B 253 -3.30 -9.08 19.84
CA ILE B 253 -3.56 -9.92 18.69
C ILE B 253 -2.33 -10.76 18.32
N ARG B 254 -1.14 -10.16 18.44
CA ARG B 254 0.11 -10.87 18.22
C ARG B 254 1.18 -10.32 19.13
N PRO B 255 1.79 -11.16 19.98
CA PRO B 255 1.48 -12.58 20.21
C PRO B 255 0.27 -12.78 21.12
N MET B 256 -0.76 -13.45 20.61
CA MET B 256 -1.97 -13.65 21.40
C MET B 256 -1.73 -14.57 22.58
N ASP B 257 -2.63 -14.49 23.55
CA ASP B 257 -2.50 -15.23 24.79
C ASP B 257 -3.34 -16.51 24.75
N MET B 258 -2.83 -17.54 24.08
CA MET B 258 -3.57 -18.79 23.97
C MET B 258 -3.60 -19.54 25.29
N GLU B 259 -2.55 -19.40 26.10
CA GLU B 259 -2.48 -20.09 27.39
C GLU B 259 -3.70 -19.79 28.24
N THR B 260 -4.07 -18.52 28.30
CA THR B 260 -5.25 -18.10 29.07
C THR B 260 -6.52 -18.71 28.51
N ILE B 261 -6.70 -18.63 27.20
CA ILE B 261 -7.87 -19.23 26.56
C ILE B 261 -7.94 -20.74 26.79
N GLU B 262 -6.80 -21.41 26.63
CA GLU B 262 -6.74 -22.85 26.85
C GLU B 262 -7.20 -23.24 28.25
N ALA B 263 -6.57 -22.65 29.27
CA ALA B 263 -6.96 -22.88 30.66
C ALA B 263 -8.46 -22.65 30.88
N SER B 264 -8.99 -21.62 30.24
CA SER B 264 -10.41 -21.30 30.36
C SER B 264 -11.29 -22.40 29.76
N VAL B 265 -10.95 -22.83 28.55
CA VAL B 265 -11.72 -23.85 27.86
C VAL B 265 -11.57 -25.19 28.58
N MET B 266 -10.44 -25.38 29.25
CA MET B 266 -10.19 -26.59 30.04
C MET B 266 -11.23 -26.74 31.14
N LYS B 267 -11.66 -25.60 31.69
CA LYS B 267 -12.67 -25.57 32.73
C LYS B 267 -14.09 -25.61 32.15
N THR B 268 -14.33 -24.75 31.16
CA THR B 268 -15.67 -24.50 30.63
C THR B 268 -16.16 -25.49 29.59
N ASN B 269 -15.24 -26.20 28.96
CA ASN B 269 -15.58 -27.21 27.94
C ASN B 269 -16.24 -26.69 26.67
N HIS B 270 -16.32 -25.36 26.52
CA HIS B 270 -16.96 -24.75 25.35
C HIS B 270 -16.25 -23.46 24.95
N LEU B 271 -16.33 -23.10 23.67
CA LEU B 271 -15.65 -21.92 23.18
C LEU B 271 -16.39 -21.22 22.04
N VAL B 272 -16.44 -19.89 22.13
CA VAL B 272 -16.98 -19.03 21.07
C VAL B 272 -16.14 -17.76 20.92
N THR B 273 -15.64 -17.53 19.70
CA THR B 273 -14.87 -16.32 19.43
C THR B 273 -15.76 -15.25 18.81
N VAL B 274 -15.49 -13.98 19.15
CA VAL B 274 -16.29 -12.87 18.63
C VAL B 274 -15.40 -11.76 18.12
N GLU B 275 -15.53 -11.41 16.84
CA GLU B 275 -14.71 -10.35 16.25
C GLU B 275 -15.55 -9.48 15.33
N GLY B 276 -15.07 -8.28 15.04
CA GLY B 276 -15.81 -7.39 14.17
C GLY B 276 -15.44 -7.58 12.70
N GLY B 277 -14.21 -8.00 12.46
CA GLY B 277 -13.70 -8.14 11.11
C GLY B 277 -14.35 -9.24 10.28
N TRP B 278 -13.92 -9.35 9.02
CA TRP B 278 -14.40 -10.37 8.10
C TRP B 278 -14.05 -11.76 8.62
N PRO B 279 -14.86 -12.78 8.26
CA PRO B 279 -14.67 -14.11 8.84
C PRO B 279 -13.49 -14.93 8.29
N GLN B 280 -13.41 -15.02 6.97
CA GLN B 280 -12.41 -15.88 6.33
C GLN B 280 -10.98 -15.41 6.58
N PHE B 281 -10.19 -16.27 7.21
CA PHE B 281 -8.81 -15.96 7.56
C PHE B 281 -8.74 -14.85 8.61
N GLY B 282 -9.76 -14.79 9.47
CA GLY B 282 -9.84 -13.75 10.49
C GLY B 282 -9.26 -14.17 11.83
N VAL B 283 -9.44 -13.32 12.84
CA VAL B 283 -8.91 -13.58 14.19
C VAL B 283 -9.48 -14.86 14.78
N GLY B 284 -10.77 -15.08 14.57
CA GLY B 284 -11.42 -16.28 15.06
C GLY B 284 -10.83 -17.55 14.48
N ALA B 285 -10.43 -17.49 13.21
CA ALA B 285 -9.87 -18.66 12.53
C ALA B 285 -8.62 -19.18 13.25
N GLU B 286 -7.73 -18.25 13.64
CA GLU B 286 -6.50 -18.63 14.33
C GLU B 286 -6.78 -19.20 15.72
N ILE B 287 -7.64 -18.52 16.48
CA ILE B 287 -8.01 -19.00 17.81
C ILE B 287 -8.55 -20.42 17.73
N CYS B 288 -9.45 -20.68 16.78
CA CYS B 288 -10.00 -22.01 16.58
C CYS B 288 -8.97 -23.03 16.08
N ALA B 289 -8.08 -22.62 15.18
CA ALA B 289 -7.03 -23.51 14.70
C ALA B 289 -6.09 -23.89 15.84
N ARG B 290 -5.79 -22.93 16.71
CA ARG B 290 -4.90 -23.16 17.85
C ARG B 290 -5.52 -24.06 18.93
N ILE B 291 -6.82 -23.92 19.14
CA ILE B 291 -7.50 -24.70 20.16
C ILE B 291 -7.54 -26.16 19.73
N MET B 292 -7.74 -26.41 18.44
CA MET B 292 -7.75 -27.76 17.93
C MET B 292 -6.37 -28.42 18.03
N GLU B 293 -5.33 -27.65 17.76
CA GLU B 293 -3.96 -28.19 17.77
C GLU B 293 -3.39 -28.34 19.16
N GLY B 294 -4.00 -27.66 20.13
CA GLY B 294 -3.44 -27.61 21.47
C GLY B 294 -3.98 -28.68 22.39
N PRO B 295 -3.51 -28.68 23.65
CA PRO B 295 -3.84 -29.68 24.67
C PRO B 295 -5.28 -29.57 25.19
N ALA B 296 -5.98 -28.52 24.80
CA ALA B 296 -7.35 -28.30 25.25
C ALA B 296 -8.44 -28.89 24.35
N PHE B 297 -8.06 -29.36 23.16
CA PHE B 297 -9.03 -29.91 22.22
C PHE B 297 -9.85 -31.06 22.79
N ASN B 298 -9.22 -31.92 23.59
CA ASN B 298 -9.91 -33.05 24.20
C ASN B 298 -10.97 -32.60 25.19
N PHE B 299 -10.91 -31.34 25.60
CA PHE B 299 -11.84 -30.80 26.60
C PHE B 299 -13.04 -30.09 25.97
N LEU B 300 -13.09 -30.03 24.64
CA LEU B 300 -14.25 -29.45 23.97
C LEU B 300 -15.36 -30.48 23.93
N ASP B 301 -16.53 -30.10 24.44
CA ASP B 301 -17.70 -30.98 24.40
C ASP B 301 -18.57 -30.61 23.21
N ALA B 302 -18.17 -29.56 22.50
CA ALA B 302 -18.87 -29.10 21.31
C ALA B 302 -17.89 -28.32 20.46
N PRO B 303 -18.11 -28.31 19.14
CA PRO B 303 -17.22 -27.54 18.26
C PRO B 303 -17.21 -26.06 18.60
N ALA B 304 -16.05 -25.43 18.46
CA ALA B 304 -15.91 -24.00 18.69
C ALA B 304 -16.47 -23.27 17.47
N VAL B 305 -17.26 -22.23 17.69
CA VAL B 305 -17.84 -21.50 16.57
C VAL B 305 -17.48 -20.03 16.59
N ARG B 306 -17.61 -19.38 15.44
CA ARG B 306 -17.16 -18.02 15.26
C ARG B 306 -18.29 -17.04 15.06
N VAL B 307 -18.26 -15.94 15.82
CA VAL B 307 -19.13 -14.80 15.56
C VAL B 307 -18.28 -13.68 14.97
N THR B 308 -18.59 -13.29 13.74
CA THR B 308 -17.82 -12.27 13.05
C THR B 308 -18.79 -11.32 12.39
N GLY B 309 -18.26 -10.29 11.73
CA GLY B 309 -19.07 -9.45 10.87
C GLY B 309 -19.48 -10.19 9.60
N ALA B 310 -20.50 -9.71 8.91
CA ALA B 310 -20.93 -10.32 7.66
C ALA B 310 -19.84 -10.27 6.57
N ASP B 311 -19.85 -11.27 5.69
CA ASP B 311 -18.83 -11.44 4.64
C ASP B 311 -19.11 -10.55 3.43
N VAL B 312 -19.26 -9.25 3.67
CA VAL B 312 -19.57 -8.29 2.61
C VAL B 312 -18.80 -7.00 2.87
N PRO B 313 -18.59 -6.20 1.80
CA PRO B 313 -18.11 -4.84 2.06
C PRO B 313 -19.18 -4.12 2.88
N MET B 314 -18.79 -3.19 3.75
CA MET B 314 -19.78 -2.53 4.61
C MET B 314 -20.80 -1.72 3.84
N PRO B 315 -22.07 -2.10 3.93
CA PRO B 315 -23.16 -1.35 3.29
C PRO B 315 -23.48 -0.09 4.06
N TYR B 316 -24.03 0.91 3.38
CA TYR B 316 -24.33 2.19 4.01
C TYR B 316 -25.59 2.14 4.86
N ALA B 317 -26.69 1.72 4.25
CA ALA B 317 -28.02 1.69 4.88
C ALA B 317 -28.02 1.12 6.30
N LYS B 318 -28.73 1.81 7.19
CA LYS B 318 -28.80 1.47 8.61
C LYS B 318 -29.15 0.00 8.89
N ILE B 319 -30.28 -0.46 8.36
CA ILE B 319 -30.72 -1.84 8.59
C ILE B 319 -29.72 -2.86 8.09
N LEU B 320 -28.97 -2.51 7.05
CA LEU B 320 -27.98 -3.41 6.46
C LEU B 320 -26.71 -3.39 7.29
N GLU B 321 -26.27 -2.20 7.68
CA GLU B 321 -25.05 -2.07 8.48
C GLU B 321 -25.24 -2.74 9.84
N ASP B 322 -26.45 -2.67 10.37
CA ASP B 322 -26.74 -3.31 11.64
C ASP B 322 -26.52 -4.81 11.56
N ASN B 323 -26.81 -5.38 10.39
CA ASN B 323 -26.69 -6.81 10.19
C ASN B 323 -25.35 -7.25 9.58
N SER B 324 -24.40 -6.34 9.51
CA SER B 324 -23.06 -6.68 9.04
C SER B 324 -22.12 -6.69 10.22
N ILE B 325 -22.67 -6.39 11.39
CA ILE B 325 -21.90 -6.31 12.61
C ILE B 325 -22.52 -7.24 13.65
N PRO B 326 -21.68 -7.96 14.40
CA PRO B 326 -22.20 -8.82 15.47
C PRO B 326 -23.00 -8.00 16.48
N GLN B 327 -24.25 -8.40 16.68
CA GLN B 327 -25.09 -7.79 17.70
C GLN B 327 -25.17 -8.76 18.87
N VAL B 328 -25.55 -8.24 20.04
CA VAL B 328 -25.70 -9.08 21.23
C VAL B 328 -26.50 -10.35 20.96
N LYS B 329 -27.59 -10.20 20.19
CA LYS B 329 -28.45 -11.33 19.90
C LYS B 329 -27.75 -12.41 19.08
N ASP B 330 -26.81 -12.01 18.23
CA ASP B 330 -26.06 -12.97 17.43
C ASP B 330 -25.08 -13.75 18.29
N ILE B 331 -24.49 -13.09 19.27
CA ILE B 331 -23.58 -13.72 20.22
C ILE B 331 -24.34 -14.68 21.13
N ILE B 332 -25.52 -14.26 21.59
CA ILE B 332 -26.35 -15.11 22.44
C ILE B 332 -26.79 -16.35 21.67
N PHE B 333 -27.16 -16.16 20.41
CA PHE B 333 -27.60 -17.27 19.57
C PHE B 333 -26.51 -18.34 19.44
N ALA B 334 -25.27 -17.91 19.19
CA ALA B 334 -24.15 -18.82 18.99
C ALA B 334 -23.81 -19.58 20.27
N ILE B 335 -23.89 -18.89 21.40
CA ILE B 335 -23.64 -19.49 22.71
C ILE B 335 -24.67 -20.57 23.02
N LYS B 336 -25.93 -20.31 22.68
CA LYS B 336 -27.00 -21.27 22.92
C LYS B 336 -26.88 -22.49 22.04
N LYS B 337 -26.34 -22.31 20.83
CA LYS B 337 -26.11 -23.44 19.94
C LYS B 337 -25.03 -24.37 20.47
N THR B 338 -23.97 -23.79 21.02
CA THR B 338 -22.86 -24.57 21.53
C THR B 338 -23.25 -25.32 22.79
N LEU B 339 -24.05 -24.68 23.64
CA LEU B 339 -24.52 -25.31 24.87
C LEU B 339 -25.75 -26.16 24.61
N ASN B 340 -26.24 -26.14 23.38
CA ASN B 340 -27.43 -26.88 22.98
C ASN B 340 -28.64 -26.61 23.88
N ILE B 341 -28.94 -25.33 24.09
CA ILE B 341 -30.10 -24.92 24.88
C ILE B 341 -30.97 -23.96 24.09
N SER C 4 -38.88 41.86 -24.90
CA SER C 4 -37.83 41.30 -25.74
C SER C 4 -36.47 41.29 -25.04
N PHE C 5 -35.70 40.24 -25.29
CA PHE C 5 -34.37 40.06 -24.69
C PHE C 5 -33.33 39.85 -25.77
N ALA C 6 -32.07 40.12 -25.44
CA ALA C 6 -30.95 39.86 -26.34
C ALA C 6 -30.68 38.36 -26.45
N ASN C 7 -30.29 37.91 -27.64
CA ASN C 7 -30.05 36.49 -27.87
C ASN C 7 -28.77 36.02 -27.20
N ASP C 8 -27.84 36.95 -27.02
CA ASP C 8 -26.57 36.67 -26.36
C ASP C 8 -25.93 37.97 -25.90
N ALA C 9 -24.90 37.83 -25.06
CA ALA C 9 -24.16 38.98 -24.57
C ALA C 9 -22.70 38.60 -24.42
N THR C 10 -21.84 39.59 -24.32
CA THR C 10 -20.41 39.33 -24.24
C THR C 10 -19.83 39.79 -22.91
N PHE C 11 -19.03 38.93 -22.27
CA PHE C 11 -18.50 39.23 -20.94
C PHE C 11 -16.98 39.08 -20.84
N GLU C 12 -16.38 39.88 -19.96
CA GLU C 12 -14.96 39.80 -19.67
C GLU C 12 -14.70 38.73 -18.60
N ILE C 13 -13.76 37.83 -18.85
CA ILE C 13 -13.39 36.85 -17.84
C ILE C 13 -11.92 36.98 -17.47
N LYS C 14 -11.59 36.59 -16.24
CA LYS C 14 -10.23 36.71 -15.73
C LYS C 14 -9.25 35.89 -16.56
N LYS C 15 -8.08 36.47 -16.83
CA LYS C 15 -7.02 35.76 -17.55
C LYS C 15 -6.47 34.62 -16.68
N CYS C 16 -6.10 33.52 -17.31
CA CYS C 16 -5.55 32.39 -16.60
C CYS C 16 -4.03 32.49 -16.54
N ASP C 17 -3.45 32.20 -15.39
CA ASP C 17 -2.01 32.09 -15.27
C ASP C 17 -1.58 30.83 -15.99
N LEU C 18 -0.47 30.88 -16.71
CA LEU C 18 -0.09 29.73 -17.53
C LEU C 18 1.18 29.06 -17.04
N HIS C 19 1.29 27.78 -17.38
CA HIS C 19 2.52 27.03 -17.13
C HIS C 19 2.82 26.18 -18.36
N ARG C 20 3.94 26.51 -19.03
CA ARG C 20 4.37 25.81 -20.25
C ARG C 20 3.36 25.84 -21.39
N LEU C 21 2.67 26.97 -21.51
CA LEU C 21 1.70 27.18 -22.58
C LEU C 21 1.98 28.53 -23.22
N GLU C 22 1.99 28.56 -24.55
CA GLU C 22 2.20 29.82 -25.29
C GLU C 22 1.01 30.74 -25.10
N GLU C 23 -0.19 30.20 -25.32
CA GLU C 23 -1.43 30.94 -25.11
C GLU C 23 -2.46 30.16 -24.29
N GLY C 24 -3.28 30.88 -23.56
CA GLY C 24 -4.36 30.26 -22.81
C GLY C 24 -5.72 30.58 -23.40
N PRO C 25 -6.78 30.30 -22.63
CA PRO C 25 -8.15 30.61 -23.02
C PRO C 25 -8.38 32.10 -23.21
N PRO C 26 -9.36 32.47 -24.04
CA PRO C 26 -9.69 33.88 -24.25
C PRO C 26 -10.14 34.58 -22.97
N VAL C 27 -10.03 35.90 -22.95
CA VAL C 27 -10.42 36.71 -21.80
C VAL C 27 -11.76 37.36 -22.10
N THR C 28 -12.34 36.96 -23.22
CA THR C 28 -13.66 37.40 -23.63
C THR C 28 -14.45 36.18 -24.05
N THR C 29 -15.74 36.15 -23.74
CA THR C 29 -16.58 35.02 -24.14
C THR C 29 -18.04 35.45 -24.32
N VAL C 30 -18.76 34.69 -25.15
CA VAL C 30 -20.15 34.99 -25.44
C VAL C 30 -21.10 34.04 -24.73
N LEU C 31 -22.05 34.60 -23.98
CA LEU C 31 -23.08 33.79 -23.31
C LEU C 31 -24.46 34.02 -23.95
N THR C 32 -25.11 32.93 -24.33
CA THR C 32 -26.44 33.03 -24.92
C THR C 32 -27.50 33.00 -23.82
N ARG C 33 -28.67 33.54 -24.13
CA ARG C 33 -29.79 33.54 -23.20
C ARG C 33 -30.14 32.12 -22.75
N GLU C 34 -30.25 31.21 -23.71
CA GLU C 34 -30.58 29.81 -23.42
C GLU C 34 -29.57 29.12 -22.51
N ASP C 35 -28.29 29.30 -22.80
CA ASP C 35 -27.23 28.76 -21.96
C ASP C 35 -27.22 29.38 -20.56
N GLY C 36 -27.42 30.69 -20.50
CA GLY C 36 -27.47 31.41 -19.25
C GLY C 36 -28.54 30.90 -18.31
N LEU C 37 -29.77 30.80 -18.82
CA LEU C 37 -30.89 30.30 -18.03
C LEU C 37 -30.61 28.89 -17.52
N LYS C 38 -30.04 28.06 -18.38
CA LYS C 38 -29.70 26.68 -18.04
C LYS C 38 -28.67 26.62 -16.90
N TYR C 39 -27.57 27.36 -17.05
CA TYR C 39 -26.51 27.36 -16.05
C TYR C 39 -27.02 27.86 -14.72
N TYR C 40 -27.92 28.86 -14.77
CA TYR C 40 -28.52 29.38 -13.56
C TYR C 40 -29.33 28.31 -12.85
N ARG C 41 -30.23 27.64 -13.57
CA ARG C 41 -31.03 26.56 -12.99
C ARG C 41 -30.16 25.45 -12.40
N MET C 42 -29.16 25.01 -13.15
CA MET C 42 -28.26 23.98 -12.68
C MET C 42 -27.59 24.40 -11.37
N MET C 43 -26.96 25.57 -11.37
CA MET C 43 -26.27 26.06 -10.17
C MET C 43 -27.20 26.18 -8.96
N GLN C 44 -28.40 26.70 -9.17
CA GLN C 44 -29.36 26.84 -8.07
C GLN C 44 -29.78 25.49 -7.51
N THR C 45 -29.97 24.51 -8.39
CA THR C 45 -30.38 23.17 -7.97
C THR C 45 -29.33 22.54 -7.07
N VAL C 46 -28.07 22.56 -7.52
CA VAL C 46 -26.99 22.01 -6.72
C VAL C 46 -26.94 22.72 -5.37
N ARG C 47 -27.11 24.04 -5.39
CA ARG C 47 -27.10 24.83 -4.16
C ARG C 47 -28.22 24.42 -3.19
N ARG C 48 -29.45 24.38 -3.70
CA ARG C 48 -30.62 24.02 -2.89
C ARG C 48 -30.47 22.58 -2.39
N MET C 49 -29.92 21.72 -3.24
CA MET C 49 -29.71 20.32 -2.87
C MET C 49 -28.80 20.17 -1.66
N GLU C 50 -27.67 20.88 -1.68
CA GLU C 50 -26.71 20.86 -0.58
C GLU C 50 -27.29 21.42 0.71
N LEU C 51 -28.04 22.51 0.60
CA LEU C 51 -28.69 23.10 1.77
C LEU C 51 -29.68 22.14 2.41
N LYS C 52 -30.35 21.35 1.58
CA LYS C 52 -31.31 20.36 2.07
C LYS C 52 -30.59 19.19 2.73
N ALA C 53 -29.47 18.79 2.16
CA ALA C 53 -28.69 17.69 2.71
C ALA C 53 -28.18 18.05 4.09
N ASP C 54 -27.75 19.29 4.25
CA ASP C 54 -27.28 19.76 5.55
C ASP C 54 -28.41 19.68 6.57
N GLN C 55 -29.60 20.08 6.14
CA GLN C 55 -30.76 20.07 7.01
C GLN C 55 -31.19 18.64 7.34
N LEU C 56 -31.12 17.75 6.35
CA LEU C 56 -31.46 16.35 6.57
C LEU C 56 -30.44 15.68 7.49
N TYR C 57 -29.18 16.10 7.42
CA TYR C 57 -28.15 15.51 8.26
C TYR C 57 -28.38 15.84 9.72
N LYS C 58 -28.79 17.08 10.00
CA LYS C 58 -29.01 17.51 11.37
C LYS C 58 -30.29 16.91 11.96
N GLN C 59 -31.17 16.42 11.11
CA GLN C 59 -32.36 15.72 11.58
C GLN C 59 -32.07 14.23 11.68
N LYS C 60 -30.81 13.89 11.41
CA LYS C 60 -30.30 12.53 11.52
C LYS C 60 -30.87 11.57 10.46
N ILE C 61 -31.37 12.12 9.36
CA ILE C 61 -31.88 11.28 8.28
C ILE C 61 -30.72 10.84 7.38
N ILE C 62 -29.65 11.62 7.42
CA ILE C 62 -28.39 11.28 6.76
C ILE C 62 -27.36 11.11 7.86
N ARG C 63 -26.59 10.02 7.81
CA ARG C 63 -25.57 9.80 8.81
C ARG C 63 -24.24 9.50 8.15
N GLY C 64 -23.23 9.17 8.94
CA GLY C 64 -21.91 8.87 8.43
C GLY C 64 -21.24 10.10 7.85
N PHE C 65 -20.77 10.00 6.61
CA PHE C 65 -20.12 11.11 5.93
C PHE C 65 -21.09 11.90 5.05
N CYS C 66 -20.84 13.19 4.91
CA CYS C 66 -21.66 14.06 4.05
C CYS C 66 -20.90 15.33 3.74
N HIS C 67 -20.19 15.36 2.63
CA HIS C 67 -19.39 16.53 2.26
C HIS C 67 -20.14 17.38 1.26
N LEU C 68 -20.39 18.63 1.63
CA LEU C 68 -21.19 19.52 0.80
C LEU C 68 -20.30 20.36 -0.12
N CYS C 69 -20.84 20.75 -1.27
CA CYS C 69 -20.03 21.44 -2.26
C CYS C 69 -20.52 22.84 -2.56
N ASP C 70 -21.47 23.33 -1.75
CA ASP C 70 -22.01 24.67 -1.96
C ASP C 70 -20.94 25.74 -1.86
N GLY C 71 -20.89 26.60 -2.87
CA GLY C 71 -19.83 27.58 -3.00
C GLY C 71 -18.95 27.28 -4.20
N GLN C 72 -18.92 26.02 -4.61
CA GLN C 72 -18.12 25.59 -5.75
C GLN C 72 -19.01 25.22 -6.93
N GLU C 73 -20.22 25.76 -6.97
CA GLU C 73 -21.19 25.45 -8.02
C GLU C 73 -20.67 25.80 -9.41
N ALA C 74 -19.85 26.85 -9.51
CA ALA C 74 -19.33 27.27 -10.80
C ALA C 74 -18.46 26.17 -11.41
N CYS C 75 -17.81 25.38 -10.57
CA CYS C 75 -16.97 24.30 -11.05
C CYS C 75 -17.75 23.19 -11.76
N CYS C 76 -18.60 22.47 -11.03
CA CYS C 76 -19.32 21.33 -11.62
C CYS C 76 -20.23 21.73 -12.79
N VAL C 77 -20.94 22.84 -12.66
CA VAL C 77 -21.75 23.30 -13.78
C VAL C 77 -20.86 23.81 -14.91
N GLY C 78 -19.79 24.51 -14.54
CA GLY C 78 -18.82 25.01 -15.50
C GLY C 78 -18.15 23.93 -16.32
N LEU C 79 -17.64 22.90 -15.63
CA LEU C 79 -16.95 21.78 -16.28
C LEU C 79 -17.88 21.04 -17.24
N GLU C 80 -19.11 20.81 -16.79
CA GLU C 80 -20.11 20.15 -17.62
C GLU C 80 -20.43 20.99 -18.85
N ALA C 81 -20.38 22.31 -18.69
CA ALA C 81 -20.68 23.22 -19.78
C ALA C 81 -19.60 23.19 -20.87
N GLY C 82 -18.39 22.77 -20.49
CA GLY C 82 -17.28 22.74 -21.42
C GLY C 82 -16.89 21.35 -21.93
N ILE C 83 -17.76 20.36 -21.70
CA ILE C 83 -17.49 19.01 -22.17
C ILE C 83 -18.74 18.38 -22.79
N ASN C 84 -18.56 17.21 -23.38
CA ASN C 84 -19.66 16.49 -24.00
C ASN C 84 -20.22 15.46 -23.02
N PRO C 85 -21.48 15.04 -23.21
CA PRO C 85 -22.03 13.96 -22.40
C PRO C 85 -21.24 12.67 -22.60
N THR C 86 -20.56 12.55 -23.74
CA THR C 86 -19.75 11.38 -24.03
C THR C 86 -18.38 11.41 -23.36
N ASP C 87 -17.98 12.55 -22.82
CA ASP C 87 -16.71 12.64 -22.10
C ASP C 87 -16.83 12.04 -20.71
N HIS C 88 -15.68 11.78 -20.08
CA HIS C 88 -15.65 11.09 -18.79
C HIS C 88 -15.16 11.97 -17.67
N LEU C 89 -15.67 11.73 -16.47
CA LEU C 89 -15.29 12.53 -15.32
C LEU C 89 -15.27 11.70 -14.03
N ILE C 90 -14.27 11.95 -13.19
CA ILE C 90 -14.16 11.27 -11.90
C ILE C 90 -13.63 12.25 -10.87
N THR C 91 -14.12 12.14 -9.64
CA THR C 91 -13.67 13.02 -8.57
C THR C 91 -13.61 12.27 -7.25
N ALA C 92 -13.46 13.00 -6.16
CA ALA C 92 -13.43 12.40 -4.84
C ALA C 92 -14.83 12.39 -4.21
N TYR C 93 -14.88 12.51 -2.89
CA TYR C 93 -16.09 12.33 -2.10
C TYR C 93 -17.04 13.53 -2.13
N ARG C 94 -16.55 14.70 -2.54
CA ARG C 94 -17.40 15.89 -2.57
C ARG C 94 -18.11 15.98 -3.91
N ALA C 95 -18.94 14.97 -4.17
CA ALA C 95 -19.46 14.73 -5.52
C ALA C 95 -20.98 14.82 -5.68
N HIS C 96 -21.68 15.52 -4.78
CA HIS C 96 -23.13 15.62 -4.94
C HIS C 96 -23.50 16.41 -6.20
N GLY C 97 -22.80 17.53 -6.42
CA GLY C 97 -23.01 18.35 -7.60
C GLY C 97 -22.76 17.62 -8.90
N PHE C 98 -21.57 17.03 -9.02
CA PHE C 98 -21.18 16.30 -10.22
C PHE C 98 -22.14 15.17 -10.58
N THR C 99 -22.60 14.44 -9.56
CA THR C 99 -23.60 13.40 -9.76
C THR C 99 -24.81 13.97 -10.48
N PHE C 100 -25.24 15.17 -10.05
CA PHE C 100 -26.38 15.85 -10.65
C PHE C 100 -26.10 16.38 -12.06
N THR C 101 -24.97 17.04 -12.26
CA THR C 101 -24.64 17.59 -13.58
C THR C 101 -24.41 16.48 -14.62
N ARG C 102 -24.00 15.30 -14.16
CA ARG C 102 -23.76 14.19 -15.07
C ARG C 102 -25.03 13.38 -15.36
N GLY C 103 -26.18 13.85 -14.88
CA GLY C 103 -27.43 13.24 -15.28
C GLY C 103 -28.42 12.82 -14.22
N LEU C 104 -27.94 12.35 -13.08
CA LEU C 104 -28.82 11.82 -12.04
C LEU C 104 -29.73 12.89 -11.44
N SER C 105 -30.88 12.46 -10.94
CA SER C 105 -31.86 13.37 -10.36
C SER C 105 -31.62 13.57 -8.86
N VAL C 106 -32.14 14.68 -8.35
CA VAL C 106 -32.03 14.97 -6.92
C VAL C 106 -32.76 13.91 -6.10
N ARG C 107 -33.75 13.25 -6.70
CA ARG C 107 -34.44 12.16 -6.03
C ARG C 107 -33.47 11.05 -5.64
N GLU C 108 -32.80 10.48 -6.63
CA GLU C 108 -31.87 9.39 -6.36
C GLU C 108 -30.64 9.82 -5.54
N ILE C 109 -30.21 11.07 -5.70
CA ILE C 109 -29.07 11.54 -4.91
C ILE C 109 -29.45 11.66 -3.44
N LEU C 110 -30.60 12.26 -3.18
CA LEU C 110 -31.08 12.39 -1.81
C LEU C 110 -31.49 11.06 -1.18
N ALA C 111 -32.12 10.19 -1.96
CA ALA C 111 -32.54 8.88 -1.47
C ALA C 111 -31.31 8.03 -1.14
N GLU C 112 -30.21 8.26 -1.84
CA GLU C 112 -28.98 7.57 -1.52
C GLU C 112 -28.39 8.13 -0.24
N LEU C 113 -28.41 9.44 -0.10
CA LEU C 113 -27.93 10.10 1.11
C LEU C 113 -28.73 9.66 2.33
N THR C 114 -30.02 9.40 2.14
CA THR C 114 -30.87 8.95 3.24
C THR C 114 -30.85 7.43 3.36
N GLY C 115 -30.15 6.78 2.44
CA GLY C 115 -29.98 5.34 2.49
C GLY C 115 -31.25 4.53 2.26
N ARG C 116 -31.94 4.81 1.17
CA ARG C 116 -33.17 4.09 0.84
C ARG C 116 -32.98 3.29 -0.43
N LYS C 117 -33.89 2.36 -0.70
CA LYS C 117 -33.79 1.50 -1.87
C LYS C 117 -33.86 2.28 -3.17
N GLY C 118 -34.48 3.46 -3.11
CA GLY C 118 -34.63 4.31 -4.28
C GLY C 118 -33.43 5.18 -4.61
N GLY C 119 -32.34 5.01 -3.86
CA GLY C 119 -31.12 5.74 -4.13
C GLY C 119 -30.45 5.19 -5.37
N CYS C 120 -29.46 5.91 -5.88
CA CYS C 120 -28.77 5.50 -7.10
C CYS C 120 -27.86 4.29 -6.88
N ALA C 121 -27.55 4.00 -5.63
CA ALA C 121 -26.72 2.84 -5.31
C ALA C 121 -27.47 1.89 -4.38
N LYS C 122 -28.79 2.01 -4.38
CA LYS C 122 -29.68 1.16 -3.58
C LYS C 122 -29.40 1.24 -2.09
N GLY C 123 -28.85 2.35 -1.64
CA GLY C 123 -28.55 2.57 -0.24
C GLY C 123 -27.32 1.83 0.25
N LYS C 124 -26.53 1.27 -0.67
CA LYS C 124 -25.32 0.55 -0.31
C LYS C 124 -24.12 1.48 -0.25
N GLY C 125 -24.25 2.65 -0.88
CA GLY C 125 -23.12 3.55 -1.06
C GLY C 125 -23.06 4.73 -0.11
N GLY C 126 -24.13 5.51 -0.07
CA GLY C 126 -24.15 6.71 0.74
C GLY C 126 -23.58 7.93 0.05
N SER C 127 -23.17 8.91 0.85
CA SER C 127 -22.73 10.21 0.33
C SER C 127 -21.53 10.11 -0.60
N MET C 128 -20.57 9.26 -0.26
CA MET C 128 -19.30 9.24 -0.97
C MET C 128 -19.29 8.40 -2.25
N HIS C 129 -20.17 7.40 -2.33
CA HIS C 129 -20.11 6.44 -3.43
C HIS C 129 -21.39 6.48 -4.27
N MET C 130 -21.38 7.31 -5.31
CA MET C 130 -22.52 7.42 -6.22
C MET C 130 -22.01 7.39 -7.65
N TYR C 131 -22.65 6.61 -8.51
CA TYR C 131 -22.15 6.41 -9.87
C TYR C 131 -23.19 6.74 -10.93
N ALA C 132 -22.71 7.14 -12.11
CA ALA C 132 -23.59 7.43 -13.23
C ALA C 132 -22.89 7.16 -14.56
N LYS C 133 -23.62 7.33 -15.64
CA LYS C 133 -23.07 7.15 -16.99
C LYS C 133 -21.89 8.08 -17.20
N ASN C 134 -20.72 7.48 -17.44
CA ASN C 134 -19.47 8.22 -17.60
C ASN C 134 -19.16 9.10 -16.41
N PHE C 135 -19.68 8.70 -15.26
CA PHE C 135 -19.33 9.32 -13.98
C PHE C 135 -18.87 8.19 -13.08
N TYR C 136 -17.57 8.06 -12.92
CA TYR C 136 -17.00 6.94 -12.19
C TYR C 136 -16.90 7.26 -10.70
N GLY C 137 -17.89 8.02 -10.26
CA GLY C 137 -18.20 8.17 -8.86
C GLY C 137 -17.39 9.11 -8.01
N GLY C 138 -17.81 9.15 -6.76
CA GLY C 138 -17.02 9.73 -5.71
C GLY C 138 -16.21 8.58 -5.15
N ASN C 139 -15.04 8.91 -4.64
CA ASN C 139 -14.13 7.91 -4.11
C ASN C 139 -13.66 8.38 -2.75
N GLY C 140 -13.63 7.49 -1.77
CA GLY C 140 -13.39 7.87 -0.40
C GLY C 140 -11.94 7.92 0.02
N ILE C 141 -11.08 7.27 -0.75
CA ILE C 141 -9.64 7.27 -0.46
C ILE C 141 -8.99 8.43 -1.20
N VAL C 142 -8.43 9.37 -0.45
CA VAL C 142 -7.87 10.58 -1.03
C VAL C 142 -6.73 10.30 -2.01
N GLY C 143 -6.92 10.71 -3.26
CA GLY C 143 -5.90 10.51 -4.27
C GLY C 143 -6.16 9.34 -5.20
N ALA C 144 -6.83 8.31 -4.68
CA ALA C 144 -7.04 7.07 -5.42
C ALA C 144 -7.68 7.24 -6.79
N GLN C 145 -8.49 8.29 -6.94
CA GLN C 145 -9.22 8.49 -8.18
C GLN C 145 -8.34 9.05 -9.31
N VAL C 146 -7.19 9.61 -8.97
CA VAL C 146 -6.32 10.19 -10.00
C VAL C 146 -5.69 9.13 -10.94
N PRO C 147 -5.06 8.07 -10.38
CA PRO C 147 -4.68 6.98 -11.29
C PRO C 147 -5.88 6.40 -12.02
N LEU C 148 -7.01 6.25 -11.33
CA LEU C 148 -8.23 5.74 -11.95
C LEU C 148 -8.60 6.59 -13.16
N GLY C 149 -8.48 7.90 -13.01
CA GLY C 149 -8.79 8.83 -14.07
C GLY C 149 -7.85 8.70 -15.27
N ALA C 150 -6.56 8.62 -14.99
CA ALA C 150 -5.58 8.40 -16.05
C ALA C 150 -5.90 7.07 -16.73
N GLY C 151 -6.47 6.14 -15.95
CA GLY C 151 -6.89 4.85 -16.48
C GLY C 151 -8.09 4.96 -17.40
N ILE C 152 -9.05 5.77 -17.01
CA ILE C 152 -10.23 6.00 -17.83
C ILE C 152 -9.81 6.72 -19.10
N ALA C 153 -8.89 7.66 -18.95
CA ALA C 153 -8.31 8.36 -20.09
C ALA C 153 -7.61 7.37 -21.02
N LEU C 154 -6.87 6.42 -20.45
CA LEU C 154 -6.20 5.39 -21.25
C LEU C 154 -7.17 4.63 -22.13
N ALA C 155 -8.34 4.31 -21.58
CA ALA C 155 -9.39 3.65 -22.35
C ALA C 155 -9.88 4.52 -23.50
N CYS C 156 -9.95 5.83 -23.26
CA CYS C 156 -10.39 6.77 -24.28
C CYS C 156 -9.47 6.69 -25.49
N LYS C 157 -8.17 6.71 -25.23
CA LYS C 157 -7.18 6.60 -26.29
C LYS C 157 -7.22 5.21 -26.93
N TYR C 158 -7.42 4.21 -26.09
CA TYR C 158 -7.48 2.82 -26.52
C TYR C 158 -8.63 2.55 -27.51
N ASN C 159 -9.77 3.20 -27.27
CA ASN C 159 -10.95 3.01 -28.12
C ASN C 159 -11.05 3.94 -29.33
N GLY C 160 -10.22 4.98 -29.35
CA GLY C 160 -10.16 5.93 -30.44
C GLY C 160 -11.45 6.63 -30.82
N LYS C 161 -12.20 7.08 -29.82
CA LYS C 161 -13.47 7.77 -30.06
C LYS C 161 -13.36 9.26 -29.80
N ASP C 162 -12.16 9.71 -29.48
CA ASP C 162 -11.86 11.13 -29.30
C ASP C 162 -12.56 11.71 -28.07
N GLU C 163 -12.69 10.89 -27.03
CA GLU C 163 -13.28 11.34 -25.78
C GLU C 163 -12.15 11.65 -24.81
N VAL C 164 -12.43 12.48 -23.81
CA VAL C 164 -11.42 12.82 -22.82
C VAL C 164 -11.93 12.55 -21.41
N CYS C 165 -11.02 12.59 -20.45
CA CYS C 165 -11.38 12.35 -19.06
C CYS C 165 -10.94 13.46 -18.14
N LEU C 166 -11.90 13.95 -17.35
CA LEU C 166 -11.58 14.92 -16.32
C LEU C 166 -11.32 14.17 -15.03
N THR C 167 -10.18 14.43 -14.40
CA THR C 167 -9.80 13.73 -13.18
C THR C 167 -9.51 14.73 -12.08
N LEU C 168 -10.46 14.85 -11.16
CA LEU C 168 -10.43 15.89 -10.13
C LEU C 168 -9.88 15.42 -8.79
N TYR C 169 -9.18 16.33 -8.12
CA TYR C 169 -8.68 16.10 -6.77
C TYR C 169 -8.63 17.43 -6.02
N GLY C 170 -8.53 17.37 -4.70
CA GLY C 170 -8.49 18.61 -3.93
C GLY C 170 -7.07 19.08 -3.69
N ASP C 171 -6.92 20.23 -3.04
CA ASP C 171 -5.59 20.76 -2.77
C ASP C 171 -4.85 19.86 -1.78
N GLY C 172 -5.60 19.30 -0.83
CA GLY C 172 -5.05 18.36 0.13
C GLY C 172 -4.55 17.10 -0.56
N ALA C 173 -5.31 16.63 -1.54
CA ALA C 173 -4.94 15.45 -2.32
C ALA C 173 -3.64 15.63 -3.11
N ALA C 174 -3.32 16.87 -3.48
CA ALA C 174 -2.22 17.16 -4.40
C ALA C 174 -0.85 16.62 -3.98
N ASN C 175 -0.69 16.26 -2.72
CA ASN C 175 0.57 15.73 -2.23
C ASN C 175 0.60 14.21 -2.15
N GLN C 176 -0.40 13.58 -2.73
CA GLN C 176 -0.45 12.12 -2.82
C GLN C 176 0.54 11.64 -3.87
N GLY C 177 1.34 10.63 -3.51
CA GLY C 177 2.33 10.09 -4.42
C GLY C 177 1.77 9.55 -5.72
N GLN C 178 0.63 8.89 -5.66
CA GLN C 178 0.05 8.28 -6.85
C GLN C 178 -0.28 9.32 -7.93
N ILE C 179 -0.59 10.55 -7.52
CA ILE C 179 -0.88 11.61 -8.47
C ILE C 179 0.32 11.94 -9.35
N PHE C 180 1.50 11.90 -8.76
CA PHE C 180 2.72 12.18 -9.50
C PHE C 180 3.10 10.99 -10.38
N GLU C 181 2.78 9.79 -9.91
CA GLU C 181 2.95 8.61 -10.76
C GLU C 181 2.02 8.73 -11.96
N ALA C 182 0.84 9.27 -11.72
CA ALA C 182 -0.15 9.44 -12.79
C ALA C 182 0.31 10.48 -13.80
N TYR C 183 0.89 11.58 -13.32
CA TYR C 183 1.45 12.60 -14.21
C TYR C 183 2.42 11.97 -15.20
N ASN C 184 3.40 11.26 -14.66
CA ASN C 184 4.48 10.69 -15.45
C ASN C 184 4.01 9.75 -16.56
N MET C 185 3.17 8.79 -16.21
CA MET C 185 2.65 7.86 -17.22
C MET C 185 1.72 8.56 -18.22
N ALA C 186 0.82 9.40 -17.73
CA ALA C 186 -0.10 10.13 -18.60
C ALA C 186 0.65 10.98 -19.63
N ALA C 187 1.77 11.54 -19.22
CA ALA C 187 2.61 12.32 -20.14
C ALA C 187 3.37 11.38 -21.05
N LEU C 188 3.84 10.29 -20.49
CA LEU C 188 4.66 9.33 -21.24
C LEU C 188 3.87 8.65 -22.36
N TRP C 189 2.58 8.47 -22.16
CA TRP C 189 1.72 7.81 -23.14
C TRP C 189 0.79 8.77 -23.82
N LYS C 190 0.95 10.06 -23.52
CA LYS C 190 0.10 11.11 -24.07
C LYS C 190 -1.40 10.81 -23.90
N LEU C 191 -1.80 10.59 -22.64
CA LEU C 191 -3.20 10.30 -22.35
C LEU C 191 -4.05 11.57 -22.37
N PRO C 192 -5.29 11.46 -22.89
CA PRO C 192 -6.23 12.58 -22.93
C PRO C 192 -6.86 12.80 -21.55
N CYS C 193 -6.00 13.13 -20.60
CA CYS C 193 -6.41 13.27 -19.21
C CYS C 193 -6.29 14.73 -18.78
N ILE C 194 -7.36 15.28 -18.22
CA ILE C 194 -7.33 16.63 -17.69
C ILE C 194 -7.29 16.57 -16.17
N PHE C 195 -6.09 16.69 -15.61
CA PHE C 195 -5.96 16.70 -14.15
C PHE C 195 -6.48 18.02 -13.63
N ILE C 196 -7.50 17.97 -12.80
CA ILE C 196 -8.09 19.18 -12.26
C ILE C 196 -7.92 19.23 -10.76
N CYS C 197 -7.30 20.30 -10.28
CA CYS C 197 -7.17 20.50 -8.85
C CYS C 197 -8.14 21.58 -8.38
N GLU C 198 -9.19 21.16 -7.66
CA GLU C 198 -10.09 22.12 -7.00
C GLU C 198 -9.41 22.67 -5.77
N ASN C 199 -8.99 23.92 -5.83
CA ASN C 199 -8.31 24.54 -4.69
C ASN C 199 -9.26 25.42 -3.87
N ASN C 200 -9.84 24.84 -2.81
CA ASN C 200 -10.67 25.59 -1.86
C ASN C 200 -9.90 26.06 -0.63
N ARG C 201 -8.58 26.13 -0.78
CA ARG C 201 -7.63 26.64 0.24
C ARG C 201 -7.34 25.70 1.42
N TYR C 202 -8.16 24.67 1.60
CA TYR C 202 -8.02 23.80 2.78
C TYR C 202 -8.10 22.30 2.47
N GLY C 203 -7.26 21.53 3.16
CA GLY C 203 -7.31 20.08 3.14
C GLY C 203 -7.82 19.58 4.48
N MET C 204 -9.14 19.45 4.58
CA MET C 204 -9.82 19.20 5.85
C MET C 204 -9.61 20.40 6.78
N GLY C 205 -8.56 20.35 7.60
CA GLY C 205 -8.26 21.43 8.51
C GLY C 205 -6.91 22.06 8.27
N THR C 206 -6.18 21.54 7.29
CA THR C 206 -4.84 22.01 6.99
C THR C 206 -4.87 22.91 5.76
N SER C 207 -4.57 24.20 5.95
CA SER C 207 -4.52 25.15 4.85
C SER C 207 -3.39 24.80 3.88
N VAL C 208 -3.49 25.30 2.65
CA VAL C 208 -2.51 25.00 1.61
C VAL C 208 -1.08 25.38 2.01
N GLU C 209 -0.94 26.45 2.79
CA GLU C 209 0.38 26.92 3.22
C GLU C 209 1.07 25.93 4.17
N ARG C 210 0.26 25.21 4.95
CA ARG C 210 0.79 24.26 5.91
C ARG C 210 0.90 22.84 5.34
N ALA C 211 0.38 22.64 4.14
CA ALA C 211 0.34 21.29 3.56
C ALA C 211 1.28 21.10 2.38
N ALA C 212 1.50 22.18 1.63
CA ALA C 212 2.36 22.12 0.45
C ALA C 212 3.44 23.21 0.46
N ALA C 213 4.66 22.81 0.15
CA ALA C 213 5.78 23.73 0.07
C ALA C 213 5.56 24.70 -1.08
N SER C 214 4.84 24.22 -2.09
CA SER C 214 4.47 25.04 -3.24
C SER C 214 2.94 25.08 -3.38
N THR C 215 2.39 26.29 -3.38
CA THR C 215 0.94 26.47 -3.47
C THR C 215 0.48 26.82 -4.89
N ASP C 216 1.38 26.61 -5.85
CA ASP C 216 1.03 26.79 -7.25
C ASP C 216 0.66 25.44 -7.84
N TYR C 217 -0.59 25.05 -7.61
CA TYR C 217 -1.04 23.70 -7.97
C TYR C 217 -1.05 23.42 -9.46
N TYR C 218 -1.23 24.47 -10.27
CA TYR C 218 -1.24 24.30 -11.72
C TYR C 218 0.16 24.09 -12.28
N LYS C 219 1.15 24.13 -11.40
CA LYS C 219 2.54 23.95 -11.79
C LYS C 219 3.12 22.66 -11.25
N ARG C 220 2.42 22.04 -10.28
CA ARG C 220 2.89 20.78 -9.69
C ARG C 220 3.16 19.70 -10.73
N GLY C 221 2.47 19.79 -11.87
CA GLY C 221 2.64 18.82 -12.94
C GLY C 221 4.04 18.77 -13.49
N ASP C 222 4.80 19.85 -13.29
CA ASP C 222 6.18 19.98 -13.75
C ASP C 222 6.22 19.92 -15.27
N PHE C 223 6.50 18.74 -15.81
CA PHE C 223 6.62 18.59 -17.26
C PHE C 223 5.28 18.67 -17.99
N ILE C 224 4.18 18.56 -17.24
CA ILE C 224 2.86 18.71 -17.84
C ILE C 224 2.43 20.17 -17.76
N PRO C 225 1.90 20.72 -18.87
CA PRO C 225 1.55 22.14 -18.84
C PRO C 225 0.23 22.39 -18.11
N GLY C 226 0.13 23.53 -17.43
CA GLY C 226 -1.06 23.82 -16.65
C GLY C 226 -1.57 25.25 -16.73
N LEU C 227 -2.71 25.48 -16.08
CA LEU C 227 -3.31 26.81 -16.02
C LEU C 227 -4.21 26.98 -14.80
N ARG C 228 -4.20 28.18 -14.23
CA ARG C 228 -4.97 28.47 -13.03
C ARG C 228 -6.21 29.30 -13.35
N VAL C 229 -7.38 28.82 -12.92
CA VAL C 229 -8.65 29.41 -13.28
C VAL C 229 -9.40 29.97 -12.07
N ASP C 230 -10.25 30.97 -12.31
CA ASP C 230 -11.14 31.48 -11.28
C ASP C 230 -12.38 30.59 -11.18
N GLY C 231 -12.44 29.80 -10.10
CA GLY C 231 -13.49 28.82 -9.91
C GLY C 231 -14.80 29.38 -9.36
N MET C 232 -14.91 30.70 -9.26
CA MET C 232 -16.16 31.30 -8.80
C MET C 232 -16.94 31.88 -9.97
N ASP C 233 -16.34 31.84 -11.15
CA ASP C 233 -16.96 32.40 -12.35
C ASP C 233 -17.30 31.26 -13.29
N ILE C 234 -18.59 30.96 -13.39
CA ILE C 234 -19.10 29.91 -14.26
C ILE C 234 -18.54 30.00 -15.69
N LEU C 235 -18.53 31.21 -16.22
CA LEU C 235 -18.09 31.43 -17.59
C LEU C 235 -16.59 31.23 -17.71
N CYS C 236 -15.85 31.59 -16.67
CA CYS C 236 -14.41 31.41 -16.68
C CYS C 236 -14.07 29.93 -16.72
N VAL C 237 -14.71 29.16 -15.84
CA VAL C 237 -14.52 27.71 -15.79
C VAL C 237 -14.89 27.08 -17.13
N ARG C 238 -16.04 27.49 -17.68
CA ARG C 238 -16.49 26.93 -18.97
C ARG C 238 -15.45 27.12 -20.05
N GLU C 239 -14.89 28.32 -20.14
CA GLU C 239 -13.94 28.66 -21.18
C GLU C 239 -12.61 27.92 -21.00
N ALA C 240 -12.14 27.87 -19.77
CA ALA C 240 -10.94 27.12 -19.45
C ALA C 240 -11.12 25.62 -19.77
N THR C 241 -12.33 25.12 -19.59
CA THR C 241 -12.63 23.71 -19.84
C THR C 241 -12.65 23.37 -21.33
N ARG C 242 -13.34 24.18 -22.14
CA ARG C 242 -13.35 24.02 -23.59
C ARG C 242 -11.93 24.06 -24.17
N PHE C 243 -11.09 24.93 -23.60
CA PHE C 243 -9.69 25.03 -24.01
C PHE C 243 -8.92 23.76 -23.68
N ALA C 244 -9.04 23.31 -22.44
CA ALA C 244 -8.34 22.10 -22.01
C ALA C 244 -8.83 20.86 -22.76
N ALA C 245 -10.14 20.80 -23.02
CA ALA C 245 -10.71 19.65 -23.73
C ALA C 245 -10.21 19.59 -25.16
N ALA C 246 -10.17 20.74 -25.83
CA ALA C 246 -9.66 20.84 -27.19
C ALA C 246 -8.21 20.39 -27.24
N TYR C 247 -7.45 20.79 -26.23
CA TYR C 247 -6.04 20.46 -26.14
C TYR C 247 -5.79 18.95 -26.08
N CYS C 248 -6.58 18.25 -25.25
CA CYS C 248 -6.42 16.81 -25.14
C CYS C 248 -6.93 16.09 -26.39
N ARG C 249 -8.02 16.59 -26.95
CA ARG C 249 -8.60 16.02 -28.16
C ARG C 249 -7.66 16.12 -29.35
N SER C 250 -6.78 17.12 -29.33
CA SER C 250 -5.83 17.33 -30.42
C SER C 250 -4.64 16.37 -30.33
N GLY C 251 -4.57 15.64 -29.22
CA GLY C 251 -3.58 14.59 -29.03
C GLY C 251 -2.26 15.01 -28.42
N LYS C 252 -2.24 16.18 -27.77
CA LYS C 252 -1.01 16.67 -27.17
C LYS C 252 -0.76 16.12 -25.76
N GLY C 253 -1.67 15.26 -25.30
CA GLY C 253 -1.49 14.63 -24.01
C GLY C 253 -2.21 15.35 -22.88
N PRO C 254 -1.80 15.08 -21.63
CA PRO C 254 -2.46 15.61 -20.43
C PRO C 254 -2.23 17.10 -20.21
N ILE C 255 -2.98 17.66 -19.27
CA ILE C 255 -2.88 19.08 -18.94
C ILE C 255 -3.48 19.30 -17.54
N LEU C 256 -2.85 20.16 -16.75
CA LEU C 256 -3.38 20.47 -15.41
C LEU C 256 -4.24 21.73 -15.44
N MET C 257 -5.31 21.70 -14.66
CA MET C 257 -6.19 22.86 -14.56
C MET C 257 -6.54 23.09 -13.10
N GLU C 258 -6.04 24.19 -12.53
CA GLU C 258 -6.36 24.55 -11.15
C GLU C 258 -7.54 25.49 -11.09
N LEU C 259 -8.61 25.07 -10.42
CA LEU C 259 -9.75 25.92 -10.18
C LEU C 259 -9.65 26.49 -8.79
N GLN C 260 -9.53 27.81 -8.68
CA GLN C 260 -9.50 28.48 -7.38
C GLN C 260 -10.93 28.80 -6.91
N THR C 261 -11.40 28.02 -5.95
CA THR C 261 -12.76 28.14 -5.46
C THR C 261 -12.80 28.29 -3.94
N TYR C 262 -13.92 27.88 -3.34
CA TYR C 262 -14.12 28.03 -1.90
C TYR C 262 -15.33 27.21 -1.46
N ARG C 263 -15.26 26.60 -0.29
CA ARG C 263 -16.39 25.87 0.27
C ARG C 263 -16.96 26.56 1.50
N TYR C 264 -18.28 26.72 1.54
CA TYR C 264 -18.94 27.45 2.62
C TYR C 264 -19.02 26.64 3.93
N HIS C 265 -19.21 25.33 3.80
CA HIS C 265 -19.28 24.47 4.98
C HIS C 265 -17.88 23.95 5.39
N GLY C 266 -17.83 23.32 6.57
CA GLY C 266 -16.59 22.76 7.11
C GLY C 266 -16.22 21.33 6.74
N HIS C 267 -15.71 21.13 5.53
CA HIS C 267 -15.25 19.82 5.06
C HIS C 267 -16.32 18.71 5.12
N SER C 268 -16.78 18.38 6.32
CA SER C 268 -17.89 17.44 6.48
C SER C 268 -18.89 17.95 7.52
N MET C 269 -19.91 17.16 7.80
CA MET C 269 -20.91 17.52 8.80
C MET C 269 -20.39 17.42 10.24
N SER C 270 -19.32 16.65 10.43
CA SER C 270 -18.72 16.49 11.76
C SER C 270 -17.62 17.52 12.02
N ASP C 271 -17.65 18.61 11.26
CA ASP C 271 -16.63 19.64 11.37
C ASP C 271 -17.26 21.01 11.12
N PRO C 272 -17.40 21.81 12.19
CA PRO C 272 -17.94 23.17 12.09
C PRO C 272 -17.09 24.06 11.18
N GLY C 273 -15.77 23.82 11.17
CA GLY C 273 -14.87 24.54 10.29
C GLY C 273 -14.70 26.01 10.65
N VAL C 274 -14.51 26.29 11.93
CA VAL C 274 -14.33 27.66 12.39
C VAL C 274 -13.03 27.84 13.16
N SER C 275 -12.33 26.73 13.41
CA SER C 275 -11.11 26.73 14.20
C SER C 275 -9.86 27.01 13.37
N TYR C 276 -9.97 26.84 12.05
CA TYR C 276 -8.84 27.03 11.15
C TYR C 276 -9.07 28.17 10.16
N ARG C 277 -10.22 28.83 10.29
CA ARG C 277 -10.56 29.98 9.46
C ARG C 277 -11.64 30.80 10.16
N THR C 278 -11.71 32.09 9.84
CA THR C 278 -12.68 32.98 10.46
C THR C 278 -13.97 33.02 9.64
N ARG C 279 -15.07 33.37 10.29
CA ARG C 279 -16.35 33.51 9.60
C ARG C 279 -16.35 34.76 8.72
N GLU C 280 -15.51 35.73 9.07
CA GLU C 280 -15.39 36.94 8.28
C GLU C 280 -14.85 36.61 6.89
N GLU C 281 -13.91 35.67 6.84
CA GLU C 281 -13.35 35.21 5.57
C GLU C 281 -14.43 34.57 4.69
N ILE C 282 -15.23 33.70 5.29
CA ILE C 282 -16.31 33.01 4.60
C ILE C 282 -17.38 33.96 4.08
N GLN C 283 -17.82 34.88 4.93
CA GLN C 283 -18.85 35.85 4.55
C GLN C 283 -18.38 36.80 3.46
N GLU C 284 -17.10 37.19 3.50
CA GLU C 284 -16.54 38.10 2.51
C GLU C 284 -16.46 37.45 1.13
N VAL C 285 -16.16 36.16 1.09
CA VAL C 285 -16.12 35.41 -0.16
C VAL C 285 -17.54 35.27 -0.72
N ARG C 286 -18.51 35.08 0.18
CA ARG C 286 -19.90 34.91 -0.22
C ARG C 286 -20.52 36.20 -0.75
N SER C 287 -20.09 37.34 -0.22
CA SER C 287 -20.64 38.63 -0.61
C SER C 287 -19.93 39.28 -1.82
N LYS C 288 -18.72 38.83 -2.13
CA LYS C 288 -17.97 39.42 -3.23
C LYS C 288 -17.87 38.49 -4.44
N SER C 289 -17.82 37.19 -4.18
CA SER C 289 -17.52 36.22 -5.25
C SER C 289 -18.48 35.04 -5.37
N ASP C 290 -19.68 35.14 -4.80
CA ASP C 290 -20.66 34.07 -4.97
C ASP C 290 -21.01 33.82 -6.44
N PRO C 291 -20.77 32.59 -6.91
CA PRO C 291 -20.90 32.18 -8.31
C PRO C 291 -22.30 32.35 -8.87
N ILE C 292 -23.31 32.14 -8.05
CA ILE C 292 -24.68 32.33 -8.50
C ILE C 292 -25.01 33.82 -8.62
N MET C 293 -24.62 34.58 -7.61
CA MET C 293 -24.85 36.04 -7.58
C MET C 293 -24.16 36.74 -8.74
N LEU C 294 -22.94 36.31 -9.06
CA LEU C 294 -22.19 36.92 -10.15
C LEU C 294 -22.94 36.72 -11.47
N LEU C 295 -23.39 35.49 -11.71
CA LEU C 295 -24.15 35.19 -12.93
C LEU C 295 -25.48 35.94 -12.96
N LYS C 296 -26.19 35.94 -11.83
CA LYS C 296 -27.46 36.64 -11.71
C LYS C 296 -27.36 38.10 -12.15
N ASP C 297 -26.36 38.82 -11.64
CA ASP C 297 -26.14 40.21 -12.00
C ASP C 297 -25.83 40.39 -13.48
N ARG C 298 -25.01 39.50 -14.02
CA ARG C 298 -24.62 39.55 -15.43
C ARG C 298 -25.83 39.44 -16.34
N MET C 299 -26.68 38.45 -16.09
CA MET C 299 -27.83 38.24 -16.96
C MET C 299 -28.88 39.34 -16.88
N VAL C 300 -29.06 39.92 -15.70
CA VAL C 300 -30.05 40.99 -15.54
C VAL C 300 -29.55 42.31 -16.14
N ASN C 301 -28.30 42.65 -15.88
CA ASN C 301 -27.72 43.92 -16.32
C ASN C 301 -27.36 43.97 -17.81
N SER C 302 -27.42 42.83 -18.49
CA SER C 302 -27.12 42.77 -19.92
C SER C 302 -28.34 42.34 -20.72
N ASN C 303 -29.51 42.40 -20.09
CA ASN C 303 -30.78 42.07 -20.74
C ASN C 303 -30.83 40.67 -21.34
N LEU C 304 -30.34 39.69 -20.60
CA LEU C 304 -30.40 38.30 -21.02
C LEU C 304 -31.61 37.62 -20.40
N ALA C 305 -32.03 38.14 -19.24
CA ALA C 305 -33.20 37.64 -18.53
C ALA C 305 -33.73 38.68 -17.56
N SER C 306 -34.97 38.51 -17.11
CA SER C 306 -35.58 39.45 -16.18
C SER C 306 -35.54 38.92 -14.75
N VAL C 307 -35.66 39.82 -13.78
CA VAL C 307 -35.71 39.46 -12.36
C VAL C 307 -36.87 38.49 -12.09
N GLU C 308 -37.99 38.68 -12.79
CA GLU C 308 -39.16 37.82 -12.61
C GLU C 308 -38.92 36.40 -13.12
N GLU C 309 -38.25 36.28 -14.26
CA GLU C 309 -37.97 34.97 -14.85
C GLU C 309 -37.07 34.14 -13.94
N LEU C 310 -36.11 34.81 -13.30
CA LEU C 310 -35.19 34.11 -12.41
C LEU C 310 -35.88 33.75 -11.12
N LYS C 311 -36.73 34.65 -10.63
CA LYS C 311 -37.53 34.37 -9.45
C LYS C 311 -38.44 33.18 -9.75
N GLU C 312 -38.89 33.08 -10.99
CA GLU C 312 -39.72 31.96 -11.42
C GLU C 312 -38.96 30.64 -11.34
N ILE C 313 -37.74 30.63 -11.87
CA ILE C 313 -36.89 29.45 -11.85
C ILE C 313 -36.59 28.99 -10.43
N ASP C 314 -36.37 29.95 -9.53
CA ASP C 314 -36.10 29.65 -8.13
C ASP C 314 -37.24 28.86 -7.50
N VAL C 315 -38.48 29.24 -7.82
CA VAL C 315 -39.66 28.60 -7.26
C VAL C 315 -39.78 27.14 -7.70
N GLU C 316 -39.56 26.88 -8.99
CA GLU C 316 -39.62 25.52 -9.53
C GLU C 316 -38.53 24.62 -8.95
N VAL C 317 -37.33 25.18 -8.77
CA VAL C 317 -36.21 24.45 -8.21
C VAL C 317 -36.48 24.10 -6.75
N ARG C 318 -37.04 25.06 -6.01
CA ARG C 318 -37.41 24.82 -4.63
C ARG C 318 -38.43 23.69 -4.56
N LYS C 319 -39.38 23.72 -5.49
CA LYS C 319 -40.41 22.68 -5.54
C LYS C 319 -39.79 21.31 -5.81
N GLU C 320 -38.89 21.27 -6.80
CA GLU C 320 -38.19 20.05 -7.15
C GLU C 320 -37.41 19.47 -5.97
N ILE C 321 -36.65 20.30 -5.26
CA ILE C 321 -35.88 19.83 -4.12
C ILE C 321 -36.77 19.33 -2.99
N GLU C 322 -37.91 19.99 -2.78
CA GLU C 322 -38.86 19.59 -1.74
C GLU C 322 -39.52 18.26 -2.06
N ASP C 323 -39.92 18.08 -3.32
CA ASP C 323 -40.51 16.83 -3.76
C ASP C 323 -39.51 15.67 -3.63
N ALA C 324 -38.24 15.95 -3.89
CA ALA C 324 -37.21 14.93 -3.76
C ALA C 324 -36.96 14.56 -2.30
N ALA C 325 -36.99 15.56 -1.41
CA ALA C 325 -36.78 15.30 0.00
C ALA C 325 -37.92 14.46 0.62
N GLN C 326 -39.14 14.68 0.16
CA GLN C 326 -40.28 13.90 0.64
C GLN C 326 -40.14 12.45 0.16
N PHE C 327 -39.65 12.29 -1.06
CA PHE C 327 -39.39 10.96 -1.61
C PHE C 327 -38.34 10.25 -0.78
N ALA C 328 -37.27 10.98 -0.46
CA ALA C 328 -36.14 10.43 0.29
C ALA C 328 -36.50 10.07 1.74
N THR C 329 -37.41 10.84 2.34
CA THR C 329 -37.80 10.57 3.73
C THR C 329 -38.75 9.38 3.81
N ALA C 330 -39.64 9.25 2.82
CA ALA C 330 -40.69 8.24 2.88
C ALA C 330 -40.35 6.93 2.16
N ASP C 331 -39.34 6.94 1.28
CA ASP C 331 -38.96 5.74 0.54
C ASP C 331 -38.48 4.67 1.50
N PRO C 332 -38.90 3.42 1.28
CA PRO C 332 -38.49 2.32 2.17
C PRO C 332 -36.99 2.03 2.11
N GLU C 333 -36.47 1.58 3.24
CA GLU C 333 -35.09 1.12 3.34
C GLU C 333 -34.96 -0.13 2.47
N PRO C 334 -33.72 -0.49 2.09
CA PRO C 334 -33.51 -1.75 1.37
C PRO C 334 -33.94 -2.95 2.20
N PRO C 335 -34.50 -3.98 1.54
CA PRO C 335 -34.88 -5.22 2.22
C PRO C 335 -33.63 -5.95 2.72
N LEU C 336 -33.69 -6.48 3.94
CA LEU C 336 -32.54 -7.14 4.54
C LEU C 336 -32.06 -8.35 3.73
N GLU C 337 -32.98 -8.98 3.02
CA GLU C 337 -32.67 -10.16 2.21
C GLU C 337 -31.71 -9.85 1.06
N GLU C 338 -31.49 -8.57 0.80
CA GLU C 338 -30.65 -8.14 -0.32
C GLU C 338 -29.30 -7.61 0.13
N LEU C 339 -28.95 -7.90 1.39
CA LEU C 339 -27.68 -7.46 1.97
C LEU C 339 -26.48 -7.95 1.17
N GLY C 340 -26.54 -9.21 0.73
CA GLY C 340 -25.43 -9.85 0.05
C GLY C 340 -25.45 -9.65 -1.45
N TYR C 341 -26.45 -8.95 -1.95
CA TYR C 341 -26.54 -8.72 -3.38
C TYR C 341 -25.35 -7.90 -3.90
N HIS C 342 -24.97 -8.16 -5.14
CA HIS C 342 -23.98 -7.38 -5.89
C HIS C 342 -22.53 -7.47 -5.39
N ILE C 343 -22.11 -8.64 -4.91
CA ILE C 343 -20.70 -8.85 -4.57
C ILE C 343 -19.88 -9.14 -5.81
N TYR C 344 -20.39 -10.04 -6.65
CA TYR C 344 -19.73 -10.39 -7.90
C TYR C 344 -20.62 -10.09 -9.08
N SER C 345 -20.02 -9.73 -10.21
CA SER C 345 -20.76 -9.54 -11.46
C SER C 345 -20.73 -10.81 -12.31
N SER C 346 -21.85 -11.08 -12.98
CA SER C 346 -21.96 -12.19 -13.95
C SER C 346 -21.75 -13.57 -13.35
N ASP C 347 -22.19 -13.77 -12.12
CA ASP C 347 -22.06 -15.06 -11.46
C ASP C 347 -23.43 -15.67 -11.11
N PRO C 348 -23.52 -17.01 -11.14
CA PRO C 348 -24.73 -17.65 -10.61
C PRO C 348 -24.83 -17.38 -9.12
N PRO C 349 -26.06 -17.29 -8.58
CA PRO C 349 -26.26 -17.00 -7.16
C PRO C 349 -25.58 -18.00 -6.22
N PHE C 350 -25.24 -17.51 -5.02
CA PHE C 350 -24.59 -18.29 -3.99
C PHE C 350 -24.94 -17.70 -2.62
N GLU C 351 -24.46 -18.31 -1.53
CA GLU C 351 -24.80 -17.80 -0.20
C GLU C 351 -23.60 -17.20 0.52
N VAL C 352 -23.87 -16.14 1.29
CA VAL C 352 -22.83 -15.42 2.01
C VAL C 352 -23.06 -15.48 3.53
N ARG C 353 -21.97 -15.62 4.28
CA ARG C 353 -22.06 -15.73 5.73
C ARG C 353 -22.39 -14.41 6.41
N GLY C 354 -23.26 -14.48 7.41
CA GLY C 354 -23.62 -13.32 8.22
C GLY C 354 -22.81 -13.22 9.50
N ALA C 355 -23.47 -12.75 10.57
CA ALA C 355 -22.83 -12.55 11.86
C ALA C 355 -22.37 -13.85 12.52
N ASN C 356 -23.10 -14.93 12.27
CA ASN C 356 -22.64 -16.26 12.66
C ASN C 356 -22.90 -17.26 11.55
N GLN C 357 -22.37 -18.47 11.69
CA GLN C 357 -22.49 -19.49 10.65
C GLN C 357 -23.92 -19.91 10.31
N TRP C 358 -24.89 -19.55 11.14
CA TRP C 358 -26.28 -19.91 10.90
C TRP C 358 -27.07 -18.82 10.20
N ILE C 359 -26.46 -17.66 10.03
CA ILE C 359 -27.09 -16.58 9.28
C ILE C 359 -26.51 -16.56 7.87
N LYS C 360 -27.37 -16.85 6.89
CA LYS C 360 -26.94 -16.90 5.49
C LYS C 360 -27.76 -15.92 4.64
N PHE C 361 -27.06 -15.17 3.80
CA PHE C 361 -27.70 -14.22 2.91
C PHE C 361 -27.51 -14.65 1.46
N LYS C 362 -28.56 -14.53 0.66
CA LYS C 362 -28.46 -14.87 -0.75
C LYS C 362 -27.75 -13.74 -1.51
N SER C 363 -26.82 -14.12 -2.38
CA SER C 363 -26.06 -13.15 -3.14
C SER C 363 -26.30 -13.30 -4.64
N VAL C 364 -26.96 -12.30 -5.22
CA VAL C 364 -27.33 -12.32 -6.62
C VAL C 364 -26.58 -11.20 -7.33
N SER C 365 -26.00 -11.52 -8.48
CA SER C 365 -25.22 -10.55 -9.25
C SER C 365 -26.06 -9.40 -9.79
N SER D 12 0.32 -35.24 -24.44
CA SER D 12 1.10 -35.25 -25.67
C SER D 12 2.53 -34.79 -25.44
N LEU D 13 2.69 -33.50 -25.18
CA LEU D 13 4.00 -32.91 -24.95
C LEU D 13 4.18 -32.47 -23.51
N GLN D 14 5.42 -32.22 -23.11
CA GLN D 14 5.73 -31.62 -21.83
C GLN D 14 5.65 -30.10 -22.01
N VAL D 15 4.83 -29.45 -21.18
CA VAL D 15 4.71 -28.00 -21.19
C VAL D 15 4.96 -27.43 -19.81
N THR D 16 5.82 -26.43 -19.72
CA THR D 16 6.15 -25.84 -18.43
C THR D 16 5.05 -24.89 -17.97
N VAL D 17 4.96 -24.69 -16.67
CA VAL D 17 3.99 -23.77 -16.08
C VAL D 17 4.10 -22.38 -16.70
N ARG D 18 5.34 -21.92 -16.89
CA ARG D 18 5.63 -20.65 -17.54
C ARG D 18 4.99 -20.58 -18.93
N ASP D 19 5.27 -21.58 -19.76
CA ASP D 19 4.72 -21.64 -21.10
C ASP D 19 3.20 -21.83 -21.10
N ALA D 20 2.69 -22.50 -20.06
CA ALA D 20 1.25 -22.71 -19.93
C ALA D 20 0.53 -21.39 -19.67
N ILE D 21 1.05 -20.60 -18.74
CA ILE D 21 0.47 -19.30 -18.44
C ILE D 21 0.50 -18.45 -19.69
N ASN D 22 1.66 -18.45 -20.35
CA ASN D 22 1.86 -17.69 -21.57
C ASN D 22 0.83 -18.03 -22.65
N GLN D 23 0.62 -19.32 -22.84
CA GLN D 23 -0.34 -19.82 -23.81
C GLN D 23 -1.73 -19.27 -23.47
N GLY D 24 -2.08 -19.32 -22.19
CA GLY D 24 -3.34 -18.79 -21.73
C GLY D 24 -3.55 -17.33 -22.07
N MET D 25 -2.62 -16.48 -21.65
CA MET D 25 -2.72 -15.05 -21.93
C MET D 25 -2.74 -14.77 -23.42
N ASP D 26 -1.97 -15.54 -24.18
CA ASP D 26 -1.92 -15.40 -25.62
C ASP D 26 -3.30 -15.67 -26.23
N GLU D 27 -3.95 -16.75 -25.78
CA GLU D 27 -5.25 -17.12 -26.32
C GLU D 27 -6.35 -16.11 -25.94
N GLU D 28 -6.29 -15.58 -24.73
CA GLU D 28 -7.28 -14.61 -24.30
C GLU D 28 -7.09 -13.25 -24.96
N LEU D 29 -5.84 -12.88 -25.24
CA LEU D 29 -5.55 -11.64 -25.94
C LEU D 29 -6.10 -11.66 -27.36
N GLU D 30 -5.98 -12.80 -28.03
CA GLU D 30 -6.46 -12.93 -29.40
C GLU D 30 -7.99 -12.94 -29.47
N ARG D 31 -8.60 -13.51 -28.43
CA ARG D 31 -10.05 -13.66 -28.35
C ARG D 31 -10.79 -12.34 -28.13
N ASP D 32 -10.20 -11.44 -27.33
CA ASP D 32 -10.85 -10.18 -26.99
C ASP D 32 -9.90 -9.01 -27.12
N GLU D 33 -10.23 -8.08 -28.02
CA GLU D 33 -9.39 -6.91 -28.27
C GLU D 33 -9.32 -5.97 -27.07
N LYS D 34 -10.22 -6.17 -26.11
CA LYS D 34 -10.28 -5.31 -24.94
C LYS D 34 -9.29 -5.72 -23.86
N VAL D 35 -8.74 -6.93 -23.99
CA VAL D 35 -7.77 -7.44 -23.03
C VAL D 35 -6.40 -6.86 -23.34
N PHE D 36 -5.66 -6.49 -22.30
CA PHE D 36 -4.28 -6.05 -22.48
C PHE D 36 -3.45 -6.26 -21.22
N LEU D 37 -2.13 -6.28 -21.38
CA LEU D 37 -1.22 -6.56 -20.28
C LEU D 37 -0.33 -5.35 -20.01
N LEU D 38 -0.14 -5.02 -18.74
CA LEU D 38 0.79 -3.96 -18.35
C LEU D 38 1.56 -4.31 -17.09
N GLY D 39 2.74 -3.73 -16.98
CA GLY D 39 3.60 -3.97 -15.84
C GLY D 39 5.04 -3.74 -16.22
N GLU D 40 5.93 -3.87 -15.24
CA GLU D 40 7.34 -3.66 -15.47
C GLU D 40 7.91 -4.81 -16.27
N GLU D 41 8.63 -4.46 -17.33
CA GLU D 41 9.38 -5.43 -18.13
C GLU D 41 8.55 -6.52 -18.81
N VAL D 42 7.25 -6.31 -18.96
CA VAL D 42 6.40 -7.33 -19.57
C VAL D 42 6.57 -7.39 -21.08
N ALA D 43 7.03 -6.28 -21.68
CA ALA D 43 7.06 -6.19 -23.13
C ALA D 43 8.41 -6.48 -23.74
N GLN D 44 9.23 -5.44 -23.89
CA GLN D 44 10.49 -5.54 -24.61
C GLN D 44 11.52 -6.46 -23.94
N TYR D 45 11.37 -6.66 -22.64
CA TYR D 45 12.29 -7.50 -21.87
C TYR D 45 11.89 -8.97 -21.97
N ASP D 46 10.72 -9.21 -22.56
CA ASP D 46 10.13 -10.55 -22.68
C ASP D 46 9.71 -11.14 -21.33
N GLY D 47 9.49 -10.27 -20.35
CA GLY D 47 9.08 -10.72 -19.03
C GLY D 47 10.24 -10.93 -18.07
N ALA D 48 10.06 -10.47 -16.83
CA ALA D 48 11.07 -10.58 -15.80
C ALA D 48 11.41 -12.03 -15.51
N TYR D 49 10.41 -12.89 -15.71
CA TYR D 49 10.60 -14.32 -15.56
C TYR D 49 10.15 -15.03 -16.83
N LYS D 50 10.24 -14.29 -17.95
CA LYS D 50 9.99 -14.83 -19.28
C LYS D 50 8.59 -15.42 -19.46
N VAL D 51 7.66 -14.99 -18.61
CA VAL D 51 6.29 -15.48 -18.67
C VAL D 51 5.56 -14.88 -19.86
N SER D 52 5.84 -13.61 -20.15
CA SER D 52 5.17 -12.91 -21.24
C SER D 52 5.96 -12.90 -22.54
N ARG D 53 6.90 -13.85 -22.66
CA ARG D 53 7.78 -13.95 -23.82
C ARG D 53 7.00 -13.94 -25.14
N GLY D 54 7.47 -13.12 -26.07
CA GLY D 54 6.90 -13.06 -27.42
C GLY D 54 5.63 -12.25 -27.59
N LEU D 55 4.99 -11.86 -26.49
CA LEU D 55 3.69 -11.21 -26.58
C LEU D 55 3.75 -9.80 -27.18
N TRP D 56 4.71 -9.00 -26.75
CA TRP D 56 4.83 -7.64 -27.27
C TRP D 56 5.17 -7.66 -28.74
N LYS D 57 5.96 -8.65 -29.13
CA LYS D 57 6.34 -8.84 -30.51
C LYS D 57 5.09 -9.09 -31.35
N LYS D 58 4.21 -9.92 -30.82
CA LYS D 58 3.00 -10.32 -31.52
C LYS D 58 1.90 -9.25 -31.50
N TYR D 59 1.82 -8.48 -30.42
CA TYR D 59 0.69 -7.56 -30.25
C TYR D 59 1.01 -6.07 -30.27
N GLY D 60 2.26 -5.70 -29.93
CA GLY D 60 2.69 -4.32 -30.04
C GLY D 60 2.45 -3.43 -28.82
N ASP D 61 2.90 -2.18 -28.93
CA ASP D 61 2.85 -1.18 -27.85
C ASP D 61 1.50 -1.02 -27.18
N LYS D 62 0.43 -1.20 -27.95
CA LYS D 62 -0.93 -0.98 -27.45
C LYS D 62 -1.42 -2.09 -26.50
N ARG D 63 -1.08 -3.34 -26.80
CA ARG D 63 -1.61 -4.46 -26.04
C ARG D 63 -0.70 -4.88 -24.89
N ILE D 64 0.61 -4.71 -25.06
CA ILE D 64 1.58 -5.11 -24.06
C ILE D 64 2.41 -3.90 -23.65
N ILE D 65 2.17 -3.41 -22.44
CA ILE D 65 2.69 -2.10 -22.04
C ILE D 65 3.70 -2.15 -20.89
N ASP D 66 4.94 -1.78 -21.19
CA ASP D 66 5.95 -1.58 -20.15
C ASP D 66 5.61 -0.31 -19.41
N THR D 67 5.67 -0.37 -18.08
CA THR D 67 5.37 0.78 -17.24
C THR D 67 6.58 1.14 -16.38
N PRO D 68 6.63 2.39 -15.90
CA PRO D 68 7.64 2.73 -14.90
C PRO D 68 7.36 1.99 -13.61
N ILE D 69 8.29 2.07 -12.66
CA ILE D 69 8.13 1.39 -11.39
C ILE D 69 7.20 2.21 -10.52
N SER D 70 5.90 2.08 -10.78
CA SER D 70 4.89 2.88 -10.10
C SER D 70 3.67 2.04 -9.79
N GLU D 71 3.85 1.11 -8.84
CA GLU D 71 2.81 0.15 -8.48
C GLU D 71 1.43 0.76 -8.26
N MET D 72 1.29 1.63 -7.27
CA MET D 72 0.02 2.27 -6.99
C MET D 72 -0.52 2.92 -8.26
N GLY D 73 0.36 3.55 -9.02
CA GLY D 73 -0.02 4.21 -10.24
C GLY D 73 -0.54 3.31 -11.34
N PHE D 74 0.20 2.29 -11.73
CA PHE D 74 -0.24 1.47 -12.85
C PHE D 74 -1.33 0.46 -12.47
N ALA D 75 -1.43 0.15 -11.19
CA ALA D 75 -2.54 -0.66 -10.71
C ALA D 75 -3.81 0.19 -10.73
N GLY D 76 -3.68 1.45 -10.31
CA GLY D 76 -4.79 2.38 -10.36
C GLY D 76 -5.24 2.60 -11.79
N ILE D 77 -4.28 2.78 -12.68
CA ILE D 77 -4.58 3.00 -14.09
C ILE D 77 -5.32 1.80 -14.65
N ALA D 78 -4.88 0.61 -14.25
CA ALA D 78 -5.51 -0.60 -14.73
C ALA D 78 -6.97 -0.69 -14.27
N VAL D 79 -7.22 -0.40 -12.99
CA VAL D 79 -8.58 -0.49 -12.46
C VAL D 79 -9.47 0.48 -13.20
N GLY D 80 -8.94 1.67 -13.46
CA GLY D 80 -9.63 2.69 -14.23
C GLY D 80 -10.01 2.23 -15.62
N ALA D 81 -9.06 1.63 -16.33
CA ALA D 81 -9.35 1.10 -17.66
C ALA D 81 -10.47 0.06 -17.57
N ALA D 82 -10.41 -0.79 -16.54
CA ALA D 82 -11.45 -1.79 -16.31
C ALA D 82 -12.83 -1.14 -16.08
N MET D 83 -12.88 -0.10 -15.25
CA MET D 83 -14.13 0.63 -15.06
C MET D 83 -14.66 1.20 -16.37
N ALA D 84 -13.76 1.53 -17.29
CA ALA D 84 -14.15 2.16 -18.54
C ALA D 84 -14.56 1.16 -19.60
N GLY D 85 -14.49 -0.13 -19.25
CA GLY D 85 -14.92 -1.19 -20.13
C GLY D 85 -13.82 -2.10 -20.66
N LEU D 86 -12.57 -1.77 -20.37
CA LEU D 86 -11.46 -2.63 -20.79
C LEU D 86 -11.22 -3.77 -19.81
N ARG D 87 -10.41 -4.74 -20.22
CA ARG D 87 -10.15 -5.92 -19.39
C ARG D 87 -8.66 -6.17 -19.22
N PRO D 88 -8.01 -5.36 -18.36
CA PRO D 88 -6.54 -5.39 -18.24
C PRO D 88 -6.03 -6.55 -17.40
N ILE D 89 -4.74 -6.84 -17.59
CA ILE D 89 -4.04 -7.83 -16.79
C ILE D 89 -2.86 -7.10 -16.19
N CYS D 90 -2.93 -6.83 -14.90
CA CYS D 90 -1.90 -6.08 -14.21
C CYS D 90 -0.90 -7.03 -13.55
N GLU D 91 0.36 -6.98 -13.98
CA GLU D 91 1.40 -7.83 -13.40
C GLU D 91 2.25 -7.12 -12.36
N PHE D 92 2.40 -7.75 -11.20
CA PHE D 92 3.35 -7.32 -10.20
C PHE D 92 4.55 -8.25 -10.29
N MET D 93 5.75 -7.69 -10.42
CA MET D 93 6.95 -8.50 -10.62
C MET D 93 7.08 -9.61 -9.57
N THR D 94 6.68 -9.29 -8.35
CA THR D 94 6.35 -10.28 -7.31
C THR D 94 5.25 -9.63 -6.47
N PHE D 95 4.47 -10.45 -5.77
CA PHE D 95 3.37 -9.89 -4.98
C PHE D 95 3.83 -9.11 -3.75
N ASN D 96 5.11 -9.20 -3.43
CA ASN D 96 5.70 -8.37 -2.38
C ASN D 96 5.53 -6.89 -2.72
N PHE D 97 5.58 -6.60 -4.02
CA PHE D 97 5.48 -5.24 -4.51
C PHE D 97 4.03 -4.81 -4.61
N SER D 98 3.11 -5.77 -4.53
CA SER D 98 1.68 -5.44 -4.57
C SER D 98 1.26 -4.64 -3.34
N MET D 99 2.06 -4.69 -2.28
CA MET D 99 1.70 -3.97 -1.06
C MET D 99 1.59 -2.46 -1.27
N GLN D 100 2.33 -1.92 -2.25
CA GLN D 100 2.26 -0.50 -2.54
C GLN D 100 0.94 -0.13 -3.19
N ALA D 101 0.33 -1.10 -3.86
CA ALA D 101 -0.88 -0.86 -4.63
C ALA D 101 -2.07 -1.60 -4.05
N ILE D 102 -1.91 -2.16 -2.86
CA ILE D 102 -2.96 -3.00 -2.28
C ILE D 102 -4.26 -2.21 -2.01
N ASP D 103 -4.14 -0.90 -1.82
CA ASP D 103 -5.32 -0.08 -1.62
C ASP D 103 -6.15 -0.03 -2.91
N GLN D 104 -5.45 -0.01 -4.05
CA GLN D 104 -6.12 -0.03 -5.34
C GLN D 104 -6.82 -1.37 -5.61
N VAL D 105 -6.22 -2.46 -5.13
CA VAL D 105 -6.78 -3.80 -5.31
C VAL D 105 -8.04 -4.00 -4.46
N ILE D 106 -7.97 -3.56 -3.21
CA ILE D 106 -9.08 -3.73 -2.28
C ILE D 106 -10.14 -2.63 -2.41
N ASN D 107 -9.72 -1.37 -2.24
CA ASN D 107 -10.68 -0.26 -2.19
C ASN D 107 -11.22 0.26 -3.53
N SER D 108 -10.40 0.23 -4.58
CA SER D 108 -10.87 0.66 -5.89
C SER D 108 -11.51 -0.47 -6.71
N ALA D 109 -11.05 -1.70 -6.49
CA ALA D 109 -11.47 -2.81 -7.36
C ALA D 109 -12.46 -3.79 -6.73
N ALA D 110 -12.07 -4.39 -5.61
CA ALA D 110 -12.88 -5.41 -4.94
C ALA D 110 -14.27 -4.94 -4.50
N LYS D 111 -14.36 -3.75 -3.94
CA LYS D 111 -15.59 -3.29 -3.28
C LYS D 111 -16.55 -2.52 -4.18
N THR D 112 -16.06 -2.09 -5.34
CA THR D 112 -16.81 -1.18 -6.21
C THR D 112 -18.16 -1.71 -6.69
N TYR D 113 -18.19 -2.94 -7.17
CA TYR D 113 -19.45 -3.52 -7.63
C TYR D 113 -20.52 -3.47 -6.53
N TYR D 114 -20.15 -3.86 -5.31
CA TYR D 114 -21.06 -3.80 -4.18
C TYR D 114 -21.47 -2.37 -3.83
N MET D 115 -20.49 -1.48 -3.70
CA MET D 115 -20.75 -0.09 -3.31
C MET D 115 -21.59 0.64 -4.34
N SER D 116 -21.47 0.20 -5.59
CA SER D 116 -22.20 0.83 -6.69
C SER D 116 -23.61 0.29 -6.82
N GLY D 117 -23.92 -0.77 -6.07
CA GLY D 117 -25.22 -1.41 -6.16
C GLY D 117 -25.39 -2.18 -7.46
N GLY D 118 -24.28 -2.69 -8.00
CA GLY D 118 -24.31 -3.53 -9.17
C GLY D 118 -24.23 -2.79 -10.50
N LEU D 119 -23.84 -1.52 -10.47
CA LEU D 119 -23.78 -0.71 -11.68
C LEU D 119 -22.41 -0.71 -12.34
N GLN D 120 -21.38 -1.02 -11.56
CA GLN D 120 -20.01 -0.90 -12.02
C GLN D 120 -19.17 -2.13 -11.71
N PRO D 121 -18.97 -2.99 -12.72
CA PRO D 121 -18.12 -4.16 -12.56
C PRO D 121 -16.67 -3.79 -12.82
N VAL D 122 -15.74 -4.56 -12.27
CA VAL D 122 -14.32 -4.28 -12.48
C VAL D 122 -13.58 -5.52 -12.96
N PRO D 123 -13.68 -5.82 -14.28
CA PRO D 123 -13.05 -7.01 -14.86
C PRO D 123 -11.54 -6.86 -15.00
N ILE D 124 -10.84 -7.03 -13.89
CA ILE D 124 -9.39 -6.93 -13.88
C ILE D 124 -8.79 -8.23 -13.32
N VAL D 125 -7.51 -8.44 -13.61
CA VAL D 125 -6.74 -9.58 -13.13
C VAL D 125 -5.39 -9.10 -12.62
N PHE D 126 -5.05 -9.45 -11.39
CA PHE D 126 -3.73 -9.14 -10.87
C PHE D 126 -2.94 -10.44 -10.78
N ARG D 127 -1.85 -10.53 -11.52
CA ARG D 127 -1.07 -11.77 -11.50
C ARG D 127 0.43 -11.53 -11.28
N GLY D 128 1.13 -12.59 -10.88
CA GLY D 128 2.54 -12.52 -10.61
C GLY D 128 2.96 -13.57 -9.59
N PRO D 129 4.27 -13.79 -9.45
CA PRO D 129 4.73 -14.83 -8.52
C PRO D 129 4.55 -14.39 -7.08
N ASN D 130 4.10 -15.33 -6.26
CA ASN D 130 3.82 -15.10 -4.85
C ASN D 130 4.64 -16.09 -4.04
N GLY D 131 5.00 -15.71 -2.81
CA GLY D 131 5.61 -16.65 -1.90
C GLY D 131 7.11 -16.81 -2.03
N ALA D 132 7.62 -17.92 -1.50
CA ALA D 132 9.04 -18.16 -1.38
C ALA D 132 9.69 -18.53 -2.71
N SER D 133 10.92 -18.05 -2.89
CA SER D 133 11.69 -18.37 -4.08
C SER D 133 12.96 -19.09 -3.63
N ALA D 134 14.12 -18.64 -4.11
CA ALA D 134 15.37 -19.26 -3.67
C ALA D 134 16.44 -18.21 -3.34
N GLY D 135 16.62 -17.96 -2.05
CA GLY D 135 17.67 -17.07 -1.58
C GLY D 135 17.40 -15.59 -1.81
N VAL D 136 16.13 -15.21 -1.90
CA VAL D 136 15.76 -13.82 -2.16
C VAL D 136 15.49 -13.00 -0.89
N ALA D 137 15.55 -13.66 0.26
CA ALA D 137 15.42 -12.99 1.58
C ALA D 137 14.03 -12.41 1.89
N ALA D 138 13.95 -11.71 3.04
CA ALA D 138 12.69 -11.30 3.66
C ALA D 138 11.70 -10.44 2.85
N GLN D 139 12.20 -9.46 2.11
CA GLN D 139 11.30 -8.56 1.41
C GLN D 139 10.80 -9.11 0.08
N HIS D 140 11.31 -10.27 -0.30
CA HIS D 140 10.95 -10.86 -1.59
C HIS D 140 10.38 -12.28 -1.54
N SER D 141 10.04 -12.76 -0.34
CA SER D 141 9.60 -14.15 -0.16
C SER D 141 8.18 -14.32 0.38
N GLN D 142 7.50 -13.21 0.63
CA GLN D 142 6.22 -13.24 1.36
C GLN D 142 5.06 -13.84 0.56
N CYS D 143 4.29 -14.70 1.20
CA CYS D 143 3.07 -15.25 0.61
C CYS D 143 1.84 -14.40 1.01
N PHE D 144 0.97 -14.11 0.04
CA PHE D 144 -0.15 -13.21 0.27
C PHE D 144 -1.53 -13.85 0.14
N ALA D 145 -1.60 -15.17 0.18
CA ALA D 145 -2.88 -15.88 0.03
C ALA D 145 -3.89 -15.52 1.11
N ALA D 146 -3.46 -15.56 2.36
CA ALA D 146 -4.35 -15.26 3.48
C ALA D 146 -4.83 -13.81 3.45
N TRP D 147 -3.92 -12.90 3.10
CA TRP D 147 -4.26 -11.49 2.99
C TRP D 147 -5.36 -11.23 1.97
N TYR D 148 -5.17 -11.70 0.74
CA TYR D 148 -6.14 -11.45 -0.31
C TYR D 148 -7.39 -12.31 -0.18
N GLY D 149 -7.27 -13.47 0.46
CA GLY D 149 -8.40 -14.36 0.64
C GLY D 149 -9.36 -13.83 1.68
N HIS D 150 -8.90 -12.86 2.45
CA HIS D 150 -9.67 -12.23 3.52
C HIS D 150 -10.78 -11.33 2.97
N CYS D 151 -10.65 -10.88 1.72
CA CYS D 151 -11.44 -9.74 1.22
C CYS D 151 -12.64 -10.04 0.32
N PRO D 152 -13.85 -9.71 0.79
CA PRO D 152 -15.08 -9.83 0.00
C PRO D 152 -14.98 -8.99 -1.27
N GLY D 153 -15.39 -9.57 -2.40
CA GLY D 153 -15.33 -8.85 -3.66
C GLY D 153 -14.17 -9.28 -4.54
N LEU D 154 -13.18 -9.95 -3.93
CA LEU D 154 -12.09 -10.53 -4.67
C LEU D 154 -12.33 -12.01 -4.92
N LYS D 155 -11.64 -12.52 -5.92
CA LYS D 155 -11.48 -13.95 -6.09
C LYS D 155 -9.98 -14.16 -6.14
N VAL D 156 -9.50 -15.18 -5.44
CA VAL D 156 -8.07 -15.45 -5.38
C VAL D 156 -7.77 -16.89 -5.81
N VAL D 157 -6.80 -17.06 -6.70
CA VAL D 157 -6.39 -18.39 -7.12
C VAL D 157 -4.88 -18.59 -7.01
N SER D 158 -4.46 -19.85 -6.94
CA SER D 158 -3.08 -20.19 -6.62
C SER D 158 -2.66 -21.48 -7.33
N PRO D 159 -2.40 -21.40 -8.64
CA PRO D 159 -2.14 -22.59 -9.45
C PRO D 159 -0.92 -23.38 -8.98
N TRP D 160 -0.83 -24.63 -9.38
CA TRP D 160 0.34 -25.44 -9.06
C TRP D 160 1.02 -25.93 -10.33
N ASN D 161 0.37 -26.83 -11.04
CA ASN D 161 0.95 -27.38 -12.25
C ASN D 161 0.54 -26.58 -13.47
N SER D 162 0.90 -27.09 -14.65
CA SER D 162 0.63 -26.40 -15.89
C SER D 162 -0.87 -26.30 -16.19
N GLU D 163 -1.60 -27.39 -15.97
CA GLU D 163 -3.05 -27.37 -16.17
C GLU D 163 -3.72 -26.30 -15.31
N ASP D 164 -3.37 -26.25 -14.02
CA ASP D 164 -3.90 -25.21 -13.13
C ASP D 164 -3.62 -23.85 -13.72
N ALA D 165 -2.34 -23.60 -14.01
CA ALA D 165 -1.89 -22.30 -14.49
C ALA D 165 -2.67 -21.79 -15.71
N LYS D 166 -2.74 -22.60 -16.75
CA LYS D 166 -3.44 -22.19 -17.96
C LYS D 166 -4.95 -22.00 -17.74
N GLY D 167 -5.57 -22.98 -17.10
CA GLY D 167 -7.01 -22.95 -16.85
C GLY D 167 -7.44 -21.81 -15.95
N LEU D 168 -6.69 -21.58 -14.88
CA LEU D 168 -7.03 -20.53 -13.93
C LEU D 168 -6.84 -19.13 -14.51
N ILE D 169 -5.74 -18.93 -15.24
CA ILE D 169 -5.48 -17.62 -15.84
C ILE D 169 -6.56 -17.26 -16.87
N LYS D 170 -7.07 -18.25 -17.58
CA LYS D 170 -8.10 -18.00 -18.57
C LYS D 170 -9.45 -17.71 -17.89
N SER D 171 -9.75 -18.44 -16.83
CA SER D 171 -10.96 -18.18 -16.09
C SER D 171 -10.90 -16.81 -15.42
N ALA D 172 -9.73 -16.46 -14.93
CA ALA D 172 -9.56 -15.18 -14.24
C ALA D 172 -9.86 -14.00 -15.19
N ILE D 173 -9.40 -14.13 -16.42
CA ILE D 173 -9.57 -13.08 -17.41
C ILE D 173 -11.03 -12.93 -17.86
N ARG D 174 -11.69 -14.07 -18.13
CA ARG D 174 -13.08 -14.07 -18.59
C ARG D 174 -14.07 -13.72 -17.49
N ASP D 175 -13.57 -13.70 -16.26
CA ASP D 175 -14.38 -13.35 -15.12
C ASP D 175 -14.47 -11.83 -15.01
N ASN D 176 -15.69 -11.33 -14.88
CA ASN D 176 -15.95 -9.90 -14.87
C ASN D 176 -15.65 -9.22 -13.54
N ASN D 177 -14.80 -9.85 -12.73
CA ASN D 177 -14.49 -9.34 -11.41
C ASN D 177 -13.00 -9.31 -11.15
N PRO D 178 -12.56 -8.62 -10.08
CA PRO D 178 -11.13 -8.62 -9.78
C PRO D 178 -10.68 -9.99 -9.32
N VAL D 179 -9.74 -10.57 -10.06
CA VAL D 179 -9.18 -11.86 -9.69
C VAL D 179 -7.68 -11.74 -9.44
N VAL D 180 -7.23 -12.19 -8.28
CA VAL D 180 -5.82 -12.19 -7.95
C VAL D 180 -5.25 -13.57 -8.24
N VAL D 181 -4.30 -13.64 -9.15
CA VAL D 181 -3.66 -14.90 -9.51
C VAL D 181 -2.26 -15.00 -8.91
N LEU D 182 -2.17 -15.70 -7.78
CA LEU D 182 -0.90 -15.91 -7.10
C LEU D 182 -0.15 -17.05 -7.75
N GLU D 183 0.87 -16.72 -8.54
CA GLU D 183 1.66 -17.72 -9.24
C GLU D 183 2.85 -18.14 -8.39
N ASN D 184 3.79 -18.90 -8.98
CA ASN D 184 4.96 -19.34 -8.23
C ASN D 184 6.24 -19.45 -9.08
N GLU D 185 7.28 -18.73 -8.66
CA GLU D 185 8.54 -18.62 -9.41
C GLU D 185 9.25 -19.96 -9.63
N LEU D 186 9.36 -20.76 -8.57
CA LEU D 186 10.01 -22.06 -8.66
C LEU D 186 9.25 -23.04 -9.54
N MET D 187 7.95 -22.79 -9.74
CA MET D 187 7.13 -23.68 -10.56
C MET D 187 7.21 -23.37 -12.05
N TYR D 188 7.62 -22.15 -12.38
CA TYR D 188 7.68 -21.70 -13.77
C TYR D 188 8.41 -22.69 -14.69
N GLY D 189 9.55 -23.19 -14.24
CA GLY D 189 10.38 -24.05 -15.07
C GLY D 189 9.98 -25.51 -15.10
N VAL D 190 9.09 -25.91 -14.21
CA VAL D 190 8.71 -27.32 -14.11
C VAL D 190 7.71 -27.74 -15.20
N PRO D 191 8.05 -28.80 -15.95
CA PRO D 191 7.19 -29.33 -17.01
C PRO D 191 6.16 -30.35 -16.55
N PHE D 192 5.03 -30.41 -17.24
CA PHE D 192 4.01 -31.40 -16.95
C PHE D 192 3.40 -31.93 -18.25
N GLU D 193 2.93 -33.17 -18.22
CA GLU D 193 2.25 -33.76 -19.37
C GLU D 193 0.98 -32.98 -19.65
N PHE D 194 0.95 -32.29 -20.79
CA PHE D 194 -0.16 -31.45 -21.18
C PHE D 194 -1.14 -32.21 -22.06
N PRO D 195 -2.25 -32.70 -21.49
CA PRO D 195 -3.21 -33.48 -22.26
C PRO D 195 -3.86 -32.62 -23.35
N PRO D 196 -4.40 -33.24 -24.42
CA PRO D 196 -5.00 -32.48 -25.52
C PRO D 196 -6.08 -31.52 -25.05
N GLU D 197 -6.77 -31.84 -23.96
CA GLU D 197 -7.86 -31.01 -23.48
C GLU D 197 -7.32 -29.68 -22.98
N ALA D 198 -6.12 -29.70 -22.41
CA ALA D 198 -5.48 -28.48 -21.93
C ALA D 198 -4.81 -27.70 -23.06
N GLN D 199 -4.54 -28.39 -24.18
CA GLN D 199 -3.93 -27.72 -25.33
C GLN D 199 -4.95 -26.84 -26.05
N SER D 200 -6.21 -27.17 -25.90
CA SER D 200 -7.31 -26.43 -26.49
C SER D 200 -7.35 -24.96 -26.03
N LYS D 201 -7.71 -24.07 -26.95
CA LYS D 201 -7.83 -22.65 -26.61
C LYS D 201 -9.09 -22.42 -25.75
N ASP D 202 -9.94 -23.45 -25.66
CA ASP D 202 -11.18 -23.38 -24.89
C ASP D 202 -11.10 -24.03 -23.49
N PHE D 203 -9.89 -24.33 -23.05
CA PHE D 203 -9.65 -24.96 -21.74
C PHE D 203 -9.83 -24.02 -20.56
N LEU D 204 -10.81 -24.29 -19.70
CA LEU D 204 -11.05 -23.44 -18.53
C LEU D 204 -11.09 -24.27 -17.25
N ILE D 205 -10.69 -23.65 -16.14
CA ILE D 205 -10.85 -24.28 -14.84
C ILE D 205 -11.71 -23.38 -13.96
N PRO D 206 -12.90 -23.87 -13.58
CA PRO D 206 -13.84 -23.05 -12.82
C PRO D 206 -13.23 -22.57 -11.50
N ILE D 207 -13.29 -21.26 -11.28
CA ILE D 207 -12.83 -20.68 -10.03
C ILE D 207 -13.73 -21.09 -8.87
N GLY D 208 -13.16 -21.78 -7.90
CA GLY D 208 -13.91 -22.17 -6.72
C GLY D 208 -14.08 -23.66 -6.54
N LYS D 209 -13.44 -24.44 -7.41
CA LYS D 209 -13.54 -25.88 -7.35
C LYS D 209 -12.18 -26.51 -7.06
N ALA D 210 -12.10 -27.32 -6.00
CA ALA D 210 -10.85 -27.98 -5.64
C ALA D 210 -10.62 -29.21 -6.51
N LYS D 211 -9.39 -29.76 -6.45
CA LYS D 211 -9.06 -30.94 -7.23
C LYS D 211 -8.33 -32.01 -6.44
N ILE D 212 -8.79 -33.24 -6.55
CA ILE D 212 -8.14 -34.35 -5.90
C ILE D 212 -7.04 -34.89 -6.80
N GLU D 213 -5.80 -34.68 -6.39
CA GLU D 213 -4.63 -35.11 -7.16
C GLU D 213 -4.28 -36.58 -6.93
N ARG D 214 -4.78 -37.14 -5.84
CA ARG D 214 -4.48 -38.53 -5.48
C ARG D 214 -5.58 -39.10 -4.58
N GLN D 215 -6.18 -40.21 -4.99
CA GLN D 215 -7.16 -40.90 -4.16
C GLN D 215 -6.49 -41.52 -2.93
N GLY D 216 -7.20 -41.54 -1.81
CA GLY D 216 -6.68 -42.13 -0.58
C GLY D 216 -7.77 -42.40 0.44
N THR D 217 -7.45 -43.23 1.44
CA THR D 217 -8.45 -43.63 2.43
C THR D 217 -8.02 -43.37 3.87
N HIS D 218 -6.73 -43.11 4.08
CA HIS D 218 -6.23 -42.99 5.44
C HIS D 218 -6.21 -41.57 5.99
N ILE D 219 -5.93 -40.60 5.13
CA ILE D 219 -5.83 -39.21 5.58
C ILE D 219 -6.03 -38.20 4.44
N THR D 220 -6.66 -37.08 4.74
CA THR D 220 -6.85 -36.01 3.77
C THR D 220 -5.76 -34.96 3.94
N VAL D 221 -5.00 -34.73 2.87
CA VAL D 221 -3.94 -33.73 2.89
C VAL D 221 -4.28 -32.60 1.90
N VAL D 222 -4.62 -31.44 2.45
CA VAL D 222 -5.03 -30.30 1.63
C VAL D 222 -3.88 -29.29 1.46
N SER D 223 -3.72 -28.75 0.27
CA SER D 223 -2.66 -27.77 0.03
C SER D 223 -2.95 -26.88 -1.16
N HIS D 224 -2.07 -25.92 -1.41
CA HIS D 224 -2.17 -25.07 -2.59
C HIS D 224 -0.80 -24.64 -3.10
N SER D 225 -0.72 -24.33 -4.39
CA SER D 225 0.53 -23.87 -5.01
C SER D 225 1.62 -24.93 -4.90
N ARG D 226 2.87 -24.48 -4.87
CA ARG D 226 4.02 -25.39 -4.89
C ARG D 226 4.04 -26.58 -3.93
N PRO D 227 3.73 -26.37 -2.63
CA PRO D 227 3.79 -27.52 -1.71
C PRO D 227 2.83 -28.68 -2.04
N VAL D 228 1.93 -28.49 -2.99
CA VAL D 228 1.10 -29.58 -3.48
C VAL D 228 2.01 -30.69 -3.99
N GLY D 229 3.02 -30.30 -4.77
CA GLY D 229 4.00 -31.25 -5.27
C GLY D 229 4.72 -31.96 -4.15
N HIS D 230 4.94 -31.28 -3.04
CA HIS D 230 5.61 -31.86 -1.89
C HIS D 230 4.71 -32.86 -1.16
N CYS D 231 3.41 -32.57 -1.15
CA CYS D 231 2.43 -33.48 -0.56
C CYS D 231 2.37 -34.79 -1.34
N LEU D 232 2.51 -34.69 -2.66
CA LEU D 232 2.49 -35.86 -3.52
C LEU D 232 3.73 -36.73 -3.32
N GLU D 233 4.85 -36.09 -2.97
CA GLU D 233 6.07 -36.81 -2.64
C GLU D 233 5.89 -37.57 -1.34
N ALA D 234 5.31 -36.87 -0.36
CA ALA D 234 5.05 -37.44 0.95
C ALA D 234 4.12 -38.66 0.86
N ALA D 235 3.09 -38.55 0.02
CA ALA D 235 2.19 -39.67 -0.22
C ALA D 235 2.91 -40.86 -0.87
N ALA D 236 3.89 -40.59 -1.71
CA ALA D 236 4.64 -41.65 -2.39
C ALA D 236 5.45 -42.48 -1.39
N VAL D 237 6.08 -41.81 -0.43
CA VAL D 237 6.83 -42.50 0.63
C VAL D 237 5.88 -43.29 1.54
N LEU D 238 4.82 -42.63 2.00
CA LEU D 238 3.85 -43.23 2.90
C LEU D 238 3.11 -44.40 2.29
N SER D 239 2.96 -44.37 0.97
CA SER D 239 2.29 -45.45 0.26
C SER D 239 3.04 -46.77 0.44
N LYS D 240 4.36 -46.68 0.56
CA LYS D 240 5.20 -47.85 0.75
C LYS D 240 5.13 -48.40 2.17
N GLU D 241 4.55 -47.62 3.08
CA GLU D 241 4.44 -48.09 4.46
C GLU D 241 3.01 -48.49 4.79
N GLY D 242 2.16 -48.49 3.76
CA GLY D 242 0.79 -48.96 3.93
C GLY D 242 -0.23 -47.85 4.10
N VAL D 243 0.26 -46.62 4.20
CA VAL D 243 -0.60 -45.45 4.36
C VAL D 243 -0.95 -44.80 3.03
N GLU D 244 -2.24 -44.64 2.76
CA GLU D 244 -2.70 -44.05 1.50
C GLU D 244 -3.34 -42.68 1.71
N CYS D 245 -2.68 -41.62 1.23
CA CYS D 245 -3.12 -40.25 1.43
C CYS D 245 -4.00 -39.75 0.30
N GLU D 246 -5.07 -39.05 0.64
CA GLU D 246 -5.87 -38.35 -0.36
C GLU D 246 -5.44 -36.89 -0.45
N VAL D 247 -4.71 -36.54 -1.52
CA VAL D 247 -4.12 -35.22 -1.66
C VAL D 247 -5.01 -34.23 -2.40
N ILE D 248 -5.35 -33.12 -1.77
CA ILE D 248 -6.21 -32.13 -2.40
C ILE D 248 -5.51 -30.81 -2.75
N ASN D 249 -5.57 -30.48 -4.03
CA ASN D 249 -5.08 -29.22 -4.57
C ASN D 249 -6.23 -28.22 -4.56
N MET D 250 -6.12 -27.20 -3.70
CA MET D 250 -7.18 -26.21 -3.55
C MET D 250 -7.52 -25.51 -4.86
N ARG D 251 -6.49 -25.08 -5.58
CA ARG D 251 -6.62 -24.25 -6.78
C ARG D 251 -7.12 -22.84 -6.45
N THR D 252 -8.29 -22.76 -5.81
CA THR D 252 -8.88 -21.48 -5.43
C THR D 252 -8.74 -21.20 -3.93
N ILE D 253 -8.35 -19.99 -3.58
CA ILE D 253 -8.24 -19.60 -2.19
C ILE D 253 -9.54 -18.97 -1.71
N ARG D 254 -10.16 -18.19 -2.59
CA ARG D 254 -11.45 -17.59 -2.29
C ARG D 254 -12.27 -17.44 -3.57
N PRO D 255 -13.49 -17.98 -3.58
CA PRO D 255 -14.13 -18.76 -2.51
C PRO D 255 -13.69 -20.20 -2.50
N MET D 256 -13.07 -20.64 -1.41
CA MET D 256 -12.51 -22.00 -1.37
C MET D 256 -13.59 -23.08 -1.41
N ASP D 257 -13.18 -24.29 -1.80
CA ASP D 257 -14.07 -25.41 -2.01
C ASP D 257 -14.09 -26.34 -0.80
N MET D 258 -14.83 -25.95 0.22
CA MET D 258 -14.90 -26.71 1.46
C MET D 258 -15.64 -28.04 1.32
N GLU D 259 -16.63 -28.07 0.45
CA GLU D 259 -17.43 -29.28 0.22
C GLU D 259 -16.54 -30.46 -0.14
N THR D 260 -15.58 -30.24 -1.03
CA THR D 260 -14.67 -31.29 -1.46
C THR D 260 -13.85 -31.82 -0.29
N ILE D 261 -13.27 -30.89 0.47
CA ILE D 261 -12.50 -31.24 1.66
C ILE D 261 -13.37 -32.01 2.66
N GLU D 262 -14.58 -31.51 2.89
CA GLU D 262 -15.51 -32.15 3.82
C GLU D 262 -15.80 -33.59 3.43
N ALA D 263 -16.23 -33.80 2.18
CA ALA D 263 -16.48 -35.14 1.66
C ALA D 263 -15.27 -36.06 1.87
N SER D 264 -14.07 -35.53 1.63
CA SER D 264 -12.86 -36.30 1.81
C SER D 264 -12.62 -36.66 3.28
N VAL D 265 -12.78 -35.67 4.16
CA VAL D 265 -12.56 -35.86 5.59
C VAL D 265 -13.59 -36.84 6.18
N MET D 266 -14.80 -36.84 5.62
CA MET D 266 -15.81 -37.79 6.04
C MET D 266 -15.33 -39.22 5.76
N LYS D 267 -14.56 -39.37 4.69
CA LYS D 267 -14.03 -40.68 4.32
C LYS D 267 -12.79 -41.05 5.11
N THR D 268 -11.82 -40.14 5.18
CA THR D 268 -10.54 -40.46 5.78
C THR D 268 -10.47 -40.26 7.29
N ASN D 269 -11.36 -39.44 7.83
CA ASN D 269 -11.42 -39.17 9.27
C ASN D 269 -10.20 -38.46 9.85
N HIS D 270 -9.32 -37.97 9.00
CA HIS D 270 -8.12 -37.27 9.43
C HIS D 270 -7.81 -36.14 8.45
N LEU D 271 -7.12 -35.10 8.92
CA LEU D 271 -6.86 -33.94 8.07
C LEU D 271 -5.54 -33.25 8.39
N VAL D 272 -4.80 -32.87 7.35
CA VAL D 272 -3.59 -32.09 7.51
C VAL D 272 -3.50 -31.05 6.38
N THR D 273 -3.40 -29.77 6.75
CA THR D 273 -3.26 -28.71 5.75
C THR D 273 -1.79 -28.32 5.53
N VAL D 274 -1.45 -27.99 4.30
CA VAL D 274 -0.06 -27.62 3.95
C VAL D 274 0.01 -26.34 3.10
N GLU D 275 0.69 -25.33 3.63
CA GLU D 275 0.86 -24.05 2.93
C GLU D 275 2.28 -23.53 3.11
N GLY D 276 2.71 -22.65 2.23
CA GLY D 276 4.04 -22.09 2.27
C GLY D 276 4.13 -20.84 3.13
N GLY D 277 3.02 -20.13 3.22
CA GLY D 277 2.96 -18.87 3.93
C GLY D 277 3.10 -18.98 5.44
N TRP D 278 3.04 -17.82 6.10
CA TRP D 278 3.12 -17.75 7.55
C TRP D 278 1.94 -18.50 8.17
N PRO D 279 2.13 -19.04 9.38
CA PRO D 279 1.09 -19.86 10.01
C PRO D 279 -0.10 -19.07 10.57
N GLN D 280 0.18 -18.04 11.37
CA GLN D 280 -0.86 -17.30 12.07
C GLN D 280 -1.81 -16.53 11.15
N PHE D 281 -3.08 -16.89 11.20
CA PHE D 281 -4.14 -16.31 10.37
C PHE D 281 -3.95 -16.66 8.91
N GLY D 282 -3.35 -17.83 8.66
CA GLY D 282 -3.04 -18.25 7.29
C GLY D 282 -4.14 -19.10 6.67
N VAL D 283 -3.86 -19.66 5.50
CA VAL D 283 -4.82 -20.48 4.79
C VAL D 283 -5.27 -21.69 5.60
N GLY D 284 -4.31 -22.33 6.27
CA GLY D 284 -4.58 -23.49 7.10
C GLY D 284 -5.52 -23.18 8.25
N ALA D 285 -5.39 -21.99 8.82
CA ALA D 285 -6.20 -21.59 9.95
C ALA D 285 -7.68 -21.61 9.59
N GLU D 286 -8.00 -21.08 8.41
CA GLU D 286 -9.37 -21.03 7.94
C GLU D 286 -9.94 -22.40 7.69
N ILE D 287 -9.17 -23.24 7.00
CA ILE D 287 -9.60 -24.61 6.72
C ILE D 287 -9.95 -25.35 8.00
N CYS D 288 -9.10 -25.21 9.01
CA CYS D 288 -9.32 -25.87 10.30
C CYS D 288 -10.56 -25.34 11.01
N ALA D 289 -10.76 -24.02 10.94
CA ALA D 289 -11.94 -23.42 11.54
C ALA D 289 -13.21 -23.90 10.83
N ARG D 290 -13.14 -24.00 9.51
CA ARG D 290 -14.28 -24.41 8.70
C ARG D 290 -14.63 -25.87 8.97
N ILE D 291 -13.60 -26.66 9.26
CA ILE D 291 -13.80 -28.07 9.56
C ILE D 291 -14.54 -28.22 10.87
N MET D 292 -14.16 -27.41 11.85
CA MET D 292 -14.79 -27.42 13.16
C MET D 292 -16.24 -26.96 13.13
N GLU D 293 -16.53 -25.93 12.36
CA GLU D 293 -17.87 -25.38 12.26
C GLU D 293 -18.78 -26.20 11.36
N GLY D 294 -18.17 -27.06 10.52
CA GLY D 294 -18.92 -27.77 9.51
C GLY D 294 -19.45 -29.13 9.90
N PRO D 295 -20.16 -29.78 8.96
CA PRO D 295 -20.77 -31.07 9.24
C PRO D 295 -19.74 -32.20 9.32
N ALA D 296 -18.49 -31.93 8.97
CA ALA D 296 -17.45 -32.95 8.97
C ALA D 296 -16.68 -33.07 10.29
N PHE D 297 -16.90 -32.15 11.21
CA PHE D 297 -16.18 -32.17 12.49
C PHE D 297 -16.34 -33.48 13.26
N ASN D 298 -17.55 -34.03 13.24
CA ASN D 298 -17.83 -35.29 13.93
C ASN D 298 -17.12 -36.50 13.31
N PHE D 299 -16.59 -36.33 12.10
CA PHE D 299 -15.95 -37.42 11.39
C PHE D 299 -14.44 -37.48 11.62
N LEU D 300 -13.92 -36.56 12.42
CA LEU D 300 -12.49 -36.54 12.78
C LEU D 300 -12.17 -37.51 13.91
N ASP D 301 -11.18 -38.37 13.70
CA ASP D 301 -10.75 -39.27 14.79
C ASP D 301 -9.54 -38.67 15.49
N ALA D 302 -9.05 -37.57 14.95
CA ALA D 302 -7.93 -36.86 15.54
C ALA D 302 -8.02 -35.41 15.08
N PRO D 303 -7.51 -34.48 15.91
CA PRO D 303 -7.52 -33.06 15.55
C PRO D 303 -6.75 -32.77 14.26
N ALA D 304 -7.24 -31.82 13.47
CA ALA D 304 -6.56 -31.42 12.24
C ALA D 304 -5.36 -30.53 12.54
N VAL D 305 -4.25 -30.79 11.88
CA VAL D 305 -3.03 -30.00 12.14
C VAL D 305 -2.48 -29.30 10.90
N ARG D 306 -1.67 -28.26 11.13
CA ARG D 306 -1.20 -27.40 10.05
C ARG D 306 0.30 -27.52 9.78
N VAL D 307 0.65 -27.66 8.50
CA VAL D 307 2.05 -27.57 8.09
C VAL D 307 2.23 -26.27 7.31
N THR D 308 3.05 -25.36 7.84
CA THR D 308 3.24 -24.05 7.22
C THR D 308 4.71 -23.65 7.19
N GLY D 309 5.00 -22.48 6.63
CA GLY D 309 6.33 -21.92 6.72
C GLY D 309 6.58 -21.48 8.15
N ALA D 310 7.85 -21.37 8.53
CA ALA D 310 8.22 -20.95 9.86
C ALA D 310 7.74 -19.52 10.17
N ASP D 311 7.49 -19.26 11.44
CA ASP D 311 6.94 -17.98 11.87
C ASP D 311 8.02 -16.90 11.95
N VAL D 312 8.77 -16.73 10.86
CA VAL D 312 9.87 -15.78 10.81
C VAL D 312 9.95 -15.10 9.44
N PRO D 313 10.53 -13.89 9.40
CA PRO D 313 10.85 -13.31 8.09
C PRO D 313 11.85 -14.21 7.39
N MET D 314 11.79 -14.28 6.07
CA MET D 314 12.64 -15.22 5.35
C MET D 314 14.13 -14.89 5.45
N PRO D 315 14.92 -15.80 6.03
CA PRO D 315 16.38 -15.65 6.15
C PRO D 315 17.05 -15.94 4.82
N TYR D 316 18.24 -15.40 4.59
CA TYR D 316 18.94 -15.62 3.33
C TYR D 316 19.59 -17.00 3.25
N ALA D 317 20.47 -17.30 4.20
CA ALA D 317 21.27 -18.53 4.22
C ALA D 317 20.50 -19.82 3.91
N LYS D 318 21.12 -20.68 3.10
CA LYS D 318 20.51 -21.93 2.61
C LYS D 318 19.93 -22.82 3.71
N ILE D 319 20.76 -23.19 4.70
CA ILE D 319 20.30 -24.09 5.75
C ILE D 319 19.12 -23.53 6.54
N LEU D 320 19.05 -22.20 6.64
CA LEU D 320 17.97 -21.56 7.38
C LEU D 320 16.71 -21.50 6.53
N GLU D 321 16.86 -21.13 5.27
CA GLU D 321 15.72 -21.04 4.36
C GLU D 321 15.04 -22.39 4.16
N ASP D 322 15.84 -23.46 4.13
CA ASP D 322 15.29 -24.80 3.96
C ASP D 322 14.38 -25.18 5.12
N ASN D 323 14.71 -24.70 6.32
CA ASN D 323 13.92 -25.02 7.50
C ASN D 323 12.86 -23.97 7.82
N SER D 324 12.67 -23.02 6.91
CA SER D 324 11.65 -22.00 7.07
C SER D 324 10.50 -22.28 6.12
N ILE D 325 10.66 -23.34 5.34
CA ILE D 325 9.70 -23.75 4.34
C ILE D 325 9.32 -25.20 4.59
N PRO D 326 8.04 -25.55 4.38
CA PRO D 326 7.59 -26.94 4.58
C PRO D 326 8.39 -27.93 3.72
N GLN D 327 9.04 -28.89 4.36
CA GLN D 327 9.75 -29.94 3.64
C GLN D 327 8.96 -31.24 3.66
N VAL D 328 9.28 -32.13 2.72
CA VAL D 328 8.64 -33.44 2.63
C VAL D 328 8.62 -34.16 3.98
N LYS D 329 9.75 -34.11 4.70
CA LYS D 329 9.85 -34.79 5.98
C LYS D 329 8.91 -34.18 7.02
N ASP D 330 8.63 -32.89 6.88
CA ASP D 330 7.74 -32.18 7.79
C ASP D 330 6.28 -32.59 7.57
N ILE D 331 5.92 -32.83 6.32
CA ILE D 331 4.59 -33.32 5.99
C ILE D 331 4.40 -34.75 6.47
N ILE D 332 5.42 -35.59 6.30
CA ILE D 332 5.34 -36.96 6.75
C ILE D 332 5.24 -37.04 8.29
N PHE D 333 6.05 -36.24 8.96
CA PHE D 333 6.05 -36.23 10.42
C PHE D 333 4.68 -35.85 10.96
N ALA D 334 4.08 -34.81 10.37
CA ALA D 334 2.78 -34.33 10.83
C ALA D 334 1.68 -35.36 10.57
N ILE D 335 1.77 -36.02 9.43
CA ILE D 335 0.82 -37.07 9.07
C ILE D 335 0.89 -38.23 10.06
N LYS D 336 2.11 -38.57 10.46
CA LYS D 336 2.30 -39.67 11.41
C LYS D 336 1.82 -39.34 12.84
N LYS D 337 1.91 -38.08 13.25
CA LYS D 337 1.39 -37.69 14.55
C LYS D 337 -0.14 -37.78 14.54
N THR D 338 -0.74 -37.38 13.43
CA THR D 338 -2.20 -37.37 13.28
C THR D 338 -2.76 -38.79 13.25
N LEU D 339 -2.06 -39.69 12.55
CA LEU D 339 -2.50 -41.09 12.47
C LEU D 339 -2.00 -41.88 13.67
N ASN D 340 -1.16 -41.23 14.49
CA ASN D 340 -0.54 -41.85 15.65
C ASN D 340 0.21 -43.14 15.32
N ILE D 341 1.05 -43.06 14.29
CA ILE D 341 1.92 -44.17 13.91
C ILE D 341 3.36 -43.68 13.82
O22 A5X E . 19.62 -0.78 -10.21
P2 A5X E . 19.39 0.71 -10.45
O23 A5X E . 19.56 1.01 -11.92
O21 A5X E . 20.46 1.48 -9.69
O11 A5X E . 17.96 1.10 -9.92
P1 A5X E . 16.80 1.68 -10.76
O12 A5X E . 17.23 2.62 -11.93
O13 A5X E . 15.92 2.48 -9.82
O5G A5X E . 15.92 0.53 -11.28
C5B A5X E . 15.23 -0.28 -10.41
C5A A5X E . 14.60 -1.61 -10.97
C5 A5X E . 14.15 -2.73 -10.06
C4 A5X E . 12.83 -3.27 -9.92
C4A A5X E . 11.69 -2.68 -10.74
S1 A5X E . 15.12 -3.63 -9.00
C2 A5X E . 13.93 -4.68 -8.37
C2B A5X E . 14.36 -5.65 -7.41
P3 A5X E . 14.90 -7.27 -8.14
O32 A5X E . 16.18 -7.14 -9.10
O31 A5X E . 13.72 -8.00 -8.91
C22 A5X E . 15.10 -5.14 -6.20
O24 A5X E . 13.23 -6.20 -6.78
N3 A5X E . 12.72 -4.33 -8.99
C35 A5X E . 11.38 -4.94 -8.76
C5' A5X E . 10.53 -4.02 -7.88
C6' A5X E . 9.41 -3.38 -8.39
N1' A5X E . 8.68 -2.55 -7.60
C2' A5X E . 9.01 -2.33 -6.31
C2A A5X E . 8.16 -1.40 -5.43
N3' A5X E . 10.09 -2.94 -5.79
C4' A5X E . 10.86 -3.76 -6.52
N4' A5X E . 11.99 -4.36 -5.89
MG MG F . 18.71 2.54 -12.87
O22 A5X G . -12.48 17.99 0.81
P2 A5X G . -11.69 18.72 -0.27
O23 A5X G . -11.25 20.07 0.28
O21 A5X G . -12.57 18.94 -1.48
O11 A5X G . -10.46 17.83 -0.70
P1 A5X G . -9.00 17.95 -0.20
O12 A5X G . -8.44 19.38 -0.31
O13 A5X G . -8.14 17.04 -1.04
O5G A5X G . -8.91 17.43 1.27
C5B A5X G . -8.92 16.09 1.59
C5A A5X G . -8.99 15.72 3.11
C5 A5X G . -9.52 14.36 3.56
C4 A5X G . -8.83 13.37 4.33
C4A A5X G . -7.39 13.63 4.77
S1 A5X G . -11.06 13.71 3.26
C2 A5X G . -10.88 12.21 4.07
C2B A5X G . -11.98 11.31 4.10
P3 A5X G . -12.98 11.48 5.64
O32 A5X G . -13.49 12.98 5.84
O31 A5X G . -12.15 11.06 6.93
C22 A5X G . -12.71 11.03 2.80
O24 A5X G . -11.53 10.00 4.34
N3 A5X G . -9.56 12.19 4.60
C35 A5X G . -8.96 11.09 5.37
C5' A5X G . -7.98 10.31 4.47
C6' A5X G . -6.62 10.35 4.71
N1' A5X G . -5.77 9.68 3.90
C2' A5X G . -6.22 8.94 2.86
C2A A5X G . -5.23 8.18 1.97
N3' A5X G . -7.54 8.87 2.60
C4' A5X G . -8.43 9.52 3.35
N4' A5X G . -9.82 9.40 3.01
MG MG H . -9.41 20.83 -0.49
#